data_6WRI
# 
_entry.id   6WRI 
# 
_audit_conform.dict_name       mmcif_pdbx.dic 
_audit_conform.dict_version    5.380 
_audit_conform.dict_location   http://mmcif.pdb.org/dictionaries/ascii/mmcif_pdbx.dic 
# 
loop_
_database_2.database_id 
_database_2.database_code 
_database_2.pdbx_database_accession 
_database_2.pdbx_DOI 
PDB   6WRI         pdb_00006wri 10.2210/pdb6wri/pdb 
WWPDB D_1000248861 ?            ?                   
# 
_pdbx_database_status.status_code                     REL 
_pdbx_database_status.status_code_sf                  REL 
_pdbx_database_status.status_code_mr                  ? 
_pdbx_database_status.entry_id                        6WRI 
_pdbx_database_status.recvd_initial_deposition_date   2020-04-29 
_pdbx_database_status.SG_entry                        N 
_pdbx_database_status.deposit_site                    RCSB 
_pdbx_database_status.process_site                    RCSB 
_pdbx_database_status.status_code_cs                  ? 
_pdbx_database_status.status_code_nmr_data            ? 
_pdbx_database_status.methods_development_category    ? 
_pdbx_database_status.pdb_format_compatible           Y 
# 
loop_
_audit_author.name 
_audit_author.pdbx_ordinal 
_audit_author.identifier_ORCID 
'Simmons, C.R.'      1 0000-0002-2290-6132 
'MacCulloch, T.'     2 0000-0001-5875-3361 
'Stephanopoulos, N.' 3 0000-0001-7859-410X 
'Yan, H.'            4 0000-0001-7397-9852 
# 
_citation.abstract                  ? 
_citation.abstract_id_CAS           ? 
_citation.book_id_ISBN              ? 
_citation.book_publisher            ? 
_citation.book_publisher_city       ? 
_citation.book_title                ? 
_citation.coordinate_linkage        ? 
_citation.country                   UK 
_citation.database_id_Medline       ? 
_citation.details                   ? 
_citation.id                        primary 
_citation.journal_abbrev            'Nat Commun' 
_citation.journal_id_ASTM           ? 
_citation.journal_id_CSD            ? 
_citation.journal_id_ISSN           2041-1723 
_citation.journal_full              ? 
_citation.journal_issue             ? 
_citation.journal_volume            13 
_citation.language                  ? 
_citation.page_first                3112 
_citation.page_last                 3112 
_citation.title                     'The influence of Holliday junction sequence and dynamics on DNA crystal self-assembly.' 
_citation.year                      2022 
_citation.database_id_CSD           ? 
_citation.pdbx_database_id_DOI      10.1038/s41467-022-30779-6 
_citation.pdbx_database_id_PubMed   35662248 
_citation.unpublished_flag          ? 
# 
loop_
_citation_author.citation_id 
_citation_author.name 
_citation_author.ordinal 
_citation_author.identifier_ORCID 
primary 'Simmons, C.R.'      1  ?                   
primary 'MacCulloch, T.'     2  ?                   
primary 'Krepl, M.'          3  0000-0002-9833-4281 
primary 'Matthies, M.'       4  ?                   
primary 'Buchberger, A.'     5  ?                   
primary 'Crawford, I.'       6  ?                   
primary 'Sponer, J.'         7  0000-0001-6558-6186 
primary 'Sulc, P.'           8  0000-0003-1565-6769 
primary 'Stephanopoulos, N.' 9  0000-0001-7859-410X 
primary 'Yan, H.'            10 0000-0001-7397-9852 
# 
_cell.angle_alpha                  90.000 
_cell.angle_alpha_esd              ? 
_cell.angle_beta                   90.000 
_cell.angle_beta_esd               ? 
_cell.angle_gamma                  120.000 
_cell.angle_gamma_esd              ? 
_cell.entry_id                     6WRI 
_cell.details                      ? 
_cell.formula_units_Z              ? 
_cell.length_a                     68.962 
_cell.length_a_esd                 ? 
_cell.length_b                     68.962 
_cell.length_b_esd                 ? 
_cell.length_c                     60.585 
_cell.length_c_esd                 ? 
_cell.volume                       ? 
_cell.volume_esd                   ? 
_cell.Z_PDB                        3 
_cell.reciprocal_angle_alpha       ? 
_cell.reciprocal_angle_beta        ? 
_cell.reciprocal_angle_gamma       ? 
_cell.reciprocal_angle_alpha_esd   ? 
_cell.reciprocal_angle_beta_esd    ? 
_cell.reciprocal_angle_gamma_esd   ? 
_cell.reciprocal_length_a          ? 
_cell.reciprocal_length_b          ? 
_cell.reciprocal_length_c          ? 
_cell.reciprocal_length_a_esd      ? 
_cell.reciprocal_length_b_esd      ? 
_cell.reciprocal_length_c_esd      ? 
_cell.pdbx_unique_axis             ? 
# 
_symmetry.entry_id                         6WRI 
_symmetry.cell_setting                     ? 
_symmetry.Int_Tables_number                145 
_symmetry.space_group_name_Hall            ? 
_symmetry.space_group_name_H-M             'P 32' 
_symmetry.pdbx_full_space_group_name_H-M   ? 
# 
loop_
_entity.id 
_entity.type 
_entity.src_method 
_entity.pdbx_description 
_entity.formula_weight 
_entity.pdbx_number_of_molecules 
_entity.pdbx_ec 
_entity.pdbx_mutation 
_entity.pdbx_fragment 
_entity.details 
1 polymer     syn 
;DNA (5'-D(*GP*AP*GP*CP*AP*GP*AP*CP*AP*TP*GP*AP*CP*TP*CP*CP*AP*CP*TP*CP*A)-3')
;
6401.163 1 ? ? ? ? 
2 polymer     syn 
;DNA (5'-D(P*AP*GP*TP*CP*A)-3')
;
1504.037 1 ? ? ? ? 
3 polymer     syn 
;DNA (5'-D(*TP*CP*TP*GP*AP*GP*TP*GP*G)-3')
;
2786.833 1 ? ? ? ? 
4 polymer     syn 
;DNA (5'-D(P*TP*GP*TP*CP*TP*GP*C)-3')
;
2104.396 1 ? ? ? ? 
5 non-polymer syn 'CACODYLATE ION'                                                                136.989  2 ? ? ? ? 
# 
loop_
_entity_poly.entity_id 
_entity_poly.type 
_entity_poly.nstd_linkage 
_entity_poly.nstd_monomer 
_entity_poly.pdbx_seq_one_letter_code 
_entity_poly.pdbx_seq_one_letter_code_can 
_entity_poly.pdbx_strand_id 
_entity_poly.pdbx_target_identifier 
1 polydeoxyribonucleotide no no 
;(DG)(DA)(DG)(DC)(DA)(DG)(DA)(DC)(DA)(DT)(DG)(DA)(DC)(DT)(DC)(DC)(DA)(DC)(DT)(DC)
(DA)
;
GAGCAGACATGACTCCACTCA A ? 
2 polydeoxyribonucleotide no no '(DA)(DG)(DT)(DC)(DA)'                                                                  AGTCA B ? 
3 polydeoxyribonucleotide no no '(DT)(DC)(DT)(DG)(DA)(DG)(DT)(DG)(DG)'                                                  TCTGAGTGG 
C ? 
4 polydeoxyribonucleotide no no '(DT)(DG)(DT)(DC)(DT)(DG)(DC)'                                                          TGTCTGC D 
? 
# 
loop_
_entity_poly_seq.entity_id 
_entity_poly_seq.num 
_entity_poly_seq.mon_id 
_entity_poly_seq.hetero 
1 1  DG n 
1 2  DA n 
1 3  DG n 
1 4  DC n 
1 5  DA n 
1 6  DG n 
1 7  DA n 
1 8  DC n 
1 9  DA n 
1 10 DT n 
1 11 DG n 
1 12 DA n 
1 13 DC n 
1 14 DT n 
1 15 DC n 
1 16 DC n 
1 17 DA n 
1 18 DC n 
1 19 DT n 
1 20 DC n 
1 21 DA n 
2 1  DA n 
2 2  DG n 
2 3  DT n 
2 4  DC n 
2 5  DA n 
3 1  DT n 
3 2  DC n 
3 3  DT n 
3 4  DG n 
3 5  DA n 
3 6  DG n 
3 7  DT n 
3 8  DG n 
3 9  DG n 
4 1  DT n 
4 2  DG n 
4 3  DT n 
4 4  DC n 
4 5  DT n 
4 6  DG n 
4 7  DC n 
# 
loop_
_pdbx_entity_src_syn.entity_id 
_pdbx_entity_src_syn.pdbx_src_id 
_pdbx_entity_src_syn.pdbx_alt_source_flag 
_pdbx_entity_src_syn.pdbx_beg_seq_num 
_pdbx_entity_src_syn.pdbx_end_seq_num 
_pdbx_entity_src_syn.organism_scientific 
_pdbx_entity_src_syn.organism_common_name 
_pdbx_entity_src_syn.ncbi_taxonomy_id 
_pdbx_entity_src_syn.details 
1 1 sample 1 21 'synthetic construct' ? 32630 ? 
2 1 sample 1 5  'synthetic construct' ? 32630 ? 
3 1 sample 1 9  'synthetic construct' ? 32630 ? 
4 1 sample 1 7  'synthetic construct' ? 32630 ? 
# 
loop_
_struct_ref.id 
_struct_ref.db_name 
_struct_ref.db_code 
_struct_ref.pdbx_db_accession 
_struct_ref.pdbx_db_isoform 
_struct_ref.entity_id 
_struct_ref.pdbx_seq_one_letter_code 
_struct_ref.pdbx_align_begin 
1 PDB 6WRI 6WRI ? 1 ? 1 
2 PDB 6WRI 6WRI ? 2 ? 1 
3 PDB 6WRI 6WRI ? 3 ? 1 
4 PDB 6WRI 6WRI ? 4 ? 1 
# 
loop_
_struct_ref_seq.align_id 
_struct_ref_seq.ref_id 
_struct_ref_seq.pdbx_PDB_id_code 
_struct_ref_seq.pdbx_strand_id 
_struct_ref_seq.seq_align_beg 
_struct_ref_seq.pdbx_seq_align_beg_ins_code 
_struct_ref_seq.seq_align_end 
_struct_ref_seq.pdbx_seq_align_end_ins_code 
_struct_ref_seq.pdbx_db_accession 
_struct_ref_seq.db_align_beg 
_struct_ref_seq.pdbx_db_align_beg_ins_code 
_struct_ref_seq.db_align_end 
_struct_ref_seq.pdbx_db_align_end_ins_code 
_struct_ref_seq.pdbx_auth_seq_align_beg 
_struct_ref_seq.pdbx_auth_seq_align_end 
1 1 6WRI A 1 ? 21 ? 6WRI 1  ? 21 ? 1  21 
2 2 6WRI B 1 ? 5  ? 6WRI 1  ? 5  ? 1  5  
3 3 6WRI C 1 ? 9  ? 6WRI 1  ? 9  ? 1  9  
4 4 6WRI D 1 ? 7  ? 6WRI 10 ? 16 ? 10 16 
# 
loop_
_chem_comp.id 
_chem_comp.type 
_chem_comp.mon_nstd_flag 
_chem_comp.name 
_chem_comp.pdbx_synonyms 
_chem_comp.formula 
_chem_comp.formula_weight 
CAC non-polymer   . 'CACODYLATE ION'                     dimethylarsinate 'C2 H6 As O2 -1'  136.989 
DA  'DNA linking' y "2'-DEOXYADENOSINE-5'-MONOPHOSPHATE" ?                'C10 H14 N5 O6 P' 331.222 
DC  'DNA linking' y "2'-DEOXYCYTIDINE-5'-MONOPHOSPHATE"  ?                'C9 H14 N3 O7 P'  307.197 
DG  'DNA linking' y "2'-DEOXYGUANOSINE-5'-MONOPHOSPHATE" ?                'C10 H14 N5 O7 P' 347.221 
DT  'DNA linking' y "THYMIDINE-5'-MONOPHOSPHATE"         ?                'C10 H15 N2 O8 P' 322.208 
# 
_exptl.absorpt_coefficient_mu     ? 
_exptl.absorpt_correction_T_max   ? 
_exptl.absorpt_correction_T_min   ? 
_exptl.absorpt_correction_type    ? 
_exptl.absorpt_process_details    ? 
_exptl.entry_id                   6WRI 
_exptl.crystals_number            1 
_exptl.details                    ? 
_exptl.method                     'X-RAY DIFFRACTION' 
_exptl.method_details             ? 
# 
_exptl_crystal.colour                      ? 
_exptl_crystal.density_diffrn              ? 
_exptl_crystal.density_Matthews            6.50 
_exptl_crystal.density_method              ? 
_exptl_crystal.density_percent_sol         81.08 
_exptl_crystal.description                 ? 
_exptl_crystal.F_000                       ? 
_exptl_crystal.id                          1 
_exptl_crystal.preparation                 ? 
_exptl_crystal.size_max                    ? 
_exptl_crystal.size_mid                    ? 
_exptl_crystal.size_min                    ? 
_exptl_crystal.size_rad                    ? 
_exptl_crystal.colour_lustre               ? 
_exptl_crystal.colour_modifier             ? 
_exptl_crystal.colour_primary              ? 
_exptl_crystal.density_meas                ? 
_exptl_crystal.density_meas_esd            ? 
_exptl_crystal.density_meas_gt             ? 
_exptl_crystal.density_meas_lt             ? 
_exptl_crystal.density_meas_temp           ? 
_exptl_crystal.density_meas_temp_esd       ? 
_exptl_crystal.density_meas_temp_gt        ? 
_exptl_crystal.density_meas_temp_lt        ? 
_exptl_crystal.pdbx_crystal_image_url      ? 
_exptl_crystal.pdbx_crystal_image_format   ? 
_exptl_crystal.pdbx_mosaicity              ? 
_exptl_crystal.pdbx_mosaicity_esd          ? 
# 
_exptl_crystal_grow.apparatus       ? 
_exptl_crystal_grow.atmosphere      ? 
_exptl_crystal_grow.crystal_id      1 
_exptl_crystal_grow.details         ? 
_exptl_crystal_grow.method          'VAPOR DIFFUSION, SITTING DROP' 
_exptl_crystal_grow.method_ref      ? 
_exptl_crystal_grow.pH              ? 
_exptl_crystal_grow.pressure        ? 
_exptl_crystal_grow.pressure_esd    ? 
_exptl_crystal_grow.seeding         ? 
_exptl_crystal_grow.seeding_ref     ? 
_exptl_crystal_grow.temp            298 
_exptl_crystal_grow.temp_details    'temperature gradient generated from 60 to 25 C at 0.3 degrees per hour' 
_exptl_crystal_grow.temp_esd        ? 
_exptl_crystal_grow.time            ? 
_exptl_crystal_grow.pdbx_details    
;0.5 mL of 0.05 M Cacodylate pH 6.5 with 36 mM MgCl2, 2.25 mM spermine, and 5% PEG 400 was added to the reservoir with 2 uL added to the drop containing 4 uL of DNA stock
;
_exptl_crystal_grow.pdbx_pH_range   ? 
# 
_diffrn.ambient_environment              ? 
_diffrn.ambient_temp                     100 
_diffrn.ambient_temp_details             ? 
_diffrn.ambient_temp_esd                 ? 
_diffrn.crystal_id                       1 
_diffrn.crystal_support                  ? 
_diffrn.crystal_treatment                ? 
_diffrn.details                          ? 
_diffrn.id                               1 
_diffrn.ambient_pressure                 ? 
_diffrn.ambient_pressure_esd             ? 
_diffrn.ambient_pressure_gt              ? 
_diffrn.ambient_pressure_lt              ? 
_diffrn.ambient_temp_gt                  ? 
_diffrn.ambient_temp_lt                  ? 
_diffrn.pdbx_serial_crystal_experiment   N 
# 
_diffrn_detector.details                      ? 
_diffrn_detector.detector                     PIXEL 
_diffrn_detector.diffrn_id                    1 
_diffrn_detector.type                         'DECTRIS PILATUS3 6M' 
_diffrn_detector.area_resol_mean              ? 
_diffrn_detector.dtime                        ? 
_diffrn_detector.pdbx_frames_total            ? 
_diffrn_detector.pdbx_collection_time_total   ? 
_diffrn_detector.pdbx_collection_date         2018-05-15 
_diffrn_detector.pdbx_frequency               ? 
# 
_diffrn_radiation.collimation                      ? 
_diffrn_radiation.diffrn_id                        1 
_diffrn_radiation.filter_edge                      ? 
_diffrn_radiation.inhomogeneity                    ? 
_diffrn_radiation.monochromator                    ? 
_diffrn_radiation.polarisn_norm                    ? 
_diffrn_radiation.polarisn_ratio                   ? 
_diffrn_radiation.probe                            ? 
_diffrn_radiation.type                             ? 
_diffrn_radiation.xray_symbol                      ? 
_diffrn_radiation.wavelength_id                    1 
_diffrn_radiation.pdbx_monochromatic_or_laue_m_l   M 
_diffrn_radiation.pdbx_wavelength_list             ? 
_diffrn_radiation.pdbx_wavelength                  ? 
_diffrn_radiation.pdbx_diffrn_protocol             'SINGLE WAVELENGTH' 
_diffrn_radiation.pdbx_analyzer                    ? 
_diffrn_radiation.pdbx_scattering_type             x-ray 
# 
_diffrn_radiation_wavelength.id           1 
_diffrn_radiation_wavelength.wavelength   1 
_diffrn_radiation_wavelength.wt           1.0 
# 
_diffrn_source.current                     ? 
_diffrn_source.details                     ? 
_diffrn_source.diffrn_id                   1 
_diffrn_source.power                       ? 
_diffrn_source.size                        ? 
_diffrn_source.source                      SYNCHROTRON 
_diffrn_source.target                      ? 
_diffrn_source.type                        'ALS BEAMLINE 5.0.2' 
_diffrn_source.voltage                     ? 
_diffrn_source.take-off_angle              ? 
_diffrn_source.pdbx_wavelength_list        1 
_diffrn_source.pdbx_wavelength             ? 
_diffrn_source.pdbx_synchrotron_beamline   5.0.2 
_diffrn_source.pdbx_synchrotron_site       ALS 
# 
_reflns.B_iso_Wilson_estimate            101.150 
_reflns.entry_id                         6WRI 
_reflns.data_reduction_details           ? 
_reflns.data_reduction_method            ? 
_reflns.d_resolution_high                3.050 
_reflns.d_resolution_low                 50.000 
_reflns.details                          ? 
_reflns.limit_h_max                      ? 
_reflns.limit_h_min                      ? 
_reflns.limit_k_max                      ? 
_reflns.limit_k_min                      ? 
_reflns.limit_l_max                      ? 
_reflns.limit_l_min                      ? 
_reflns.number_all                       ? 
_reflns.number_obs                       5829 
_reflns.observed_criterion               ? 
_reflns.observed_criterion_F_max         ? 
_reflns.observed_criterion_F_min         ? 
_reflns.observed_criterion_I_max         ? 
_reflns.observed_criterion_I_min         ? 
_reflns.observed_criterion_sigma_F       ? 
_reflns.observed_criterion_sigma_I       ? 
_reflns.percent_possible_obs             95.200 
_reflns.R_free_details                   ? 
_reflns.Rmerge_F_all                     ? 
_reflns.Rmerge_F_obs                     ? 
_reflns.Friedel_coverage                 ? 
_reflns.number_gt                        ? 
_reflns.threshold_expression             ? 
_reflns.pdbx_redundancy                  9.700 
_reflns.pdbx_Rmerge_I_obs                0.064 
_reflns.pdbx_Rmerge_I_all                ? 
_reflns.pdbx_Rsym_value                  ? 
_reflns.pdbx_netI_over_av_sigmaI         ? 
_reflns.pdbx_netI_over_sigmaI            6.600 
_reflns.pdbx_res_netI_over_av_sigmaI_2   ? 
_reflns.pdbx_res_netI_over_sigmaI_2      ? 
_reflns.pdbx_chi_squared                 0.590 
_reflns.pdbx_scaling_rejects             ? 
_reflns.pdbx_d_res_high_opt              ? 
_reflns.pdbx_d_res_low_opt               ? 
_reflns.pdbx_d_res_opt_method            ? 
_reflns.phase_calculation_details        ? 
_reflns.pdbx_Rrim_I_all                  0.067 
_reflns.pdbx_Rpim_I_all                  0.021 
_reflns.pdbx_d_opt                       ? 
_reflns.pdbx_number_measured_all         ? 
_reflns.pdbx_diffrn_id                   1 
_reflns.pdbx_ordinal                     1 
_reflns.pdbx_CC_half                     0.988 
_reflns.pdbx_CC_star                     ? 
_reflns.pdbx_R_split                     ? 
# 
loop_
_reflns_shell.d_res_high 
_reflns_shell.d_res_low 
_reflns_shell.meanI_over_sigI_all 
_reflns_shell.meanI_over_sigI_obs 
_reflns_shell.number_measured_all 
_reflns_shell.number_measured_obs 
_reflns_shell.number_possible 
_reflns_shell.number_unique_all 
_reflns_shell.number_unique_obs 
_reflns_shell.percent_possible_all 
_reflns_shell.percent_possible_obs 
_reflns_shell.Rmerge_F_all 
_reflns_shell.Rmerge_F_obs 
_reflns_shell.Rmerge_I_all 
_reflns_shell.Rmerge_I_obs 
_reflns_shell.meanI_over_sigI_gt 
_reflns_shell.meanI_over_uI_all 
_reflns_shell.meanI_over_uI_gt 
_reflns_shell.number_measured_gt 
_reflns_shell.number_unique_gt 
_reflns_shell.percent_possible_gt 
_reflns_shell.Rmerge_F_gt 
_reflns_shell.Rmerge_I_gt 
_reflns_shell.pdbx_redundancy 
_reflns_shell.pdbx_Rsym_value 
_reflns_shell.pdbx_chi_squared 
_reflns_shell.pdbx_netI_over_sigmaI_all 
_reflns_shell.pdbx_netI_over_sigmaI_obs 
_reflns_shell.pdbx_Rrim_I_all 
_reflns_shell.pdbx_Rpim_I_all 
_reflns_shell.pdbx_rejects 
_reflns_shell.pdbx_ordinal 
_reflns_shell.pdbx_diffrn_id 
_reflns_shell.pdbx_CC_half 
_reflns_shell.pdbx_CC_star 
_reflns_shell.pdbx_R_split 
3.050 3.100  ? ? ? ? ? ? 204 64.600  ? ? ? ? 0.838 ? ? ? ? ? ? ? ? 7.200  ? 0.433 ? ? 0.898 0.316 ? 1  1 0.855 ? ? 
3.100 3.160  ? ? ? ? ? ? 234 73.100  ? ? ? ? 0.446 ? ? ? ? ? ? ? ? 7.500  ? 0.417 ? ? 0.476 0.160 ? 2  1 0.952 ? ? 
3.160 3.220  ? ? ? ? ? ? 227 82.500  ? ? ? ? 0.228 ? ? ? ? ? ? ? ? 7.900  ? 0.493 ? ? 0.243 0.081 ? 3  1 0.994 ? ? 
3.220 3.290  ? ? ? ? ? ? 297 92.800  ? ? ? ? 0.117 ? ? ? ? ? ? ? ? 8.300  ? 0.588 ? ? 0.124 0.039 ? 4  1 0.999 ? ? 
3.290 3.360  ? ? ? ? ? ? 300 96.500  ? ? ? ? 0.210 ? ? ? ? ? ? ? ? 9.100  ? 0.472 ? ? 0.221 0.068 ? 5  1 0.995 ? ? 
3.360 3.430  ? ? ? ? ? ? 296 98.300  ? ? ? ? 0.150 ? ? ? ? ? ? ? ? 9.500  ? 0.534 ? ? 0.158 0.049 ? 6  1 0.998 ? ? 
3.430 3.520  ? ? ? ? ? ? 317 99.700  ? ? ? ? 0.296 ? ? ? ? ? ? ? ? 9.500  ? 0.479 ? ? 0.312 0.097 ? 7  1 0.994 ? ? 
3.520 3.620  ? ? ? ? ? ? 302 99.700  ? ? ? ? 0.246 ? ? ? ? ? ? ? ? 9.900  ? 0.472 ? ? 0.259 0.079 ? 8  1 0.991 ? ? 
3.620 3.720  ? ? ? ? ? ? 286 100.000 ? ? ? ? 0.382 ? ? ? ? ? ? ? ? 9.800  ? 0.473 ? ? 0.403 0.126 ? 9  1 0.974 ? ? 
3.720 3.840  ? ? ? ? ? ? 329 100.000 ? ? ? ? 0.230 ? ? ? ? ? ? ? ? 9.500  ? 0.503 ? ? 0.243 0.078 ? 10 1 0.990 ? ? 
3.840 3.980  ? ? ? ? ? ? 295 100.000 ? ? ? ? 0.161 ? ? ? ? ? ? ? ? 10.000 ? 0.528 ? ? 0.170 0.053 ? 11 1 0.995 ? ? 
3.980 4.140  ? ? ? ? ? ? 301 100.000 ? ? ? ? 0.129 ? ? ? ? ? ? ? ? 10.600 ? 0.516 ? ? 0.135 0.041 ? 12 1 0.996 ? ? 
4.140 4.330  ? ? ? ? ? ? 321 100.000 ? ? ? ? 0.123 ? ? ? ? ? ? ? ? 10.600 ? 0.519 ? ? 0.129 0.039 ? 13 1 0.995 ? ? 
4.330 4.560  ? ? ? ? ? ? 308 100.000 ? ? ? ? 0.104 ? ? ? ? ? ? ? ? 10.700 ? 0.529 ? ? 0.109 0.033 ? 14 1 0.996 ? ? 
4.560 4.840  ? ? ? ? ? ? 296 100.000 ? ? ? ? 0.089 ? ? ? ? ? ? ? ? 10.500 ? 0.554 ? ? 0.093 0.029 ? 15 1 0.997 ? ? 
4.840 5.210  ? ? ? ? ? ? 297 100.000 ? ? ? ? 0.062 ? ? ? ? ? ? ? ? 10.100 ? 0.654 ? ? 0.065 0.020 ? 16 1 0.999 ? ? 
5.210 5.740  ? ? ? ? ? ? 317 100.000 ? ? ? ? 0.052 ? ? ? ? ? ? ? ? 10.600 ? 0.784 ? ? 0.054 0.017 ? 17 1 0.999 ? ? 
5.740 6.570  ? ? ? ? ? ? 300 100.000 ? ? ? ? 0.050 ? ? ? ? ? ? ? ? 10.700 ? 0.773 ? ? 0.053 0.016 ? 18 1 0.999 ? ? 
6.570 8.270  ? ? ? ? ? ? 303 100.000 ? ? ? ? 0.040 ? ? ? ? ? ? ? ? 10.000 ? 0.856 ? ? 0.043 0.014 ? 19 1 0.999 ? ? 
8.270 50.000 ? ? ? ? ? ? 299 97.100  ? ? ? ? 0.032 ? ? ? ? ? ? ? ? 10.300 ? 0.972 ? ? 0.034 0.011 ? 20 1 0.999 ? ? 
# 
_refine.aniso_B[1][1]                            ? 
_refine.aniso_B[1][2]                            ? 
_refine.aniso_B[1][3]                            ? 
_refine.aniso_B[2][2]                            ? 
_refine.aniso_B[2][3]                            ? 
_refine.aniso_B[3][3]                            ? 
_refine.B_iso_max                                249.010 
_refine.B_iso_mean                               110.2891 
_refine.B_iso_min                                47.610 
_refine.correlation_coeff_Fo_to_Fc               ? 
_refine.correlation_coeff_Fo_to_Fc_free          ? 
_refine.details                                  ? 
_refine.diff_density_max                         ? 
_refine.diff_density_max_esd                     ? 
_refine.diff_density_min                         ? 
_refine.diff_density_min_esd                     ? 
_refine.diff_density_rms                         ? 
_refine.diff_density_rms_esd                     ? 
_refine.entry_id                                 6WRI 
_refine.pdbx_refine_id                           'X-RAY DIFFRACTION' 
_refine.ls_abs_structure_details                 ? 
_refine.ls_abs_structure_Flack                   ? 
_refine.ls_abs_structure_Flack_esd               ? 
_refine.ls_abs_structure_Rogers                  ? 
_refine.ls_abs_structure_Rogers_esd              ? 
_refine.ls_d_res_high                            3.0570 
_refine.ls_d_res_low                             34.4810 
_refine.ls_extinction_coef                       ? 
_refine.ls_extinction_coef_esd                   ? 
_refine.ls_extinction_expression                 ? 
_refine.ls_extinction_method                     ? 
_refine.ls_goodness_of_fit_all                   ? 
_refine.ls_goodness_of_fit_all_esd               ? 
_refine.ls_goodness_of_fit_obs                   ? 
_refine.ls_goodness_of_fit_obs_esd               ? 
_refine.ls_hydrogen_treatment                    ? 
_refine.ls_matrix_type                           ? 
_refine.ls_number_constraints                    ? 
_refine.ls_number_parameters                     ? 
_refine.ls_number_reflns_all                     ? 
_refine.ls_number_reflns_obs                     5690 
_refine.ls_number_reflns_R_free                  287 
_refine.ls_number_reflns_R_work                  ? 
_refine.ls_number_restraints                     ? 
_refine.ls_percent_reflns_obs                    93.2500 
_refine.ls_percent_reflns_R_free                 5.0400 
_refine.ls_R_factor_all                          ? 
_refine.ls_R_factor_obs                          0.1999 
_refine.ls_R_factor_R_free                       0.2475 
_refine.ls_R_factor_R_free_error                 ? 
_refine.ls_R_factor_R_free_error_details         ? 
_refine.ls_R_factor_R_work                       0.1975 
_refine.ls_R_Fsqd_factor_obs                     ? 
_refine.ls_R_I_factor_obs                        ? 
_refine.ls_redundancy_reflns_all                 ? 
_refine.ls_redundancy_reflns_obs                 ? 
_refine.ls_restrained_S_all                      ? 
_refine.ls_restrained_S_obs                      ? 
_refine.ls_shift_over_esd_max                    ? 
_refine.ls_shift_over_esd_mean                   ? 
_refine.ls_structure_factor_coef                 ? 
_refine.ls_weighting_details                     ? 
_refine.ls_weighting_scheme                      ? 
_refine.ls_wR_factor_all                         ? 
_refine.ls_wR_factor_obs                         ? 
_refine.ls_wR_factor_R_free                      ? 
_refine.ls_wR_factor_R_work                      ? 
_refine.occupancy_max                            ? 
_refine.occupancy_min                            ? 
_refine.solvent_model_details                    ? 
_refine.solvent_model_param_bsol                 ? 
_refine.solvent_model_param_ksol                 ? 
_refine.pdbx_R_complete                          ? 
_refine.ls_R_factor_gt                           ? 
_refine.ls_goodness_of_fit_gt                    ? 
_refine.ls_goodness_of_fit_ref                   ? 
_refine.ls_shift_over_su_max                     ? 
_refine.ls_shift_over_su_max_lt                  ? 
_refine.ls_shift_over_su_mean                    ? 
_refine.ls_shift_over_su_mean_lt                 ? 
_refine.pdbx_ls_sigma_I                          ? 
_refine.pdbx_ls_sigma_F                          2.010 
_refine.pdbx_ls_sigma_Fsqd                       ? 
_refine.pdbx_data_cutoff_high_absF               ? 
_refine.pdbx_data_cutoff_high_rms_absF           ? 
_refine.pdbx_data_cutoff_low_absF                ? 
_refine.pdbx_isotropic_thermal_model             ? 
_refine.pdbx_ls_cross_valid_method               THROUGHOUT 
_refine.pdbx_method_to_determine_struct          'MOLECULAR REPLACEMENT' 
_refine.pdbx_starting_model                      5KEK 
_refine.pdbx_stereochemistry_target_values       ? 
_refine.pdbx_R_Free_selection_details            ? 
_refine.pdbx_stereochem_target_val_spec_case     ? 
_refine.pdbx_overall_ESU_R                       ? 
_refine.pdbx_overall_ESU_R_Free                  ? 
_refine.pdbx_solvent_vdw_probe_radii             1.1100 
_refine.pdbx_solvent_ion_probe_radii             ? 
_refine.pdbx_solvent_shrinkage_radii             0.9000 
_refine.pdbx_real_space_R                        ? 
_refine.pdbx_density_correlation                 ? 
_refine.pdbx_pd_number_of_powder_patterns        ? 
_refine.pdbx_pd_number_of_points                 ? 
_refine.pdbx_pd_meas_number_of_points            ? 
_refine.pdbx_pd_proc_ls_prof_R_factor            ? 
_refine.pdbx_pd_proc_ls_prof_wR_factor           ? 
_refine.pdbx_pd_Marquardt_correlation_coeff      ? 
_refine.pdbx_pd_Fsqrd_R_factor                   ? 
_refine.pdbx_pd_ls_matrix_band_width             ? 
_refine.pdbx_overall_phase_error                 24.9900 
_refine.pdbx_overall_SU_R_free_Cruickshank_DPI   ? 
_refine.pdbx_overall_SU_R_free_Blow_DPI          ? 
_refine.pdbx_overall_SU_R_Blow_DPI               ? 
_refine.pdbx_TLS_residual_ADP_flag               ? 
_refine.pdbx_diffrn_id                           1 
_refine.overall_SU_B                             ? 
_refine.overall_SU_ML                            0.3400 
_refine.overall_SU_R_Cruickshank_DPI             ? 
_refine.overall_SU_R_free                        ? 
_refine.overall_FOM_free_R_set                   ? 
_refine.overall_FOM_work_R_set                   ? 
_refine.pdbx_average_fsc_overall                 ? 
_refine.pdbx_average_fsc_work                    ? 
_refine.pdbx_average_fsc_free                    ? 
# 
_refine_hist.pdbx_refine_id                   'X-RAY DIFFRACTION' 
_refine_hist.cycle_id                         final 
_refine_hist.details                          ? 
_refine_hist.d_res_high                       3.0570 
_refine_hist.d_res_low                        34.4810 
_refine_hist.number_atoms_solvent             0 
_refine_hist.number_atoms_total               857 
_refine_hist.number_reflns_all                ? 
_refine_hist.number_reflns_obs                ? 
_refine_hist.number_reflns_R_free             ? 
_refine_hist.number_reflns_R_work             ? 
_refine_hist.R_factor_all                     ? 
_refine_hist.R_factor_obs                     ? 
_refine_hist.R_factor_R_free                  ? 
_refine_hist.R_factor_R_work                  ? 
_refine_hist.pdbx_number_residues_total       42 
_refine_hist.pdbx_B_iso_mean_ligand           221.23 
_refine_hist.pdbx_B_iso_mean_solvent          ? 
_refine_hist.pdbx_number_atoms_protein        0 
_refine_hist.pdbx_number_atoms_nucleic_acid   855 
_refine_hist.pdbx_number_atoms_ligand         2 
_refine_hist.pdbx_number_atoms_lipid          ? 
_refine_hist.pdbx_number_atoms_carb           ? 
_refine_hist.pdbx_pseudo_atom_details         ? 
# 
loop_
_refine_ls_restr.pdbx_refine_id 
_refine_ls_restr.criterion 
_refine_ls_restr.dev_ideal 
_refine_ls_restr.dev_ideal_target 
_refine_ls_restr.number 
_refine_ls_restr.rejects 
_refine_ls_restr.type 
_refine_ls_restr.weight 
_refine_ls_restr.pdbx_restraint_function 
'X-RAY DIFFRACTION' ? 0.009  ? 956  ? f_bond_d           ? ? 
'X-RAY DIFFRACTION' ? 0.996  ? 1467 ? f_angle_d          ? ? 
'X-RAY DIFFRACTION' ? 0.050  ? 166  ? f_chiral_restr     ? ? 
'X-RAY DIFFRACTION' ? 0.006  ? 42   ? f_plane_restr      ? ? 
'X-RAY DIFFRACTION' ? 35.249 ? 406  ? f_dihedral_angle_d ? ? 
# 
loop_
_refine_ls_shell.pdbx_refine_id 
_refine_ls_shell.d_res_high 
_refine_ls_shell.d_res_low 
_refine_ls_shell.number_reflns_all 
_refine_ls_shell.number_reflns_obs 
_refine_ls_shell.number_reflns_R_free 
_refine_ls_shell.number_reflns_R_work 
_refine_ls_shell.percent_reflns_obs 
_refine_ls_shell.percent_reflns_R_free 
_refine_ls_shell.R_factor_all 
_refine_ls_shell.R_factor_obs 
_refine_ls_shell.R_factor_R_free 
_refine_ls_shell.R_factor_R_free_error 
_refine_ls_shell.R_factor_R_work 
_refine_ls_shell.redundancy_reflns_all 
_refine_ls_shell.redundancy_reflns_obs 
_refine_ls_shell.wR_factor_all 
_refine_ls_shell.wR_factor_obs 
_refine_ls_shell.wR_factor_R_free 
_refine_ls_shell.wR_factor_R_work 
_refine_ls_shell.pdbx_R_complete 
_refine_ls_shell.pdbx_total_number_of_bins_used 
_refine_ls_shell.pdbx_phase_error 
_refine_ls_shell.pdbx_fsc_work 
_refine_ls_shell.pdbx_fsc_free 
'X-RAY DIFFRACTION' 3.0570 3.8502  . . 141 2523 87.0000  . . . 0.3099 0.0000 0.3026 . . . . . . . . . . . 
'X-RAY DIFFRACTION' 3.8502 34.4810 . . 146 2880 100.0000 . . . 0.2273 0.0000 0.1710 . . . . . . . . . . . 
# 
_struct.entry_id                     6WRI 
_struct.title                        
'Self-assembly of a 3D DNA crystal lattice (4x5 duplex version) containing the J28 immobile Holliday junction' 
_struct.pdbx_model_details           ? 
_struct.pdbx_formula_weight          ? 
_struct.pdbx_formula_weight_method   ? 
_struct.pdbx_model_type_details      ? 
_struct.pdbx_CASP_flag               N 
# 
_struct_keywords.entry_id        6WRI 
_struct_keywords.text            
'Structural DNA nanotechnology, immobile Holliday junctions, 3D DNA self-assembly, designer DNA crystals, DNA' 
_struct_keywords.pdbx_keywords   DNA 
# 
loop_
_struct_asym.id 
_struct_asym.pdbx_blank_PDB_chainid_flag 
_struct_asym.pdbx_modified 
_struct_asym.entity_id 
_struct_asym.details 
A N N 1 ? 
B N N 2 ? 
C N N 3 ? 
D N N 4 ? 
E N N 5 ? 
F N N 5 ? 
# 
loop_
_struct_conn.id 
_struct_conn.conn_type_id 
_struct_conn.pdbx_leaving_atom_flag 
_struct_conn.pdbx_PDB_id 
_struct_conn.ptnr1_label_asym_id 
_struct_conn.ptnr1_label_comp_id 
_struct_conn.ptnr1_label_seq_id 
_struct_conn.ptnr1_label_atom_id 
_struct_conn.pdbx_ptnr1_label_alt_id 
_struct_conn.pdbx_ptnr1_PDB_ins_code 
_struct_conn.pdbx_ptnr1_standard_comp_id 
_struct_conn.ptnr1_symmetry 
_struct_conn.ptnr2_label_asym_id 
_struct_conn.ptnr2_label_comp_id 
_struct_conn.ptnr2_label_seq_id 
_struct_conn.ptnr2_label_atom_id 
_struct_conn.pdbx_ptnr2_label_alt_id 
_struct_conn.pdbx_ptnr2_PDB_ins_code 
_struct_conn.ptnr1_auth_asym_id 
_struct_conn.ptnr1_auth_comp_id 
_struct_conn.ptnr1_auth_seq_id 
_struct_conn.ptnr2_auth_asym_id 
_struct_conn.ptnr2_auth_comp_id 
_struct_conn.ptnr2_auth_seq_id 
_struct_conn.ptnr2_symmetry 
_struct_conn.pdbx_ptnr3_label_atom_id 
_struct_conn.pdbx_ptnr3_label_seq_id 
_struct_conn.pdbx_ptnr3_label_comp_id 
_struct_conn.pdbx_ptnr3_label_asym_id 
_struct_conn.pdbx_ptnr3_label_alt_id 
_struct_conn.pdbx_ptnr3_PDB_ins_code 
_struct_conn.details 
_struct_conn.pdbx_dist_value 
_struct_conn.pdbx_value_order 
_struct_conn.pdbx_role 
hydrog1  hydrog ? ? A DG 3  N1 ? ? ? 1_555 D DC 7 N3 ? ? A DG 3  D DC 16 1_555 ? ? ? ? ? ? WATSON-CRICK ? ? ? 
hydrog2  hydrog ? ? A DG 3  N2 ? ? ? 1_555 D DC 7 O2 ? ? A DG 3  D DC 16 1_555 ? ? ? ? ? ? WATSON-CRICK ? ? ? 
hydrog3  hydrog ? ? A DG 3  O6 ? ? ? 1_555 D DC 7 N4 ? ? A DG 3  D DC 16 1_555 ? ? ? ? ? ? WATSON-CRICK ? ? ? 
hydrog4  hydrog ? ? A DC 4  O2 ? ? ? 1_555 D DG 6 N2 ? ? A DC 4  D DG 15 1_555 ? ? ? ? ? ? 'DC-DG PAIR' ? ? ? 
hydrog5  hydrog ? ? A DA 5  N1 ? ? ? 1_555 D DT 5 N3 ? ? A DA 5  D DT 14 1_555 ? ? ? ? ? ? WATSON-CRICK ? ? ? 
hydrog6  hydrog ? ? A DA 5  N6 ? ? ? 1_555 D DT 5 O4 ? ? A DA 5  D DT 14 1_555 ? ? ? ? ? ? WATSON-CRICK ? ? ? 
hydrog7  hydrog ? ? A DG 6  N1 ? ? ? 1_555 D DC 4 N3 ? ? A DG 6  D DC 13 1_555 ? ? ? ? ? ? WATSON-CRICK ? ? ? 
hydrog8  hydrog ? ? A DG 6  N2 ? ? ? 1_555 D DC 4 O2 ? ? A DG 6  D DC 13 1_555 ? ? ? ? ? ? WATSON-CRICK ? ? ? 
hydrog9  hydrog ? ? A DG 6  O6 ? ? ? 1_555 D DC 4 N4 ? ? A DG 6  D DC 13 1_555 ? ? ? ? ? ? WATSON-CRICK ? ? ? 
hydrog10 hydrog ? ? A DA 7  N1 ? ? ? 1_555 D DT 3 N3 ? ? A DA 7  D DT 12 1_555 ? ? ? ? ? ? WATSON-CRICK ? ? ? 
hydrog11 hydrog ? ? A DA 7  N6 ? ? ? 1_555 D DT 3 O4 ? ? A DA 7  D DT 12 1_555 ? ? ? ? ? ? WATSON-CRICK ? ? ? 
hydrog12 hydrog ? ? A DC 8  N3 ? ? ? 1_555 D DG 2 N1 ? ? A DC 8  D DG 11 1_555 ? ? ? ? ? ? WATSON-CRICK ? ? ? 
hydrog13 hydrog ? ? A DC 8  N4 ? ? ? 1_555 D DG 2 O6 ? ? A DC 8  D DG 11 1_555 ? ? ? ? ? ? WATSON-CRICK ? ? ? 
hydrog14 hydrog ? ? A DC 8  O2 ? ? ? 1_555 D DG 2 N2 ? ? A DC 8  D DG 11 1_555 ? ? ? ? ? ? WATSON-CRICK ? ? ? 
hydrog15 hydrog ? ? A DA 9  N1 ? ? ? 1_555 D DT 1 N3 ? ? A DA 9  D DT 10 1_555 ? ? ? ? ? ? WATSON-CRICK ? ? ? 
hydrog16 hydrog ? ? A DA 9  N6 ? ? ? 1_555 D DT 1 O4 ? ? A DA 9  D DT 10 1_555 ? ? ? ? ? ? WATSON-CRICK ? ? ? 
hydrog17 hydrog ? ? A DT 10 N3 ? ? ? 1_555 B DA 5 N1 ? ? A DT 10 B DA 5  1_555 ? ? ? ? ? ? WATSON-CRICK ? ? ? 
hydrog18 hydrog ? ? A DT 10 O4 ? ? ? 1_555 B DA 5 N6 ? ? A DT 10 B DA 5  1_555 ? ? ? ? ? ? WATSON-CRICK ? ? ? 
hydrog19 hydrog ? ? A DG 11 N1 ? ? ? 1_555 B DC 4 N3 ? ? A DG 11 B DC 4  1_555 ? ? ? ? ? ? WATSON-CRICK ? ? ? 
hydrog20 hydrog ? ? A DG 11 N2 ? ? ? 1_555 B DC 4 O2 ? ? A DG 11 B DC 4  1_555 ? ? ? ? ? ? WATSON-CRICK ? ? ? 
hydrog21 hydrog ? ? A DG 11 O6 ? ? ? 1_555 B DC 4 N4 ? ? A DG 11 B DC 4  1_555 ? ? ? ? ? ? WATSON-CRICK ? ? ? 
hydrog22 hydrog ? ? A DA 12 N1 ? ? ? 1_555 B DT 3 N3 ? ? A DA 12 B DT 3  1_555 ? ? ? ? ? ? WATSON-CRICK ? ? ? 
hydrog23 hydrog ? ? A DA 12 N6 ? ? ? 1_555 B DT 3 O4 ? ? A DA 12 B DT 3  1_555 ? ? ? ? ? ? WATSON-CRICK ? ? ? 
hydrog24 hydrog ? ? A DC 13 N3 ? ? ? 1_555 B DG 2 N1 ? ? A DC 13 B DG 2  1_555 ? ? ? ? ? ? WATSON-CRICK ? ? ? 
hydrog25 hydrog ? ? A DC 13 N4 ? ? ? 1_555 B DG 2 O6 ? ? A DC 13 B DG 2  1_555 ? ? ? ? ? ? WATSON-CRICK ? ? ? 
hydrog26 hydrog ? ? A DC 13 O2 ? ? ? 1_555 B DG 2 N2 ? ? A DC 13 B DG 2  1_555 ? ? ? ? ? ? WATSON-CRICK ? ? ? 
hydrog27 hydrog ? ? A DT 14 N3 ? ? ? 1_555 B DA 1 N1 ? ? A DT 14 B DA 1  1_555 ? ? ? ? ? ? WATSON-CRICK ? ? ? 
hydrog28 hydrog ? ? A DT 14 O4 ? ? ? 1_555 B DA 1 N6 ? ? A DT 14 B DA 1  1_555 ? ? ? ? ? ? WATSON-CRICK ? ? ? 
hydrog29 hydrog ? ? A DC 15 N3 ? ? ? 1_555 C DG 9 N1 ? ? A DC 15 C DG 9  1_555 ? ? ? ? ? ? WATSON-CRICK ? ? ? 
hydrog30 hydrog ? ? A DC 15 N4 ? ? ? 1_555 C DG 9 O6 ? ? A DC 15 C DG 9  1_555 ? ? ? ? ? ? WATSON-CRICK ? ? ? 
hydrog31 hydrog ? ? A DC 15 O2 ? ? ? 1_555 C DG 9 N2 ? ? A DC 15 C DG 9  1_555 ? ? ? ? ? ? WATSON-CRICK ? ? ? 
hydrog32 hydrog ? ? A DC 16 N3 ? ? ? 1_555 C DG 8 N1 ? ? A DC 16 C DG 8  1_555 ? ? ? ? ? ? WATSON-CRICK ? ? ? 
hydrog33 hydrog ? ? A DC 16 N4 ? ? ? 1_555 C DG 8 O6 ? ? A DC 16 C DG 8  1_555 ? ? ? ? ? ? WATSON-CRICK ? ? ? 
hydrog34 hydrog ? ? A DC 16 O2 ? ? ? 1_555 C DG 8 N2 ? ? A DC 16 C DG 8  1_555 ? ? ? ? ? ? WATSON-CRICK ? ? ? 
hydrog35 hydrog ? ? A DA 17 N1 ? ? ? 1_555 C DT 7 N3 ? ? A DA 17 C DT 7  1_555 ? ? ? ? ? ? WATSON-CRICK ? ? ? 
hydrog36 hydrog ? ? A DA 17 N6 ? ? ? 1_555 C DT 7 O4 ? ? A DA 17 C DT 7  1_555 ? ? ? ? ? ? WATSON-CRICK ? ? ? 
hydrog37 hydrog ? ? A DC 18 N3 ? ? ? 1_555 C DG 6 N1 ? ? A DC 18 C DG 6  1_555 ? ? ? ? ? ? WATSON-CRICK ? ? ? 
hydrog38 hydrog ? ? A DC 18 N4 ? ? ? 1_555 C DG 6 O6 ? ? A DC 18 C DG 6  1_555 ? ? ? ? ? ? WATSON-CRICK ? ? ? 
hydrog39 hydrog ? ? A DC 18 O2 ? ? ? 1_555 C DG 6 N2 ? ? A DC 18 C DG 6  1_555 ? ? ? ? ? ? WATSON-CRICK ? ? ? 
hydrog40 hydrog ? ? A DT 19 N3 ? ? ? 1_555 C DA 5 N1 ? ? A DT 19 C DA 5  1_555 ? ? ? ? ? ? WATSON-CRICK ? ? ? 
hydrog41 hydrog ? ? A DT 19 O4 ? ? ? 1_555 C DA 5 N6 ? ? A DT 19 C DA 5  1_555 ? ? ? ? ? ? WATSON-CRICK ? ? ? 
hydrog42 hydrog ? ? A DC 20 N3 ? ? ? 1_555 C DG 4 N1 ? ? A DC 20 C DG 4  1_555 ? ? ? ? ? ? WATSON-CRICK ? ? ? 
hydrog43 hydrog ? ? A DC 20 N4 ? ? ? 1_555 C DG 4 O6 ? ? A DC 20 C DG 4  1_555 ? ? ? ? ? ? WATSON-CRICK ? ? ? 
hydrog44 hydrog ? ? A DC 20 O2 ? ? ? 1_555 C DG 4 N2 ? ? A DC 20 C DG 4  1_555 ? ? ? ? ? ? WATSON-CRICK ? ? ? 
hydrog45 hydrog ? ? A DA 21 N1 ? ? ? 1_555 C DT 3 N3 ? ? A DA 21 C DT 3  1_555 ? ? ? ? ? ? 'DA-DT PAIR' ? ? ? 
# 
_struct_conn_type.id          hydrog 
_struct_conn_type.criteria    ? 
_struct_conn_type.reference   ? 
# 
_struct_site.id                   AC1 
_struct_site.pdbx_evidence_code   Software 
_struct_site.pdbx_auth_asym_id    C 
_struct_site.pdbx_auth_comp_id    CAC 
_struct_site.pdbx_auth_seq_id     101 
_struct_site.pdbx_auth_ins_code   ? 
_struct_site.pdbx_num_residues    1 
_struct_site.details              'binding site for residue CAC C 101' 
# 
_struct_site_gen.id                   1 
_struct_site_gen.site_id              AC1 
_struct_site_gen.pdbx_num_res         1 
_struct_site_gen.label_comp_id        DG 
_struct_site_gen.label_asym_id        C 
_struct_site_gen.label_seq_id         8 
_struct_site_gen.pdbx_auth_ins_code   ? 
_struct_site_gen.auth_comp_id         DG 
_struct_site_gen.auth_asym_id         C 
_struct_site_gen.auth_seq_id          8 
_struct_site_gen.label_atom_id        . 
_struct_site_gen.label_alt_id         ? 
_struct_site_gen.symmetry             1_555 
_struct_site_gen.details              ? 
# 
_atom_sites.entry_id                    6WRI 
_atom_sites.Cartn_transf_matrix[1][1]   ? 
_atom_sites.Cartn_transf_matrix[1][2]   ? 
_atom_sites.Cartn_transf_matrix[1][3]   ? 
_atom_sites.Cartn_transf_matrix[2][1]   ? 
_atom_sites.Cartn_transf_matrix[2][2]   ? 
_atom_sites.Cartn_transf_matrix[2][3]   ? 
_atom_sites.Cartn_transf_matrix[3][1]   ? 
_atom_sites.Cartn_transf_matrix[3][2]   ? 
_atom_sites.Cartn_transf_matrix[3][3]   ? 
_atom_sites.Cartn_transf_vector[1]      ? 
_atom_sites.Cartn_transf_vector[2]      ? 
_atom_sites.Cartn_transf_vector[3]      ? 
_atom_sites.fract_transf_matrix[1][1]   0.00835444 
_atom_sites.fract_transf_matrix[1][2]   0.01232647 
_atom_sites.fract_transf_matrix[1][3]   -0.00765708 
_atom_sites.fract_transf_matrix[2][1]   0.01469461 
_atom_sites.fract_transf_matrix[2][2]   -0.00316843 
_atom_sites.fract_transf_matrix[2][3]   -0.00737503 
_atom_sites.fract_transf_matrix[3][1]   -0.00782926 
_atom_sites.fract_transf_matrix[3][2]   -0.00346046 
_atom_sites.fract_transf_matrix[3][3]   -0.01411297 
_atom_sites.fract_transf_vector[1]      -0.051248 
_atom_sites.fract_transf_vector[2]      0.029324 
_atom_sites.fract_transf_vector[3]      0.050724 
_atom_sites.solution_primary            ? 
_atom_sites.solution_secondary          ? 
_atom_sites.solution_hydrogens          ? 
_atom_sites.special_details             ? 
# 
loop_
_atom_type.symbol 
AS 
C  
N  
O  
P  
# 
loop_
_atom_site.group_PDB 
_atom_site.id 
_atom_site.type_symbol 
_atom_site.label_atom_id 
_atom_site.label_alt_id 
_atom_site.label_comp_id 
_atom_site.label_asym_id 
_atom_site.label_entity_id 
_atom_site.label_seq_id 
_atom_site.pdbx_PDB_ins_code 
_atom_site.Cartn_x 
_atom_site.Cartn_y 
_atom_site.Cartn_z 
_atom_site.occupancy 
_atom_site.B_iso_or_equiv 
_atom_site.pdbx_formal_charge 
_atom_site.auth_seq_id 
_atom_site.auth_comp_id 
_atom_site.auth_asym_id 
_atom_site.auth_atom_id 
_atom_site.pdbx_PDB_model_num 
ATOM   1   O  "O5'" . DG  A 1 1  ? -33.621 -5.910  16.321  1.00 154.22 ? 1   DG  A "O5'" 1 
ATOM   2   C  "C5'" . DG  A 1 1  ? -33.587 -5.615  17.710  1.00 162.95 ? 1   DG  A "C5'" 1 
ATOM   3   C  "C4'" . DG  A 1 1  ? -32.211 -5.897  18.282  1.00 164.77 ? 1   DG  A "C4'" 1 
ATOM   4   O  "O4'" . DG  A 1 1  ? -31.939 -7.328  18.190  1.00 160.50 ? 1   DG  A "O4'" 1 
ATOM   5   C  "C3'" . DG  A 1 1  ? -31.050 -5.196  17.547  1.00 162.75 ? 1   DG  A "C3'" 1 
ATOM   6   O  "O3'" . DG  A 1 1  ? -30.090 -4.662  18.490  1.00 169.13 ? 1   DG  A "O3'" 1 
ATOM   7   C  "C2'" . DG  A 1 1  ? -30.451 -6.330  16.734  1.00 157.68 ? 1   DG  A "C2'" 1 
ATOM   8   C  "C1'" . DG  A 1 1  ? -30.639 -7.485  17.692  1.00 154.37 ? 1   DG  A "C1'" 1 
ATOM   9   N  N9    . DG  A 1 1  ? -30.485 -8.781  17.050  1.00 149.49 ? 1   DG  A N9    1 
ATOM   10  C  C8    . DG  A 1 1  ? -30.955 -9.159  15.814  1.00 146.64 ? 1   DG  A C8    1 
ATOM   11  N  N7    . DG  A 1 1  ? -30.614 -10.375 15.477  1.00 147.31 ? 1   DG  A N7    1 
ATOM   12  C  C5    . DG  A 1 1  ? -29.854 -10.822 16.555  1.00 151.69 ? 1   DG  A C5    1 
ATOM   13  C  C6    . DG  A 1 1  ? -29.212 -12.070 16.769  1.00 151.99 ? 1   DG  A C6    1 
ATOM   14  O  O6    . DG  A 1 1  ? -29.185 -13.065 16.022  1.00 154.24 ? 1   DG  A O6    1 
ATOM   15  N  N1    . DG  A 1 1  ? -28.549 -12.100 18.001  1.00 153.05 ? 1   DG  A N1    1 
ATOM   16  C  C2    . DG  A 1 1  ? -28.515 -11.056 18.906  1.00 151.97 ? 1   DG  A C2    1 
ATOM   17  N  N2    . DG  A 1 1  ? -27.820 -11.265 20.033  1.00 149.15 ? 1   DG  A N2    1 
ATOM   18  N  N3    . DG  A 1 1  ? -29.113 -9.889  18.716  1.00 152.26 ? 1   DG  A N3    1 
ATOM   19  C  C4    . DG  A 1 1  ? -29.761 -9.843  17.525  1.00 152.01 ? 1   DG  A C4    1 
ATOM   20  P  P     . DA  A 1 2  ? -28.910 -3.670  18.007  1.00 159.63 ? 2   DA  A P     1 
ATOM   21  O  OP1   . DA  A 1 2  ? -29.229 -2.306  18.480  1.00 152.36 ? 2   DA  A OP1   1 
ATOM   22  O  OP2   . DA  A 1 2  ? -28.631 -3.894  16.573  1.00 158.07 ? 2   DA  A OP2   1 
ATOM   23  O  "O5'" . DA  A 1 2  ? -27.628 -4.176  18.808  1.00 143.32 ? 2   DA  A "O5'" 1 
ATOM   24  C  "C5'" . DA  A 1 2  ? -27.658 -4.239  20.215  1.00 143.52 ? 2   DA  A "C5'" 1 
ATOM   25  C  "C4'" . DA  A 1 2  ? -26.792 -5.374  20.696  1.00 144.62 ? 2   DA  A "C4'" 1 
ATOM   26  O  "O4'" . DA  A 1 2  ? -27.172 -6.587  19.994  1.00 143.68 ? 2   DA  A "O4'" 1 
ATOM   27  C  "C3'" . DA  A 1 2  ? -25.304 -5.182  20.427  1.00 148.83 ? 2   DA  A "C3'" 1 
ATOM   28  O  "O3'" . DA  A 1 2  ? -24.552 -5.671  21.501  1.00 150.74 ? 2   DA  A "O3'" 1 
ATOM   29  C  "C2'" . DA  A 1 2  ? -25.070 -6.010  19.178  1.00 151.04 ? 2   DA  A "C2'" 1 
ATOM   30  C  "C1'" . DA  A 1 2  ? -26.040 -7.152  19.383  1.00 146.44 ? 2   DA  A "C1'" 1 
ATOM   31  N  N9    . DA  A 1 2  ? -26.437 -7.754  18.125  1.00 150.55 ? 2   DA  A N9    1 
ATOM   32  C  C8    . DA  A 1 2  ? -27.197 -7.179  17.147  1.00 151.42 ? 2   DA  A C8    1 
ATOM   33  N  N7    . DA  A 1 2  ? -27.373 -7.946  16.094  1.00 155.73 ? 2   DA  A N7    1 
ATOM   34  C  C5    . DA  A 1 2  ? -26.663 -9.100  16.400  1.00 157.37 ? 2   DA  A C5    1 
ATOM   35  C  C6    . DA  A 1 2  ? -26.450 -10.309 15.693  1.00 156.82 ? 2   DA  A C6    1 
ATOM   36  N  N6    . DA  A 1 2  ? -26.961 -10.555 14.476  1.00 154.75 ? 2   DA  A N6    1 
ATOM   37  N  N1    . DA  A 1 2  ? -25.690 -11.258 16.290  1.00 153.14 ? 2   DA  A N1    1 
ATOM   38  C  C2    . DA  A 1 2  ? -25.183 -11.010 17.507  1.00 152.45 ? 2   DA  A C2    1 
ATOM   39  N  N3    . DA  A 1 2  ? -25.313 -9.917  18.265  1.00 155.90 ? 2   DA  A N3    1 
ATOM   40  C  C4    . DA  A 1 2  ? -26.073 -8.993  17.647  1.00 156.32 ? 2   DA  A C4    1 
ATOM   41  P  P     . DG  A 1 3  ? -23.009 -5.257  21.655  1.00 157.84 ? 3   DG  A P     1 
ATOM   42  O  OP1   . DG  A 1 3  ? -22.944 -4.237  22.724  1.00 157.11 ? 3   DG  A OP1   1 
ATOM   43  O  OP2   . DG  A 1 3  ? -22.455 -4.952  20.318  1.00 162.16 ? 3   DG  A OP2   1 
ATOM   44  O  "O5'" . DG  A 1 3  ? -22.327 -6.593  22.180  1.00 143.89 ? 3   DG  A "O5'" 1 
ATOM   45  C  "C5'" . DG  A 1 3  ? -22.891 -7.827  21.823  1.00 142.52 ? 3   DG  A "C5'" 1 
ATOM   46  C  "C4'" . DG  A 1 3  ? -21.819 -8.793  21.390  1.00 153.25 ? 3   DG  A "C4'" 1 
ATOM   47  O  "O4'" . DG  A 1 3  ? -22.211 -9.427  20.143  1.00 157.63 ? 3   DG  A "O4'" 1 
ATOM   48  C  "C3'" . DG  A 1 3  ? -20.460 -8.170  21.110  1.00 162.55 ? 3   DG  A "C3'" 1 
ATOM   49  O  "O3'" . DG  A 1 3  ? -19.469 -9.148  21.366  1.00 165.10 ? 3   DG  A "O3'" 1 
ATOM   50  C  "C2'" . DG  A 1 3  ? -20.567 -7.855  19.618  1.00 161.66 ? 3   DG  A "C2'" 1 
ATOM   51  C  "C1'" . DG  A 1 3  ? -21.271 -9.109  19.131  1.00 161.20 ? 3   DG  A "C1'" 1 
ATOM   52  N  N9    . DG  A 1 3  ? -22.002 -8.957  17.871  1.00 160.48 ? 3   DG  A N9    1 
ATOM   53  C  C8    . DG  A 1 3  ? -22.828 -7.916  17.511  1.00 157.09 ? 3   DG  A C8    1 
ATOM   54  N  N7    . DG  A 1 3  ? -23.374 -8.063  16.331  1.00 157.60 ? 3   DG  A N7    1 
ATOM   55  C  C5    . DG  A 1 3  ? -22.888 -9.288  15.879  1.00 158.74 ? 3   DG  A C5    1 
ATOM   56  C  C6    . DG  A 1 3  ? -23.130 -9.977  14.660  1.00 155.11 ? 3   DG  A C6    1 
ATOM   57  O  O6    . DG  A 1 3  ? -23.851 -9.640  13.710  1.00 153.48 ? 3   DG  A O6    1 
ATOM   58  N  N1    . DG  A 1 3  ? -22.441 -11.193 14.605  1.00 153.04 ? 3   DG  A N1    1 
ATOM   59  C  C2    . DG  A 1 3  ? -21.620 -11.685 15.596  1.00 154.24 ? 3   DG  A C2    1 
ATOM   60  N  N2    . DG  A 1 3  ? -21.037 -12.878 15.347  1.00 151.07 ? 3   DG  A N2    1 
ATOM   61  N  N3    . DG  A 1 3  ? -21.378 -11.048 16.745  1.00 155.26 ? 3   DG  A N3    1 
ATOM   62  C  C4    . DG  A 1 3  ? -22.046 -9.859  16.817  1.00 159.34 ? 3   DG  A C4    1 
ATOM   63  P  P     . DC  A 1 4  ? -17.909 -8.776  21.365  1.00 167.25 ? 4   DC  A P     1 
ATOM   64  O  OP1   . DC  A 1 4  ? -17.471 -8.772  22.777  1.00 171.42 ? 4   DC  A OP1   1 
ATOM   65  O  OP2   . DC  A 1 4  ? -17.718 -7.557  20.549  1.00 165.24 ? 4   DC  A OP2   1 
ATOM   66  O  "O5'" . DC  A 1 4  ? -17.250 -10.021 20.602  1.00 159.62 ? 4   DC  A "O5'" 1 
ATOM   67  C  "C5'" . DC  A 1 4  ? -17.989 -10.667 19.570  1.00 158.97 ? 4   DC  A "C5'" 1 
ATOM   68  C  "C4'" . DC  A 1 4  ? -17.161 -11.711 18.837  1.00 165.79 ? 4   DC  A "C4'" 1 
ATOM   69  O  "O4'" . DC  A 1 4  ? -17.794 -11.994 17.563  1.00 161.83 ? 4   DC  A "O4'" 1 
ATOM   70  C  "C3'" . DC  A 1 4  ? -15.743 -11.290 18.473  1.00 167.86 ? 4   DC  A "C3'" 1 
ATOM   71  O  "O3'" . DC  A 1 4  ? -14.925 -12.455 18.245  1.00 172.64 ? 4   DC  A "O3'" 1 
ATOM   72  C  "C2'" . DC  A 1 4  ? -15.976 -10.512 17.184  1.00 158.10 ? 4   DC  A "C2'" 1 
ATOM   73  C  "C1'" . DC  A 1 4  ? -17.103 -11.315 16.525  1.00 156.25 ? 4   DC  A "C1'" 1 
ATOM   74  N  N1    . DC  A 1 4  ? -18.075 -10.454 15.759  1.00 154.87 ? 4   DC  A N1    1 
ATOM   75  C  C2    . DC  A 1 4  ? -18.646 -10.930 14.563  1.00 151.62 ? 4   DC  A C2    1 
ATOM   76  O  O2    . DC  A 1 4  ? -18.362 -12.074 14.163  1.00 145.18 ? 4   DC  A O2    1 
ATOM   77  N  N3    . DC  A 1 4  ? -19.510 -10.123 13.882  1.00 148.26 ? 4   DC  A N3    1 
ATOM   78  C  C4    . DC  A 1 4  ? -19.795 -8.898  14.347  1.00 146.04 ? 4   DC  A C4    1 
ATOM   79  N  N4    . DC  A 1 4  ? -20.648 -8.144  13.642  1.00 143.93 ? 4   DC  A N4    1 
ATOM   80  C  C5    . DC  A 1 4  ? -19.217 -8.397  15.552  1.00 144.60 ? 4   DC  A C5    1 
ATOM   81  C  C6    . DC  A 1 4  ? -18.371 -9.196  16.217  1.00 149.62 ? 4   DC  A C6    1 
ATOM   82  P  P     . DA  A 1 5  ? -13.327 -12.325 18.075  1.00 171.63 ? 5   DA  A P     1 
ATOM   83  O  OP1   . DA  A 1 5  ? -12.686 -13.268 19.022  1.00 164.58 ? 5   DA  A OP1   1 
ATOM   84  O  OP2   . DA  A 1 5  ? -12.977 -10.885 18.103  1.00 166.82 ? 5   DA  A OP2   1 
ATOM   85  O  "O5'" . DA  A 1 5  ? -13.054 -12.869 16.599  1.00 157.19 ? 5   DA  A "O5'" 1 
ATOM   86  C  "C5'" . DA  A 1 5  ? -13.223 -14.247 16.310  1.00 149.15 ? 5   DA  A "C5'" 1 
ATOM   87  C  "C4'" . DA  A 1 5  ? -13.129 -14.489 14.815  1.00 153.11 ? 5   DA  A "C4'" 1 
ATOM   88  O  "O4'" . DA  A 1 5  ? -14.153 -13.722 14.129  1.00 147.18 ? 5   DA  A "O4'" 1 
ATOM   89  C  "C3'" . DA  A 1 5  ? -11.800 -14.098 14.179  1.00 152.64 ? 5   DA  A "C3'" 1 
ATOM   90  O  "O3'" . DA  A 1 5  ? -11.422 -15.074 13.215  1.00 156.95 ? 5   DA  A "O3'" 1 
ATOM   91  C  "C2'" . DA  A 1 5  ? -12.092 -12.738 13.539  1.00 140.75 ? 5   DA  A "C2'" 1 
ATOM   92  C  "C1'" . DA  A 1 5  ? -13.572 -12.845 13.185  1.00 138.32 ? 5   DA  A "C1'" 1 
ATOM   93  N  N9    . DA  A 1 5  ? -14.286 -11.570 13.266  1.00 138.44 ? 5   DA  A N9    1 
ATOM   94  C  C8    . DA  A 1 5  ? -14.195 -10.641 14.265  1.00 141.59 ? 5   DA  A C8    1 
ATOM   95  N  N7    . DA  A 1 5  ? -14.962 -9.588  14.087  1.00 137.86 ? 5   DA  A N7    1 
ATOM   96  C  C5    . DA  A 1 5  ? -15.609 -9.843  12.888  1.00 135.38 ? 5   DA  A C5    1 
ATOM   97  C  C6    . DA  A 1 5  ? -16.564 -9.108  12.142  1.00 135.52 ? 5   DA  A C6    1 
ATOM   98  N  N6    . DA  A 1 5  ? -17.044 -7.915  12.525  1.00 134.47 ? 5   DA  A N6    1 
ATOM   99  N  N1    . DA  A 1 5  ? -17.010 -9.650  10.985  1.00 136.04 ? 5   DA  A N1    1 
ATOM   100 C  C2    . DA  A 1 5  ? -16.527 -10.846 10.606  1.00 134.55 ? 5   DA  A C2    1 
ATOM   101 N  N3    . DA  A 1 5  ? -15.631 -11.628 11.221  1.00 134.52 ? 5   DA  A N3    1 
ATOM   102 C  C4    . DA  A 1 5  ? -15.208 -11.064 12.367  1.00 136.15 ? 5   DA  A C4    1 
ATOM   103 P  P     . DG  A 1 6  ? -9.906  -15.156 12.692  1.00 158.54 ? 6   DG  A P     1 
ATOM   104 O  OP1   . DG  A 1 6  ? -9.513  -16.585 12.639  1.00 144.81 ? 6   DG  A OP1   1 
ATOM   105 O  OP2   . DG  A 1 6  ? -9.099  -14.219 13.507  1.00 153.73 ? 6   DG  A OP2   1 
ATOM   106 O  "O5'" . DG  A 1 6  ? -10.015 -14.599 11.196  1.00 147.38 ? 6   DG  A "O5'" 1 
ATOM   107 C  "C5'" . DG  A 1 6  ? -10.673 -15.381 10.210  1.00 141.77 ? 6   DG  A "C5'" 1 
ATOM   108 C  "C4'" . DG  A 1 6  ? -11.392 -14.508 9.196   1.00 139.72 ? 6   DG  A "C4'" 1 
ATOM   109 O  "O4'" . DG  A 1 6  ? -12.073 -13.433 9.859   1.00 132.76 ? 6   DG  A "O4'" 1 
ATOM   110 C  "C3'" . DG  A 1 6  ? -10.498 -13.828 8.158   1.00 141.99 ? 6   DG  A "C3'" 1 
ATOM   111 O  "O3'" . DG  A 1 6  ? -10.611 -14.502 6.914   1.00 151.44 ? 6   DG  A "O3'" 1 
ATOM   112 C  "C2'" . DG  A 1 6  ? -11.034 -12.386 8.069   1.00 131.56 ? 6   DG  A "C2'" 1 
ATOM   113 C  "C1'" . DG  A 1 6  ? -12.306 -12.444 8.898   1.00 128.68 ? 6   DG  A "C1'" 1 
ATOM   114 N  N9    . DG  A 1 6  ? -12.616 -11.202 9.581   1.00 127.00 ? 6   DG  A N9    1 
ATOM   115 C  C8    . DG  A 1 6  ? -12.098 -10.766 10.774  1.00 127.50 ? 6   DG  A C8    1 
ATOM   116 N  N7    . DG  A 1 6  ? -12.570 -9.612  11.157  1.00 125.47 ? 6   DG  A N7    1 
ATOM   117 C  C5    . DG  A 1 6  ? -13.463 -9.259  10.152  1.00 126.67 ? 6   DG  A C5    1 
ATOM   118 C  C6    . DG  A 1 6  ? -14.279 -8.106  10.017  1.00 122.75 ? 6   DG  A C6    1 
ATOM   119 O  O6    . DG  A 1 6  ? -14.372 -7.143  10.790  1.00 119.32 ? 6   DG  A O6    1 
ATOM   120 N  N1    . DG  A 1 6  ? -15.039 -8.139  8.849   1.00 122.03 ? 6   DG  A N1    1 
ATOM   121 C  C2    . DG  A 1 6  ? -15.013 -9.164  7.921   1.00 128.14 ? 6   DG  A C2    1 
ATOM   122 N  N2    . DG  A 1 6  ? -15.817 -9.024  6.851   1.00 127.42 ? 6   DG  A N2    1 
ATOM   123 N  N3    . DG  A 1 6  ? -14.250 -10.254 8.035   1.00 126.48 ? 6   DG  A N3    1 
ATOM   124 C  C4    . DG  A 1 6  ? -13.505 -10.230 9.172   1.00 126.57 ? 6   DG  A C4    1 
ATOM   125 P  P     . DA  A 1 7  ? -9.757  -14.007 5.647   1.00 157.09 ? 7   DA  A P     1 
ATOM   126 O  OP1   . DA  A 1 7  ? -9.657  -15.131 4.685   1.00 154.60 ? 7   DA  A OP1   1 
ATOM   127 O  OP2   . DA  A 1 7  ? -8.524  -13.379 6.169   1.00 144.08 ? 7   DA  A OP2   1 
ATOM   128 O  "O5'" . DA  A 1 7  ? -10.668 -12.869 5.006   1.00 137.89 ? 7   DA  A "O5'" 1 
ATOM   129 C  "C5'" . DA  A 1 7  ? -12.022 -13.141 4.719   1.00 132.67 ? 7   DA  A "C5'" 1 
ATOM   130 C  "C4'" . DA  A 1 7  ? -12.621 -12.001 3.939   1.00 134.31 ? 7   DA  A "C4'" 1 
ATOM   131 O  "O4'" . DA  A 1 7  ? -13.056 -10.965 4.855   1.00 131.23 ? 7   DA  A "O4'" 1 
ATOM   132 C  "C3'" . DA  A 1 7  ? -11.656 -11.329 2.964   1.00 129.97 ? 7   DA  A "C3'" 1 
ATOM   133 O  "O3'" . DA  A 1 7  ? -12.335 -11.022 1.759   1.00 134.70 ? 7   DA  A "O3'" 1 
ATOM   134 C  "C2'" . DA  A 1 7  ? -11.231 -10.067 3.710   1.00 123.77 ? 7   DA  A "C2'" 1 
ATOM   135 C  "C1'" . DA  A 1 7  ? -12.499 -9.729  4.474   1.00 125.28 ? 7   DA  A "C1'" 1 
ATOM   136 N  N9    . DA  A 1 7  ? -12.262 -8.952  5.683   1.00 123.91 ? 7   DA  A N9    1 
ATOM   137 C  C8    . DA  A 1 7  ? -11.498 -9.322  6.754   1.00 117.89 ? 7   DA  A C8    1 
ATOM   138 N  N7    . DA  A 1 7  ? -11.468 -8.430  7.714   1.00 116.87 ? 7   DA  A N7    1 
ATOM   139 C  C5    . DA  A 1 7  ? -12.275 -7.401  7.247   1.00 118.07 ? 7   DA  A C5    1 
ATOM   140 C  C6    . DA  A 1 7  ? -12.653 -6.160  7.803   1.00 116.42 ? 7   DA  A C6    1 
ATOM   141 N  N6    . DA  A 1 7  ? -12.238 -5.747  9.006   1.00 120.56 ? 7   DA  A N6    1 
ATOM   142 N  N1    . DA  A 1 7  ? -13.469 -5.357  7.080   1.00 110.27 ? 7   DA  A N1    1 
ATOM   143 C  C2    . DA  A 1 7  ? -13.881 -5.779  5.872   1.00 112.69 ? 7   DA  A C2    1 
ATOM   144 N  N3    . DA  A 1 7  ? -13.594 -6.928  5.244   1.00 116.07 ? 7   DA  A N3    1 
ATOM   145 C  C4    . DA  A 1 7  ? -12.777 -7.703  5.995   1.00 121.14 ? 7   DA  A C4    1 
ATOM   146 P  P     . DC  A 1 8  ? -11.514 -10.534 0.468   1.00 138.34 ? 8   DC  A P     1 
ATOM   147 O  OP1   . DC  A 1 8  ? -12.131 -11.131 -0.736  1.00 138.32 ? 8   DC  A OP1   1 
ATOM   148 O  OP2   . DC  A 1 8  ? -10.075 -10.759 0.740   1.00 140.50 ? 8   DC  A OP2   1 
ATOM   149 O  "O5'" . DC  A 1 8  ? -11.804 -8.972  0.419   1.00 122.15 ? 8   DC  A "O5'" 1 
ATOM   150 C  "C5'" . DC  A 1 8  ? -13.132 -8.524  0.339   1.00 115.78 ? 8   DC  A "C5'" 1 
ATOM   151 C  "C4'" . DC  A 1 8  ? -13.195 -7.031  0.547   1.00 120.42 ? 8   DC  A "C4'" 1 
ATOM   152 O  "O4'" . DC  A 1 8  ? -12.883 -6.718  1.928   1.00 122.93 ? 8   DC  A "O4'" 1 
ATOM   153 C  "C3'" . DC  A 1 8  ? -12.219 -6.217  -0.309  1.00 119.00 ? 8   DC  A "C3'" 1 
ATOM   154 O  "O3'" . DC  A 1 8  ? -12.939 -5.196  -0.984  1.00 124.49 ? 8   DC  A "O3'" 1 
ATOM   155 C  "C2'" . DC  A 1 8  ? -11.226 -5.645  0.715   1.00 116.35 ? 8   DC  A "C2'" 1 
ATOM   156 C  "C1'" . DC  A 1 8  ? -12.095 -5.555  1.956   1.00 120.89 ? 8   DC  A "C1'" 1 
ATOM   157 N  N1    . DC  A 1 8  ? -11.336 -5.516  3.257   1.00 117.72 ? 8   DC  A N1    1 
ATOM   158 C  C2    . DC  A 1 8  ? -11.415 -4.373  4.072   1.00 112.38 ? 8   DC  A C2    1 
ATOM   159 O  O2    . DC  A 1 8  ? -12.103 -3.416  3.694   1.00 112.09 ? 8   DC  A O2    1 
ATOM   160 N  N3    . DC  A 1 8  ? -10.733 -4.355  5.245   1.00 102.71 ? 8   DC  A N3    1 
ATOM   161 C  C4    . DC  A 1 8  ? -10.007 -5.413  5.610   1.00 105.20 ? 8   DC  A C4    1 
ATOM   162 N  N4    . DC  A 1 8  ? -9.356  -5.353  6.773   1.00 106.90 ? 8   DC  A N4    1 
ATOM   163 C  C5    . DC  A 1 8  ? -9.918  -6.584  4.800   1.00 107.70 ? 8   DC  A C5    1 
ATOM   164 C  C6    . DC  A 1 8  ? -10.593 -6.594  3.645   1.00 111.61 ? 8   DC  A C6    1 
ATOM   165 P  P     . DA  A 1 9  ? -12.158 -4.025  -1.748  1.00 134.51 ? 9   DA  A P     1 
ATOM   166 O  OP1   . DA  A 1 9  ? -13.057 -3.417  -2.765  1.00 124.01 ? 9   DA  A OP1   1 
ATOM   167 O  OP2   . DA  A 1 9  ? -10.845 -4.609  -2.130  1.00 114.70 ? 9   DA  A OP2   1 
ATOM   168 O  "O5'" . DA  A 1 9  ? -11.969 -2.923  -0.614  1.00 111.00 ? 9   DA  A "O5'" 1 
ATOM   169 C  "C5'" . DA  A 1 9  ? -13.085 -2.513  0.142   1.00 106.85 ? 9   DA  A "C5'" 1 
ATOM   170 C  "C4'" . DA  A 1 9  ? -13.083 -1.008  0.370   1.00 113.54 ? 9   DA  A "C4'" 1 
ATOM   171 O  "O4'" . DA  A 1 9  ? -12.495 -0.692  1.659   1.00 121.89 ? 9   DA  A "O4'" 1 
ATOM   172 C  "C3'" . DA  A 1 9  ? -12.303 -0.180  -0.623  1.00 107.50 ? 9   DA  A "C3'" 1 
ATOM   173 O  "O3'" . DA  A 1 9  ? -12.851 1.118   -0.624  1.00 112.34 ? 9   DA  A "O3'" 1 
ATOM   174 C  "C2'" . DA  A 1 9  ? -10.895 -0.192  -0.015  1.00 110.10 ? 9   DA  A "C2'" 1 
ATOM   175 C  "C1'" . DA  A 1 9  ? -11.201 -0.125  1.487   1.00 114.74 ? 9   DA  A "C1'" 1 
ATOM   176 N  N9    . DA  A 1 9  ? -10.262 -0.876  2.345   1.00 111.88 ? 9   DA  A N9    1 
ATOM   177 C  C8    . DA  A 1 9  ? -9.850  -2.175  2.183   1.00 110.88 ? 9   DA  A C8    1 
ATOM   178 N  N7    . DA  A 1 9  ? -9.023  -2.598  3.119   1.00 103.86 ? 9   DA  A N7    1 
ATOM   179 C  C5    . DA  A 1 9  ? -8.891  -1.510  3.961   1.00 101.16 ? 9   DA  A C5    1 
ATOM   180 C  C6    . DA  A 1 9  ? -8.152  -1.320  5.146   1.00 89.28  ? 9   DA  A C6    1 
ATOM   181 N  N6    . DA  A 1 9  ? -7.382  -2.267  5.696   1.00 82.45  ? 9   DA  A N6    1 
ATOM   182 N  N1    . DA  A 1 9  ? -8.239  -0.112  5.746   1.00 84.40  ? 9   DA  A N1    1 
ATOM   183 C  C2    . DA  A 1 9  ? -9.014  0.834   5.187   1.00 92.49  ? 9   DA  A C2    1 
ATOM   184 N  N3    . DA  A 1 9  ? -9.756  0.773   4.079   1.00 97.08  ? 9   DA  A N3    1 
ATOM   185 C  C4    . DA  A 1 9  ? -9.651  -0.436  3.507   1.00 102.95 ? 9   DA  A C4    1 
ATOM   186 P  P     . DT  A 1 10 ? -12.060 2.331   -1.303  1.00 123.89 ? 10  DT  A P     1 
ATOM   187 O  OP1   . DT  A 1 10 ? -13.019 3.430   -1.581  1.00 118.43 ? 10  DT  A OP1   1 
ATOM   188 O  OP2   . DT  A 1 10 ? -11.247 1.729   -2.389  1.00 123.94 ? 10  DT  A OP2   1 
ATOM   189 O  "O5'" . DT  A 1 10 ? -11.079 2.828   -0.154  1.00 112.15 ? 10  DT  A "O5'" 1 
ATOM   190 C  "C5'" . DT  A 1 10 ? -11.600 3.445   1.007   1.00 113.21 ? 10  DT  A "C5'" 1 
ATOM   191 C  "C4'" . DT  A 1 10 ? -10.703 4.591   1.426   1.00 108.25 ? 10  DT  A "C4'" 1 
ATOM   192 O  "O4'" . DT  A 1 10 ? -9.726  4.127   2.403   1.00 107.87 ? 10  DT  A "O4'" 1 
ATOM   193 C  "C3'" . DT  A 1 10 ? -9.903  5.205   0.288   1.00 104.96 ? 10  DT  A "C3'" 1 
ATOM   194 O  "O3'" . DT  A 1 10 ? -9.831  6.594   0.461   1.00 105.18 ? 10  DT  A "O3'" 1 
ATOM   195 C  "C2'" . DT  A 1 10 ? -8.527  4.542   0.418   1.00 102.56 ? 10  DT  A "C2'" 1 
ATOM   196 C  "C1'" . DT  A 1 10 ? -8.409  4.338   1.923   1.00 99.17  ? 10  DT  A "C1'" 1 
ATOM   197 N  N1    . DT  A 1 10 ? -7.588  3.146   2.306   1.00 87.82  ? 10  DT  A N1    1 
ATOM   198 C  C2    . DT  A 1 10 ? -6.799  3.203   3.429   1.00 88.19  ? 10  DT  A C2    1 
ATOM   199 O  O2    . DT  A 1 10 ? -6.709  4.186   4.140   1.00 87.39  ? 10  DT  A O2    1 
ATOM   200 N  N3    . DT  A 1 10 ? -6.104  2.057   3.690   1.00 86.95  ? 10  DT  A N3    1 
ATOM   201 C  C4    . DT  A 1 10 ? -6.124  0.886   2.961   1.00 86.10  ? 10  DT  A C4    1 
ATOM   202 O  O4    . DT  A 1 10 ? -5.462  -0.093  3.277   1.00 83.10  ? 10  DT  A O4    1 
ATOM   203 C  C5    . DT  A 1 10 ? -6.972  0.897   1.809   1.00 89.75  ? 10  DT  A C5    1 
ATOM   204 C  C7    . DT  A 1 10 ? -7.071  -0.322  0.944   1.00 97.41  ? 10  DT  A C7    1 
ATOM   205 C  C6    . DT  A 1 10 ? -7.659  2.012   1.537   1.00 88.83  ? 10  DT  A C6    1 
ATOM   206 P  P     . DG  A 1 11 ? -9.257  7.508   -0.721  1.00 117.74 ? 11  DG  A P     1 
ATOM   207 O  OP1   . DG  A 1 11 ? -10.272 8.549   -1.001  1.00 115.00 ? 11  DG  A OP1   1 
ATOM   208 O  OP2   . DG  A 1 11 ? -8.756  6.608   -1.798  1.00 106.02 ? 11  DG  A OP2   1 
ATOM   209 O  "O5'" . DG  A 1 11 ? -8.060  8.279   -0.023  1.00 104.66 ? 11  DG  A "O5'" 1 
ATOM   210 C  "C5'" . DG  A 1 11 ? -8.359  9.207   0.995   1.00 102.68 ? 11  DG  A "C5'" 1 
ATOM   211 C  "C4'" . DG  A 1 11 ? -7.132  9.484   1.835   1.00 107.23 ? 11  DG  A "C4'" 1 
ATOM   212 O  "O4'" . DG  A 1 11 ? -6.595  8.234   2.328   1.00 103.17 ? 11  DG  A "O4'" 1 
ATOM   213 C  "C3'" . DG  A 1 11 ? -5.991  10.173  1.096   1.00 102.31 ? 11  DG  A "C3'" 1 
ATOM   214 O  "O3'" . DG  A 1 11 ? -5.415  11.144  1.937   1.00 99.52  ? 11  DG  A "O3'" 1 
ATOM   215 C  "C2'" . DG  A 1 11 ? -5.022  9.031   0.795   1.00 91.12  ? 11  DG  A "C2'" 1 
ATOM   216 C  "C1'" . DG  A 1 11 ? -5.232  8.132   2.000   1.00 93.85  ? 11  DG  A "C1'" 1 
ATOM   217 N  N9    . DG  A 1 11 ? -4.945  6.731   1.737   1.00 92.64  ? 11  DG  A N9    1 
ATOM   218 C  C8    . DG  A 1 11 ? -5.370  5.985   0.666   1.00 93.83  ? 11  DG  A C8    1 
ATOM   219 N  N7    . DG  A 1 11 ? -4.960  4.741   0.707   1.00 93.52  ? 11  DG  A N7    1 
ATOM   220 C  C5    . DG  A 1 11 ? -4.227  4.665   1.886   1.00 86.38  ? 11  DG  A C5    1 
ATOM   221 C  C6    . DG  A 1 11 ? -3.548  3.574   2.464   1.00 86.00  ? 11  DG  A C6    1 
ATOM   222 O  O6    . DG  A 1 11 ? -3.448  2.418   2.034   1.00 89.86  ? 11  DG  A O6    1 
ATOM   223 N  N1    . DG  A 1 11 ? -2.928  3.922   3.665   1.00 81.56  ? 11  DG  A N1    1 
ATOM   224 C  C2    . DG  A 1 11 ? -2.975  5.173   4.228   1.00 84.92  ? 11  DG  A C2    1 
ATOM   225 N  N2    . DG  A 1 11 ? -2.322  5.330   5.392   1.00 88.19  ? 11  DG  A N2    1 
ATOM   226 N  N3    . DG  A 1 11 ? -3.612  6.204   3.698   1.00 85.28  ? 11  DG  A N3    1 
ATOM   227 C  C4    . DG  A 1 11 ? -4.212  5.878   2.534   1.00 86.67  ? 11  DG  A C4    1 
ATOM   228 P  P     . DA  A 1 12 ? -4.187  12.033  1.417   1.00 112.55 ? 12  DA  A P     1 
ATOM   229 O  OP1   . DA  A 1 12 ? -4.408  13.380  1.988   1.00 98.86  ? 12  DA  A OP1   1 
ATOM   230 O  OP2   . DA  A 1 12 ? -4.024  11.855  -0.049  1.00 105.56 ? 12  DA  A OP2   1 
ATOM   231 O  "O5'" . DA  A 1 12 ? -2.929  11.349  2.121   1.00 101.98 ? 12  DA  A "O5'" 1 
ATOM   232 C  "C5'" . DA  A 1 12 ? -2.941  11.151  3.529   1.00 97.59  ? 12  DA  A "C5'" 1 
ATOM   233 C  "C4'" . DA  A 1 12 ? -1.618  10.584  3.998   1.00 94.61  ? 12  DA  A "C4'" 1 
ATOM   234 O  "O4'" . DA  A 1 12 ? -1.634  9.147   3.833   1.00 92.18  ? 12  DA  A "O4'" 1 
ATOM   235 C  "C3'" . DA  A 1 12 ? -0.400  11.104  3.238   1.00 90.68  ? 12  DA  A "C3'" 1 
ATOM   236 O  "O3'" . DA  A 1 12 ? 0.604   11.509  4.143   1.00 91.57  ? 12  DA  A "O3'" 1 
ATOM   237 C  "C2'" . DA  A 1 12 ? 0.046   9.920   2.384   1.00 88.18  ? 12  DA  A "C2'" 1 
ATOM   238 C  "C1'" . DA  A 1 12 ? -0.473  8.723   3.169   1.00 86.27  ? 12  DA  A "C1'" 1 
ATOM   239 N  N9    . DA  A 1 12 ? -0.823  7.590   2.317   1.00 85.00  ? 12  DA  A N9    1 
ATOM   240 C  C8    . DA  A 1 12 ? -1.628  7.606   1.213   1.00 85.15  ? 12  DA  A C8    1 
ATOM   241 N  N7    . DA  A 1 12 ? -1.753  6.430   0.636   1.00 86.60  ? 12  DA  A N7    1 
ATOM   242 C  C5    . DA  A 1 12 ? -0.985  5.589   1.420   1.00 79.03  ? 12  DA  A C5    1 
ATOM   243 C  C6    . DA  A 1 12 ? -0.699  4.214   1.344   1.00 77.07  ? 12  DA  A C6    1 
ATOM   244 N  N6    . DA  A 1 12 ? -1.192  3.417   0.401   1.00 81.12  ? 12  DA  A N6    1 
ATOM   245 N  N1    . DA  A 1 12 ? 0.107   3.686   2.283   1.00 74.90  ? 12  DA  A N1    1 
ATOM   246 C  C2    . DA  A 1 12 ? 0.592   4.488   3.228   1.00 79.59  ? 12  DA  A C2    1 
ATOM   247 N  N3    . DA  A 1 12 ? 0.405   5.794   3.398   1.00 81.33  ? 12  DA  A N3    1 
ATOM   248 C  C4    . DA  A 1 12 ? -0.406  6.287   2.457   1.00 80.31  ? 12  DA  A C4    1 
ATOM   249 P  P     . DC  A 1 13 ? 1.972   12.157  3.601   1.00 101.17 ? 13  DC  A P     1 
ATOM   250 O  OP1   . DC  A 1 13 ? 2.432   13.083  4.661   1.00 87.40  ? 13  DC  A OP1   1 
ATOM   251 O  OP2   . DC  A 1 13 ? 1.802   12.613  2.200   1.00 100.58 ? 13  DC  A OP2   1 
ATOM   252 O  "O5'" . DC  A 1 13 ? 2.966   10.927  3.583   1.00 83.67  ? 13  DC  A "O5'" 1 
ATOM   253 C  "C5'" . DC  A 1 13 ? 3.070   10.151  4.742   1.00 92.31  ? 13  DC  A "C5'" 1 
ATOM   254 C  "C4'" . DC  A 1 13 ? 3.630   8.793   4.421   1.00 90.93  ? 13  DC  A "C4'" 1 
ATOM   255 O  "O4'" . DC  A 1 13 ? 2.757   8.119   3.512   1.00 89.03  ? 13  DC  A "O4'" 1 
ATOM   256 C  "C3'" . DC  A 1 13 ? 4.977   8.817   3.711   1.00 87.48  ? 13  DC  A "C3'" 1 
ATOM   257 O  "O3'" . DC  A 1 13 ? 5.996   8.516   4.612   1.00 93.53  ? 13  DC  A "O3'" 1 
ATOM   258 C  "C2'" . DC  A 1 13 ? 4.863   7.728   2.645   1.00 84.54  ? 13  DC  A "C2'" 1 
ATOM   259 C  "C1'" . DC  A 1 13 ? 3.512   7.107   2.931   1.00 80.58  ? 13  DC  A "C1'" 1 
ATOM   260 N  N1    . DC  A 1 13 ? 2.844   6.648   1.734   1.00 73.73  ? 13  DC  A N1    1 
ATOM   261 C  C2    . DC  A 1 13 ? 2.990   5.319   1.366   1.00 80.94  ? 13  DC  A C2    1 
ATOM   262 O  O2    . DC  A 1 13 ? 3.656   4.573   2.099   1.00 79.27  ? 13  DC  A O2    1 
ATOM   263 N  N3    . DC  A 1 13 ? 2.380   4.881   0.242   1.00 79.31  ? 13  DC  A N3    1 
ATOM   264 C  C4    . DC  A 1 13 ? 1.664   5.730   -0.496  1.00 80.25  ? 13  DC  A C4    1 
ATOM   265 N  N4    . DC  A 1 13 ? 1.079   5.257   -1.599  1.00 83.18  ? 13  DC  A N4    1 
ATOM   266 C  C5    . DC  A 1 13 ? 1.518   7.100   -0.135  1.00 78.22  ? 13  DC  A C5    1 
ATOM   267 C  C6    . DC  A 1 13 ? 2.130   7.514   0.976   1.00 73.58  ? 13  DC  A C6    1 
ATOM   268 P  P     . DT  A 1 14 ? 7.511   8.473   4.095   1.00 107.98 ? 14  DT  A P     1 
ATOM   269 O  OP1   . DT  A 1 14 ? 8.354   8.709   5.287   1.00 117.85 ? 14  DT  A OP1   1 
ATOM   270 O  OP2   . DT  A 1 14 ? 7.638   9.337   2.893   1.00 88.03  ? 14  DT  A OP2   1 
ATOM   271 O  "O5'" . DT  A 1 14 ? 7.700   6.959   3.655   1.00 83.80  ? 14  DT  A "O5'" 1 
ATOM   272 C  "C5'" . DT  A 1 14 ? 7.374   5.941   4.562   1.00 77.07  ? 14  DT  A "C5'" 1 
ATOM   273 C  "C4'" . DT  A 1 14 ? 7.856   4.610   4.038   1.00 83.65  ? 14  DT  A "C4'" 1 
ATOM   274 O  "O4'" . DT  A 1 14 ? 7.012   4.183   2.935   1.00 87.10  ? 14  DT  A "O4'" 1 
ATOM   275 C  "C3'" . DT  A 1 14 ? 9.274   4.609   3.486   1.00 80.78  ? 14  DT  A "C3'" 1 
ATOM   276 O  "O3'" . DT  A 1 14 ? 9.848   3.348   3.739   1.00 89.64  ? 14  DT  A "O3'" 1 
ATOM   277 C  "C2'" . DT  A 1 14 ? 9.043   4.819   1.991   1.00 84.12  ? 14  DT  A "C2'" 1 
ATOM   278 C  "C1'" . DT  A 1 14 ? 7.801   3.975   1.784   1.00 76.19  ? 14  DT  A "C1'" 1 
ATOM   279 N  N1    . DT  A 1 14 ? 6.990   4.348   0.594   1.00 71.18  ? 14  DT  A N1    1 
ATOM   280 C  C2    . DT  A 1 14 ? 6.635   3.371   -0.306  1.00 72.84  ? 14  DT  A C2    1 
ATOM   281 O  O2    . DT  A 1 14 ? 6.972   2.207   -0.193  1.00 76.40  ? 14  DT  A O2    1 
ATOM   282 N  N3    . DT  A 1 14 ? 5.879   3.809   -1.360  1.00 69.12  ? 14  DT  A N3    1 
ATOM   283 C  C4    . DT  A 1 14 ? 5.444   5.097   -1.598  1.00 74.06  ? 14  DT  A C4    1 
ATOM   284 O  O4    . DT  A 1 14 ? 4.761   5.394   -2.575  1.00 73.29  ? 14  DT  A O4    1 
ATOM   285 C  C5    . DT  A 1 14 ? 5.844   6.067   -0.614  1.00 75.70  ? 14  DT  A C5    1 
ATOM   286 C  C7    . DT  A 1 14 ? 5.424   7.496   -0.772  1.00 81.77  ? 14  DT  A C7    1 
ATOM   287 C  C6    . DT  A 1 14 ? 6.589   5.656   0.427   1.00 72.08  ? 14  DT  A C6    1 
ATOM   288 P  P     . DC  A 1 15 ? 11.431  3.128   3.634   1.00 94.39  ? 15  DC  A P     1 
ATOM   289 O  OP1   . DC  A 1 15 ? 11.890  2.631   4.954   1.00 87.38  ? 15  DC  A OP1   1 
ATOM   290 O  OP2   . DC  A 1 15 ? 12.009  4.351   3.010   1.00 84.60  ? 15  DC  A OP2   1 
ATOM   291 O  "O5'" . DC  A 1 15 ? 11.563  1.900   2.633   1.00 73.40  ? 15  DC  A "O5'" 1 
ATOM   292 C  "C5'" . DC  A 1 15 ? 10.536  1.639   1.707   1.00 76.08  ? 15  DC  A "C5'" 1 
ATOM   293 C  "C4'" . DC  A 1 15 ? 10.839  0.363   0.971   1.00 81.73  ? 15  DC  A "C4'" 1 
ATOM   294 O  "O4'" . DC  A 1 15 ? 9.963   0.239   -0.167  1.00 82.65  ? 15  DC  A "O4'" 1 
ATOM   295 C  "C3'" . DC  A 1 15 ? 12.246  0.291   0.419   1.00 88.57  ? 15  DC  A "C3'" 1 
ATOM   296 O  "O3'" . DC  A 1 15 ? 12.704  -1.041  0.428   1.00 93.89  ? 15  DC  A "O3'" 1 
ATOM   297 C  "C2'" . DC  A 1 15 ? 12.107  0.850   -1.001  1.00 85.64  ? 15  DC  A "C2'" 1 
ATOM   298 C  "C1'" . DC  A 1 15 ? 10.650  0.550   -1.358  1.00 78.73  ? 15  DC  A "C1'" 1 
ATOM   299 N  N1    . DC  A 1 15 ? 9.937   1.681   -2.001  1.00 70.92  ? 15  DC  A N1    1 
ATOM   300 C  C2    . DC  A 1 15 ? 9.224   1.447   -3.180  1.00 68.95  ? 15  DC  A C2    1 
ATOM   301 O  O2    . DC  A 1 15 ? 9.231   0.302   -3.648  1.00 67.09  ? 15  DC  A O2    1 
ATOM   302 N  N3    . DC  A 1 15 ? 8.564   2.475   -3.772  1.00 62.21  ? 15  DC  A N3    1 
ATOM   303 C  C4    . DC  A 1 15 ? 8.594   3.688   -3.222  1.00 66.71  ? 15  DC  A C4    1 
ATOM   304 N  N4    . DC  A 1 15 ? 7.933   4.669   -3.833  1.00 64.82  ? 15  DC  A N4    1 
ATOM   305 C  C5    . DC  A 1 15 ? 9.314   3.948   -2.010  1.00 74.95  ? 15  DC  A C5    1 
ATOM   306 C  C6    . DC  A 1 15 ? 9.958   2.922   -1.435  1.00 67.94  ? 15  DC  A C6    1 
ATOM   307 P  P     . DC  A 1 16 ? 14.270  -1.326  0.252   1.00 99.67  ? 16  DC  A P     1 
ATOM   308 O  OP1   . DC  A 1 16 ? 14.548  -2.668  0.815   1.00 93.49  ? 16  DC  A OP1   1 
ATOM   309 O  OP2   . DC  A 1 16 ? 14.991  -0.103  0.698   1.00 80.29  ? 16  DC  A OP2   1 
ATOM   310 O  "O5'" . DC  A 1 16 ? 14.438  -1.448  -1.319  1.00 89.11  ? 16  DC  A "O5'" 1 
ATOM   311 C  "C5'" . DC  A 1 16 ? 13.795  -2.489  -2.003  1.00 83.92  ? 16  DC  A "C5'" 1 
ATOM   312 C  "C4'" . DC  A 1 16 ? 13.988  -2.317  -3.488  1.00 93.45  ? 16  DC  A "C4'" 1 
ATOM   313 O  "O4'" . DC  A 1 16 ? 13.160  -1.232  -3.981  1.00 90.52  ? 16  DC  A "O4'" 1 
ATOM   314 C  "C3'" . DC  A 1 16 ? 15.410  -1.940  -3.907  1.00 94.35  ? 16  DC  A "C3'" 1 
ATOM   315 O  "O3'" . DC  A 1 16 ? 15.672  -2.544  -5.129  1.00 91.42  ? 16  DC  A "O3'" 1 
ATOM   316 C  "C2'" . DC  A 1 16 ? 15.307  -0.431  -4.084  1.00 84.44  ? 16  DC  A "C2'" 1 
ATOM   317 C  "C1'" . DC  A 1 16 ? 13.975  -0.401  -4.780  1.00 82.74  ? 16  DC  A "C1'" 1 
ATOM   318 N  N1    . DC  A 1 16 ? 13.360  0.900   -4.866  1.00 76.23  ? 16  DC  A N1    1 
ATOM   319 C  C2    . DC  A 1 16 ? 12.451  1.148   -5.898  1.00 78.60  ? 16  DC  A C2    1 
ATOM   320 O  O2    . DC  A 1 16 ? 12.215  0.240   -6.709  1.00 76.53  ? 16  DC  A O2    1 
ATOM   321 N  N3    . DC  A 1 16 ? 11.860  2.364   -5.980  1.00 76.78  ? 16  DC  A N3    1 
ATOM   322 C  C4    . DC  A 1 16 ? 12.151  3.302   -5.071  1.00 77.71  ? 16  DC  A C4    1 
ATOM   323 N  N4    . DC  A 1 16 ? 11.541  4.486   -5.174  1.00 80.87  ? 16  DC  A N4    1 
ATOM   324 C  C5    . DC  A 1 16 ? 13.077  3.060   -4.010  1.00 80.02  ? 16  DC  A C5    1 
ATOM   325 C  C6    . DC  A 1 16 ? 13.652  1.852   -3.948  1.00 78.56  ? 16  DC  A C6    1 
ATOM   326 P  P     . DA  A 1 17 ? 17.042  -3.331  -5.334  1.00 104.75 ? 17  DA  A P     1 
ATOM   327 O  OP1   . DA  A 1 17 ? 17.051  -4.507  -4.418  1.00 89.21  ? 17  DA  A OP1   1 
ATOM   328 O  OP2   . DA  A 1 17 ? 18.080  -2.270  -5.268  1.00 100.62 ? 17  DA  A OP2   1 
ATOM   329 O  "O5'" . DA  A 1 17 ? 16.952  -3.848  -6.839  1.00 96.42  ? 17  DA  A "O5'" 1 
ATOM   330 C  "C5'" . DA  A 1 17 ? 15.878  -4.653  -7.243  1.00 81.41  ? 17  DA  A "C5'" 1 
ATOM   331 C  "C4'" . DA  A 1 17 ? 15.336  -4.165  -8.567  1.00 80.46  ? 17  DA  A "C4'" 1 
ATOM   332 O  "O4'" . DA  A 1 17 ? 14.858  -2.807  -8.430  1.00 85.57  ? 17  DA  A "O4'" 1 
ATOM   333 C  "C3'" . DA  A 1 17 ? 16.335  -4.138  -9.705  1.00 89.95  ? 17  DA  A "C3'" 1 
ATOM   334 O  "O3'" . DA  A 1 17 ? 15.687  -4.567  -10.878 1.00 94.03  ? 17  DA  A "O3'" 1 
ATOM   335 C  "C2'" . DA  A 1 17 ? 16.766  -2.661  -9.780  1.00 85.48  ? 17  DA  A "C2'" 1 
ATOM   336 C  "C1'" . DA  A 1 17 ? 15.501  -1.950  -9.352  1.00 83.54  ? 17  DA  A "C1'" 1 
ATOM   337 N  N9    . DA  A 1 17 ? 15.699  -0.687  -8.656  1.00 89.31  ? 17  DA  A N9    1 
ATOM   338 C  C8    . DA  A 1 17 ? 16.531  -0.445  -7.594  1.00 86.43  ? 17  DA  A C8    1 
ATOM   339 N  N7    . DA  A 1 17 ? 16.445  0.783   -7.126  1.00 84.42  ? 17  DA  A N7    1 
ATOM   340 C  C5    . DA  A 1 17 ? 15.467  1.378   -7.916  1.00 83.85  ? 17  DA  A C5    1 
ATOM   341 C  C6    . DA  A 1 17 ? 14.901  2.679   -7.935  1.00 84.18  ? 17  DA  A C6    1 
ATOM   342 N  N6    . DA  A 1 17 ? 15.262  3.654   -7.091  1.00 82.74  ? 17  DA  A N6    1 
ATOM   343 N  N1    . DA  A 1 17 ? 13.940  2.937   -8.857  1.00 82.90  ? 17  DA  A N1    1 
ATOM   344 C  C2    . DA  A 1 17 ? 13.580  1.958   -9.700  1.00 84.57  ? 17  DA  A C2    1 
ATOM   345 N  N3    . DA  A 1 17 ? 14.039  0.704   -9.781  1.00 83.50  ? 17  DA  A N3    1 
ATOM   346 C  C4    . DA  A 1 17 ? 14.987  0.478   -8.853  1.00 87.12  ? 17  DA  A C4    1 
ATOM   347 P  P     . DC  A 1 18 ? 16.533  -4.900  -12.196 1.00 104.53 ? 18  DC  A P     1 
ATOM   348 O  OP1   . DC  A 1 18 ? 15.740  -5.873  -12.989 1.00 92.26  ? 18  DC  A OP1   1 
ATOM   349 O  OP2   . DC  A 1 18 ? 17.925  -5.207  -11.785 1.00 102.71 ? 18  DC  A OP2   1 
ATOM   350 O  "O5'" . DC  A 1 18 ? 16.495  -3.529  -12.996 1.00 85.32  ? 18  DC  A "O5'" 1 
ATOM   351 C  "C5'" . DC  A 1 18 ? 15.307  -3.183  -13.617 1.00 86.84  ? 18  DC  A "C5'" 1 
ATOM   352 C  "C4'" . DC  A 1 18 ? 15.224  -1.703  -13.845 1.00 91.09  ? 18  DC  A "C4'" 1 
ATOM   353 O  "O4'" . DC  A 1 18 ? 15.635  -0.977  -12.690 1.00 90.38  ? 18  DC  A "O4'" 1 
ATOM   354 C  "C3'" . DC  A 1 18 ? 16.118  -1.171  -14.946 1.00 95.95  ? 18  DC  A "C3'" 1 
ATOM   355 O  "O3'" . DC  A 1 18 ? 15.379  -1.125  -16.123 1.00 101.18 ? 18  DC  A "O3'" 1 
ATOM   356 C  "C2'" . DC  A 1 18 ? 16.513  0.244   -14.454 1.00 89.35  ? 18  DC  A "C2'" 1 
ATOM   357 C  "C1'" . DC  A 1 18 ? 15.752  0.345   -13.139 1.00 91.17  ? 18  DC  A "C1'" 1 
ATOM   358 N  N1    . DC  A 1 18 ? 16.384  1.156   -12.083 1.00 89.78  ? 18  DC  A N1    1 
ATOM   359 C  C2    . DC  A 1 18 ? 15.956  2.476   -11.889 1.00 91.23  ? 18  DC  A C2    1 
ATOM   360 O  O2    . DC  A 1 18 ? 15.088  2.949   -12.640 1.00 89.68  ? 18  DC  A O2    1 
ATOM   361 N  N3    . DC  A 1 18 ? 16.517  3.203   -10.888 1.00 89.09  ? 18  DC  A N3    1 
ATOM   362 C  C4    . DC  A 1 18 ? 17.443  2.654   -10.109 1.00 87.77  ? 18  DC  A C4    1 
ATOM   363 N  N4    . DC  A 1 18 ? 17.970  3.406   -9.138  1.00 93.02  ? 18  DC  A N4    1 
ATOM   364 C  C5    . DC  A 1 18 ? 17.876  1.305   -10.286 1.00 85.69  ? 18  DC  A C5    1 
ATOM   365 C  C6    . DC  A 1 18 ? 17.317  0.597   -11.270 1.00 84.39  ? 18  DC  A C6    1 
ATOM   366 P  P     . DT  A 1 19 ? 16.110  -0.779  -17.499 1.00 118.86 ? 19  DT  A P     1 
ATOM   367 O  OP1   . DT  A 1 19 ? 15.252  -1.327  -18.578 1.00 111.38 ? 19  DT  A OP1   1 
ATOM   368 O  OP2   . DT  A 1 19 ? 17.515  -1.244  -17.360 1.00 102.64 ? 19  DT  A OP2   1 
ATOM   369 O  "O5'" . DT  A 1 19 ? 16.001  0.816   -17.560 1.00 94.42  ? 19  DT  A "O5'" 1 
ATOM   370 C  "C5'" . DT  A 1 19 ? 14.719  1.380   -17.454 1.00 94.59  ? 19  DT  A "C5'" 1 
ATOM   371 C  "C4'" . DT  A 1 19 ? 14.753  2.888   -17.475 1.00 96.60  ? 19  DT  A "C4'" 1 
ATOM   372 O  "O4'" . DT  A 1 19 ? 15.325  3.397   -16.252 1.00 95.13  ? 19  DT  A "O4'" 1 
ATOM   373 C  "C3'" . DT  A 1 19 ? 15.552  3.508   -18.600 1.00 102.23 ? 19  DT  A "C3'" 1 
ATOM   374 O  "O3'" . DT  A 1 19 ? 14.854  4.618   -19.046 1.00 101.66 ? 19  DT  A "O3'" 1 
ATOM   375 C  "C2'" . DT  A 1 19 ? 16.848  3.919   -17.906 1.00 111.27 ? 19  DT  A "C2'" 1 
ATOM   376 C  "C1'" . DT  A 1 19 ? 16.305  4.355   -16.563 1.00 100.64 ? 19  DT  A "C1'" 1 
ATOM   377 N  N1    . DT  A 1 19 ? 17.279  4.340   -15.456 1.00 95.51  ? 19  DT  A N1    1 
ATOM   378 C  C2    . DT  A 1 19 ? 17.320  5.406   -14.591 1.00 96.88  ? 19  DT  A C2    1 
ATOM   379 O  O2    . DT  A 1 19 ? 16.621  6.400   -14.728 1.00 99.64  ? 19  DT  A O2    1 
ATOM   380 N  N3    . DT  A 1 19 ? 18.224  5.278   -13.568 1.00 92.47  ? 19  DT  A N3    1 
ATOM   381 C  C4    . DT  A 1 19 ? 19.059  4.205   -13.325 1.00 94.60  ? 19  DT  A C4    1 
ATOM   382 O  O4    . DT  A 1 19 ? 19.839  4.181   -12.375 1.00 99.92  ? 19  DT  A O4    1 
ATOM   383 C  C5    . DT  A 1 19 ? 18.956  3.116   -14.261 1.00 88.02  ? 19  DT  A C5    1 
ATOM   384 C  C7    . DT  A 1 19 ? 19.816  1.902   -14.094 1.00 86.98  ? 19  DT  A C7    1 
ATOM   385 C  C6    . DT  A 1 19 ? 18.075  3.230   -15.264 1.00 91.14  ? 19  DT  A C6    1 
ATOM   386 P  P     . DC  A 1 20 ? 14.746  4.914   -20.612 1.00 116.99 ? 20  DC  A P     1 
ATOM   387 O  OP1   . DC  A 1 20 ? 13.318  4.847   -20.992 1.00 126.56 ? 20  DC  A OP1   1 
ATOM   388 O  OP2   . DC  A 1 20 ? 15.719  4.020   -21.289 1.00 108.34 ? 20  DC  A OP2   1 
ATOM   389 O  "O5'" . DC  A 1 20 ? 15.210  6.438   -20.703 1.00 121.74 ? 20  DC  A "O5'" 1 
ATOM   390 C  "C5'" . DC  A 1 20 ? 14.956  7.308   -19.601 1.00 121.36 ? 20  DC  A "C5'" 1 
ATOM   391 C  "C4'" . DC  A 1 20 ? 16.099  8.286   -19.420 1.00 125.94 ? 20  DC  A "C4'" 1 
ATOM   392 O  "O4'" . DC  A 1 20 ? 17.000  7.819   -18.378 1.00 122.50 ? 20  DC  A "O4'" 1 
ATOM   393 C  "C3'" . DC  A 1 20 ? 16.969  8.490   -20.667 1.00 131.07 ? 20  DC  A "C3'" 1 
ATOM   394 O  "O3'" . DC  A 1 20 ? 17.190  9.870   -20.864 1.00 136.13 ? 20  DC  A "O3'" 1 
ATOM   395 C  "C2'" . DC  A 1 20 ? 18.269  7.765   -20.309 1.00 123.64 ? 20  DC  A "C2'" 1 
ATOM   396 C  "C1'" . DC  A 1 20 ? 18.324  8.017   -18.816 1.00 122.55 ? 20  DC  A "C1'" 1 
ATOM   397 N  N1    . DC  A 1 20 ? 19.240  7.100   -18.066 1.00 115.77 ? 20  DC  A N1    1 
ATOM   398 C  C2    . DC  A 1 20 ? 19.716  7.475   -16.794 1.00 114.48 ? 20  DC  A C2    1 
ATOM   399 O  O2    . DC  A 1 20 ? 19.354  8.558   -16.317 1.00 114.88 ? 20  DC  A O2    1 
ATOM   400 N  N3    . DC  A 1 20 ? 20.552  6.638   -16.122 1.00 108.57 ? 20  DC  A N3    1 
ATOM   401 C  C4    . DC  A 1 20 ? 20.911  5.473   -16.677 1.00 105.57 ? 20  DC  A C4    1 
ATOM   402 N  N4    . DC  A 1 20 ? 21.733  4.677   -15.986 1.00 101.99 ? 20  DC  A N4    1 
ATOM   403 C  C5    . DC  A 1 20 ? 20.442  5.078   -17.971 1.00 104.65 ? 20  DC  A C5    1 
ATOM   404 C  C6    . DC  A 1 20 ? 19.621  5.913   -18.622 1.00 108.02 ? 20  DC  A C6    1 
ATOM   405 P  P     . DA  A 1 21 ? 16.642  10.602  -22.180 1.00 143.09 ? 21  DA  A P     1 
ATOM   406 O  OP1   . DA  A 1 21 ? 15.219  10.236  -22.356 1.00 143.06 ? 21  DA  A OP1   1 
ATOM   407 O  OP2   . DA  A 1 21 ? 17.608  10.300  -23.262 1.00 138.35 ? 21  DA  A OP2   1 
ATOM   408 O  "O5'" . DA  A 1 21 ? 16.750  12.162  -21.810 1.00 144.08 ? 21  DA  A "O5'" 1 
ATOM   409 C  "C5'" . DA  A 1 21 ? 16.152  12.659  -20.603 1.00 141.17 ? 21  DA  A "C5'" 1 
ATOM   410 C  "C4'" . DA  A 1 21 ? 17.191  13.295  -19.674 1.00 148.81 ? 21  DA  A "C4'" 1 
ATOM   411 O  "O4'" . DA  A 1 21 ? 18.116  12.286  -19.183 1.00 144.93 ? 21  DA  A "O4'" 1 
ATOM   412 C  "C3'" . DA  A 1 21 ? 18.065  14.389  -20.287 1.00 149.03 ? 21  DA  A "C3'" 1 
ATOM   413 O  "O3'" . DA  A 1 21 ? 18.328  15.395  -19.314 1.00 146.82 ? 21  DA  A "O3'" 1 
ATOM   414 C  "C2'" . DA  A 1 21 ? 19.338  13.631  -20.653 1.00 145.21 ? 21  DA  A "C2'" 1 
ATOM   415 C  "C1'" . DA  A 1 21 ? 19.446  12.665  -19.486 1.00 138.00 ? 21  DA  A "C1'" 1 
ATOM   416 N  N9    . DA  A 1 21 ? 20.197  11.451  -19.787 1.00 136.60 ? 21  DA  A N9    1 
ATOM   417 C  C8    . DA  A 1 21 ? 20.150  10.714  -20.941 1.00 134.14 ? 21  DA  A C8    1 
ATOM   418 N  N7    . DA  A 1 21 ? 20.921  9.653   -20.926 1.00 128.16 ? 21  DA  A N7    1 
ATOM   419 C  C5    . DA  A 1 21 ? 21.505  9.688   -19.671 1.00 129.27 ? 21  DA  A C5    1 
ATOM   420 C  C6    . DA  A 1 21 ? 22.424  8.837   -19.034 1.00 129.35 ? 21  DA  A C6    1 
ATOM   421 N  N6    . DA  A 1 21 ? 22.930  7.742   -19.613 1.00 121.13 ? 21  DA  A N6    1 
ATOM   422 N  N1    . DA  A 1 21 ? 22.804  9.159   -17.774 1.00 131.14 ? 21  DA  A N1    1 
ATOM   423 C  C2    . DA  A 1 21 ? 22.295  10.260  -17.202 1.00 130.38 ? 21  DA  A C2    1 
ATOM   424 N  N3    . DA  A 1 21 ? 21.425  11.136  -17.704 1.00 128.96 ? 21  DA  A N3    1 
ATOM   425 C  C4    . DA  A 1 21 ? 21.067  10.788  -18.953 1.00 132.48 ? 21  DA  A C4    1 
ATOM   426 P  P     . DA  B 2 1  ? -0.027  -3.500  -7.803  1.00 76.93  ? 1   DA  B P     1 
ATOM   427 O  OP1   . DA  B 2 1  ? -0.354  -4.796  -8.446  1.00 67.00  ? 1   DA  B OP1   1 
ATOM   428 O  OP2   . DA  B 2 1  ? -0.925  -2.334  -7.996  1.00 57.85  ? 1   DA  B OP2   1 
ATOM   429 O  "O5'" . DA  B 2 1  ? 1.455   -3.081  -8.261  1.00 61.65  ? 1   DA  B "O5'" 1 
ATOM   430 C  "C5'" . DA  B 2 1  ? 2.479   -4.084  -8.379  1.00 68.31  ? 1   DA  B "C5'" 1 
ATOM   431 C  "C4'" . DA  B 2 1  ? 3.581   -3.901  -7.335  1.00 65.12  ? 1   DA  B "C4'" 1 
ATOM   432 O  "O4'" . DA  B 2 1  ? 4.081   -2.563  -7.416  1.00 62.54  ? 1   DA  B "O4'" 1 
ATOM   433 C  "C3'" . DA  B 2 1  ? 3.158   -4.052  -5.882  1.00 60.87  ? 1   DA  B "C3'" 1 
ATOM   434 O  "O3'" . DA  B 2 1  ? 3.207   -5.406  -5.486  1.00 59.06  ? 1   DA  B "O3'" 1 
ATOM   435 C  "C2'" . DA  B 2 1  ? 4.209   -3.231  -5.141  1.00 54.43  ? 1   DA  B "C2'" 1 
ATOM   436 C  "C1'" . DA  B 2 1  ? 4.612   -2.187  -6.169  1.00 50.89  ? 1   DA  B "C1'" 1 
ATOM   437 N  N9    . DA  B 2 1  ? 4.145   -0.862  -5.894  1.00 51.75  ? 1   DA  B N9    1 
ATOM   438 C  C8    . DA  B 2 1  ? 3.293   -0.126  -6.650  1.00 58.86  ? 1   DA  B C8    1 
ATOM   439 N  N7    . DA  B 2 1  ? 3.073   1.076   -6.184  1.00 53.99  ? 1   DA  B N7    1 
ATOM   440 C  C5    . DA  B 2 1  ? 3.838   1.124   -5.047  1.00 55.17  ? 1   DA  B C5    1 
ATOM   441 C  C6    . DA  B 2 1  ? 4.046   2.127   -4.096  1.00 60.82  ? 1   DA  B C6    1 
ATOM   442 N  N6    . DA  B 2 1  ? 3.459   3.330   -4.152  1.00 68.01  ? 1   DA  B N6    1 
ATOM   443 N  N1    . DA  B 2 1  ? 4.875   1.854   -3.076  1.00 64.72  ? 1   DA  B N1    1 
ATOM   444 C  C2    . DA  B 2 1  ? 5.461   0.651   -3.030  1.00 67.62  ? 1   DA  B C2    1 
ATOM   445 N  N3    . DA  B 2 1  ? 5.347   -0.375  -3.874  1.00 61.52  ? 1   DA  B N3    1 
ATOM   446 C  C4    . DA  B 2 1  ? 4.511   -0.065  -4.861  1.00 57.76  ? 1   DA  B C4    1 
ATOM   447 P  P     . DG  B 2 2  ? 2.227   -5.912  -4.319  1.00 75.96  ? 2   DG  B P     1 
ATOM   448 O  OP1   . DG  B 2 2  ? 2.299   -7.393  -4.216  1.00 77.81  ? 2   DG  B OP1   1 
ATOM   449 O  OP2   . DG  B 2 2  ? 0.910   -5.275  -4.590  1.00 72.74  ? 2   DG  B OP2   1 
ATOM   450 O  "O5'" . DG  B 2 2  ? 2.855   -5.256  -2.998  1.00 63.67  ? 2   DG  B "O5'" 1 
ATOM   451 C  "C5'" . DG  B 2 2  ? 4.109   -5.714  -2.500  1.00 67.51  ? 2   DG  B "C5'" 1 
ATOM   452 C  "C4'" . DG  B 2 2  ? 4.593   -4.777  -1.430  1.00 65.56  ? 2   DG  B "C4'" 1 
ATOM   453 O  "O4'" . DG  B 2 2  ? 4.423   -3.460  -1.934  1.00 61.57  ? 2   DG  B "O4'" 1 
ATOM   454 C  "C3'" . DG  B 2 2  ? 3.755   -4.808  -0.166  1.00 82.24  ? 2   DG  B "C3'" 1 
ATOM   455 O  "O3'" . DG  B 2 2  ? 4.387   -5.542  0.847   1.00 86.87  ? 2   DG  B "O3'" 1 
ATOM   456 C  "C2'" . DG  B 2 2  ? 3.603   -3.345  0.253   1.00 77.64  ? 2   DG  B "C2'" 1 
ATOM   457 C  "C1'" . DG  B 2 2  ? 4.223   -2.571  -0.878  1.00 68.12  ? 2   DG  B "C1'" 1 
ATOM   458 N  N9    . DG  B 2 2  ? 3.356   -1.535  -1.349  1.00 63.18  ? 2   DG  B N9    1 
ATOM   459 C  C8    . DG  B 2 2  ? 2.484   -1.610  -2.401  1.00 60.60  ? 2   DG  B C8    1 
ATOM   460 N  N7    . DG  B 2 2  ? 1.835   -0.503  -2.606  1.00 62.15  ? 2   DG  B N7    1 
ATOM   461 C  C5    . DG  B 2 2  ? 2.293   0.346   -1.614  1.00 62.73  ? 2   DG  B C5    1 
ATOM   462 C  C6    . DG  B 2 2  ? 1.938   1.679   -1.322  1.00 68.08  ? 2   DG  B C6    1 
ATOM   463 O  O6    . DG  B 2 2  ? 1.118   2.396   -1.906  1.00 69.59  ? 2   DG  B O6    1 
ATOM   464 N  N1    . DG  B 2 2  ? 2.644   2.174   -0.236  1.00 72.16  ? 2   DG  B N1    1 
ATOM   465 C  C2    . DG  B 2 2  ? 3.580   1.464   0.483   1.00 78.39  ? 2   DG  B C2    1 
ATOM   466 N  N2    . DG  B 2 2  ? 4.159   2.110   1.502   1.00 78.87  ? 2   DG  B N2    1 
ATOM   467 N  N3    . DG  B 2 2  ? 3.925   0.203   0.221   1.00 69.18  ? 2   DG  B N3    1 
ATOM   468 C  C4    . DG  B 2 2  ? 3.234   -0.284  -0.832  1.00 64.21  ? 2   DG  B C4    1 
ATOM   469 P  P     . DT  B 2 3  ? 3.610   -5.716  2.243   1.00 114.79 ? 3   DT  B P     1 
ATOM   470 O  OP1   . DT  B 2 3  ? 4.359   -6.735  3.016   1.00 114.86 ? 3   DT  B OP1   1 
ATOM   471 O  OP2   . DT  B 2 3  ? 2.151   -5.846  1.960   1.00 85.61  ? 3   DT  B OP2   1 
ATOM   472 O  "O5'" . DT  B 2 3  ? 3.779   -4.304  2.972   1.00 86.47  ? 3   DT  B "O5'" 1 
ATOM   473 C  "C5'" . DT  B 2 3  ? 5.036   -3.927  3.452   1.00 80.09  ? 3   DT  B "C5'" 1 
ATOM   474 C  "C4'" . DT  B 2 3  ? 4.921   -2.702  4.330   1.00 75.31  ? 3   DT  B "C4'" 1 
ATOM   475 O  "O4'" . DT  B 2 3  ? 4.316   -1.633  3.585   1.00 79.70  ? 3   DT  B "O4'" 1 
ATOM   476 C  "C3'" . DT  B 2 3  ? 4.084   -2.883  5.591   1.00 72.73  ? 3   DT  B "C3'" 1 
ATOM   477 O  "O3'" . DT  B 2 3  ? 4.807   -2.401  6.683   1.00 78.36  ? 3   DT  B "O3'" 1 
ATOM   478 C  "C2'" . DT  B 2 3  ? 2.832   -2.051  5.337   1.00 72.90  ? 3   DT  B "C2'" 1 
ATOM   479 C  "C1'" . DT  B 2 3  ? 3.329   -1.007  4.352   1.00 73.19  ? 3   DT  B "C1'" 1 
ATOM   480 N  N1    . DT  B 2 3  ? 2.293   -0.571  3.428   1.00 72.87  ? 3   DT  B N1    1 
ATOM   481 C  C2    . DT  B 2 3  ? 1.902   0.741   3.423   1.00 73.26  ? 3   DT  B C2    1 
ATOM   482 O  O2    . DT  B 2 3  ? 2.379   1.577   4.166   1.00 76.38  ? 3   DT  B O2    1 
ATOM   483 N  N3    . DT  B 2 3  ? 0.927   1.042   2.515   1.00 73.72  ? 3   DT  B N3    1 
ATOM   484 C  C4    . DT  B 2 3  ? 0.324   0.178   1.627   1.00 73.98  ? 3   DT  B C4    1 
ATOM   485 O  O4    . DT  B 2 3  ? -0.548  0.544   0.843   1.00 77.36  ? 3   DT  B O4    1 
ATOM   486 C  C5    . DT  B 2 3  ? 0.792   -1.186  1.680   1.00 69.66  ? 3   DT  B C5    1 
ATOM   487 C  C7    . DT  B 2 3  ? 0.212   -2.214  0.761   1.00 74.40  ? 3   DT  B C7    1 
ATOM   488 C  C6    . DT  B 2 3  ? 1.743   -1.491  2.565   1.00 69.30  ? 3   DT  B C6    1 
ATOM   489 P  P     . DC  B 2 4  ? 4.215   -2.537  8.163   1.00 80.47  ? 4   DC  B P     1 
ATOM   490 O  OP1   . DC  B 2 4  ? 5.411   -2.495  9.043   1.00 64.33  ? 4   DC  B OP1   1 
ATOM   491 O  OP2   . DC  B 2 4  ? 3.260   -3.673  8.257   1.00 75.37  ? 4   DC  B OP2   1 
ATOM   492 O  "O5'" . DC  B 2 4  ? 3.387   -1.187  8.312   1.00 65.74  ? 4   DC  B "O5'" 1 
ATOM   493 C  "C5'" . DC  B 2 4  ? 4.086   0.019   8.458   1.00 63.57  ? 4   DC  B "C5'" 1 
ATOM   494 C  "C4'" . DC  B 2 4  ? 3.119   1.162   8.610   1.00 68.58  ? 4   DC  B "C4'" 1 
ATOM   495 O  "O4'" . DC  B 2 4  ? 2.261   1.200   7.463   1.00 74.26  ? 4   DC  B "O4'" 1 
ATOM   496 C  "C3'" . DC  B 2 4  ? 2.200   1.071   9.822   1.00 62.57  ? 4   DC  B "C3'" 1 
ATOM   497 O  "O3'" . DC  B 2 4  ? 2.416   2.194   10.631  1.00 56.47  ? 4   DC  B "O3'" 1 
ATOM   498 C  "C2'" . DC  B 2 4  ? 0.773   1.035   9.226   1.00 66.70  ? 4   DC  B "C2'" 1 
ATOM   499 C  "C1'" . DC  B 2 4  ? 0.995   1.647   7.856   1.00 71.22  ? 4   DC  B "C1'" 1 
ATOM   500 N  N1    . DC  B 2 4  ? 0.047   1.235   6.767   1.00 69.59  ? 4   DC  B N1    1 
ATOM   501 C  C2    . DC  B 2 4  ? -0.812  2.190   6.180   1.00 75.65  ? 4   DC  B C2    1 
ATOM   502 O  O2    . DC  B 2 4  ? -0.831  3.343   6.628   1.00 81.65  ? 4   DC  B O2    1 
ATOM   503 N  N3    . DC  B 2 4  ? -1.618  1.815   5.160   1.00 72.79  ? 4   DC  B N3    1 
ATOM   504 C  C4    . DC  B 2 4  ? -1.563  0.569   4.701   1.00 82.64  ? 4   DC  B C4    1 
ATOM   505 N  N4    . DC  B 2 4  ? -2.379  0.243   3.688   1.00 88.07  ? 4   DC  B N4    1 
ATOM   506 C  C5    . DC  B 2 4  ? -0.676  -0.408  5.259   1.00 77.99  ? 4   DC  B C5    1 
ATOM   507 C  C6    . DC  B 2 4  ? 0.113   -0.028  6.269   1.00 68.88  ? 4   DC  B C6    1 
ATOM   508 P  P     . DA  B 2 5  ? 1.939   2.172   12.162  1.00 80.49  ? 5   DA  B P     1 
ATOM   509 O  OP1   . DA  B 2 5  ? 2.781   3.099   12.966  1.00 64.05  ? 5   DA  B OP1   1 
ATOM   510 O  OP2   . DA  B 2 5  ? 1.829   0.746   12.569  1.00 61.34  ? 5   DA  B OP2   1 
ATOM   511 O  "O5'" . DA  B 2 5  ? 0.479   2.819   12.074  1.00 68.44  ? 5   DA  B "O5'" 1 
ATOM   512 C  "C5'" . DA  B 2 5  ? 0.349   4.191   11.745  1.00 63.12  ? 5   DA  B "C5'" 1 
ATOM   513 C  "C4'" . DA  B 2 5  ? -1.097  4.539   11.465  1.00 67.23  ? 5   DA  B "C4'" 1 
ATOM   514 O  "O4'" . DA  B 2 5  ? -1.564  3.861   10.264  1.00 79.16  ? 5   DA  B "O4'" 1 
ATOM   515 C  "C3'" . DA  B 2 5  ? -2.081  4.124   12.543  1.00 64.90  ? 5   DA  B "C3'" 1 
ATOM   516 O  "O3'" . DA  B 2 5  ? -3.105  5.101   12.594  1.00 47.61  ? 5   DA  B "O3'" 1 
ATOM   517 C  "C2'" . DA  B 2 5  ? -2.615  2.805   11.996  1.00 71.40  ? 5   DA  B "C2'" 1 
ATOM   518 C  "C1'" . DA  B 2 5  ? -2.787  3.232   10.571  1.00 68.36  ? 5   DA  B "C1'" 1 
ATOM   519 N  N9    . DA  B 2 5  ? -3.006  2.163   9.642   1.00 65.78  ? 5   DA  B N9    1 
ATOM   520 C  C8    . DA  B 2 5  ? -2.550  0.879   9.722   1.00 73.88  ? 5   DA  B C8    1 
ATOM   521 N  N7    . DA  B 2 5  ? -2.902  0.134   8.698   1.00 74.52  ? 5   DA  B N7    1 
ATOM   522 C  C5    . DA  B 2 5  ? -3.636  0.998   7.907   1.00 73.27  ? 5   DA  B C5    1 
ATOM   523 C  C6    . DA  B 2 5  ? -4.287  0.840   6.676   1.00 75.11  ? 5   DA  B C6    1 
ATOM   524 N  N6    . DA  B 2 5  ? -4.308  -0.311  6.003   1.00 80.06  ? 5   DA  B N6    1 
ATOM   525 N  N1    . DA  B 2 5  ? -4.922  1.908   6.162   1.00 79.17  ? 5   DA  B N1    1 
ATOM   526 C  C2    . DA  B 2 5  ? -4.900  3.059   6.843   1.00 83.19  ? 5   DA  B C2    1 
ATOM   527 N  N3    . DA  B 2 5  ? -4.321  3.331   8.010   1.00 76.47  ? 5   DA  B N3    1 
ATOM   528 C  C4    . DA  B 2 5  ? -3.705  2.248   8.488   1.00 71.59  ? 5   DA  B C4    1 
ATOM   529 O  "O5'" . DT  C 3 1  ? 31.675  2.674   -22.435 1.00 143.77 ? 1   DT  C "O5'" 1 
ATOM   530 C  "C5'" . DT  C 3 1  ? 32.723  1.894   -21.887 1.00 142.74 ? 1   DT  C "C5'" 1 
ATOM   531 C  "C4'" . DT  C 3 1  ? 33.221  2.506   -20.592 1.00 142.19 ? 1   DT  C "C4'" 1 
ATOM   532 O  "O4'" . DT  C 3 1  ? 33.059  3.948   -20.644 1.00 145.99 ? 1   DT  C "O4'" 1 
ATOM   533 C  "C3'" . DT  C 3 1  ? 32.483  2.058   -19.339 1.00 137.00 ? 1   DT  C "C3'" 1 
ATOM   534 O  "O3'" . DT  C 3 1  ? 33.381  2.029   -18.260 1.00 141.97 ? 1   DT  C "O3'" 1 
ATOM   535 C  "C2'" . DT  C 3 1  ? 31.439  3.153   -19.157 1.00 138.51 ? 1   DT  C "C2'" 1 
ATOM   536 C  "C1'" . DT  C 3 1  ? 32.227  4.375   -19.582 1.00 141.31 ? 1   DT  C "C1'" 1 
ATOM   537 N  N1    . DT  C 3 1  ? 31.385  5.478   -20.086 1.00 145.08 ? 1   DT  C N1    1 
ATOM   538 C  C2    . DT  C 3 1  ? 31.372  6.672   -19.413 1.00 147.34 ? 1   DT  C C2    1 
ATOM   539 O  O2    . DT  C 3 1  ? 32.016  6.871   -18.397 1.00 145.88 ? 1   DT  C O2    1 
ATOM   540 N  N3    . DT  C 3 1  ? 30.566  7.632   -19.970 1.00 149.58 ? 1   DT  C N3    1 
ATOM   541 C  C4    . DT  C 3 1  ? 29.793  7.513   -21.114 1.00 148.07 ? 1   DT  C C4    1 
ATOM   542 O  O4    . DT  C 3 1  ? 29.098  8.433   -21.538 1.00 149.23 ? 1   DT  C O4    1 
ATOM   543 C  C5    . DT  C 3 1  ? 29.861  6.232   -21.773 1.00 142.69 ? 1   DT  C C5    1 
ATOM   544 C  C7    . DT  C 3 1  ? 29.068  5.980   -23.019 1.00 142.47 ? 1   DT  C C7    1 
ATOM   545 C  C6    . DT  C 3 1  ? 30.646  5.290   -21.234 1.00 142.79 ? 1   DT  C C6    1 
ATOM   546 P  P     . DC  C 3 2  ? 32.875  1.591   -16.805 1.00 146.45 ? 2   DC  C P     1 
ATOM   547 O  OP1   . DC  C 3 2  ? 34.054  1.205   -16.001 1.00 151.66 ? 2   DC  C OP1   1 
ATOM   548 O  OP2   . DC  C 3 2  ? 31.793  0.605   -17.002 1.00 151.04 ? 2   DC  C OP2   1 
ATOM   549 O  "O5'" . DC  C 3 2  ? 32.249  2.931   -16.201 1.00 137.87 ? 2   DC  C "O5'" 1 
ATOM   550 C  "C5'" . DC  C 3 2  ? 31.665  2.905   -14.917 1.00 142.67 ? 2   DC  C "C5'" 1 
ATOM   551 C  "C4'" . DC  C 3 2  ? 31.976  4.179   -14.172 1.00 142.45 ? 2   DC  C "C4'" 1 
ATOM   552 O  "O4'" . DC  C 3 2  ? 31.769  5.308   -15.054 1.00 136.02 ? 2   DC  C "O4'" 1 
ATOM   553 C  "C3'" . DC  C 3 2  ? 31.091  4.435   -12.971 1.00 141.63 ? 2   DC  C "C3'" 1 
ATOM   554 O  "O3'" . DC  C 3 2  ? 31.787  5.217   -12.025 1.00 147.13 ? 2   DC  C "O3'" 1 
ATOM   555 C  "C2'" . DC  C 3 2  ? 29.925  5.195   -13.589 1.00 139.11 ? 2   DC  C "C2'" 1 
ATOM   556 C  "C1'" . DC  C 3 2  ? 30.626  6.033   -14.653 1.00 137.34 ? 2   DC  C "C1'" 1 
ATOM   557 N  N1    . DC  C 3 2  ? 29.786  6.268   -15.851 1.00 142.18 ? 2   DC  C N1    1 
ATOM   558 C  C2    . DC  C 3 2  ? 29.268  7.544   -16.096 1.00 143.53 ? 2   DC  C C2    1 
ATOM   559 O  O2    . DC  C 3 2  ? 29.531  8.460   -15.307 1.00 143.00 ? 2   DC  C O2    1 
ATOM   560 N  N3    . DC  C 3 2  ? 28.496  7.741   -17.194 1.00 140.49 ? 2   DC  C N3    1 
ATOM   561 C  C4    . DC  C 3 2  ? 28.237  6.727   -18.019 1.00 140.01 ? 2   DC  C C4    1 
ATOM   562 N  N4    . DC  C 3 2  ? 27.471  6.970   -19.087 1.00 138.90 ? 2   DC  C N4    1 
ATOM   563 C  C5    . DC  C 3 2  ? 28.754  5.417   -17.785 1.00 139.84 ? 2   DC  C C5    1 
ATOM   564 C  C6    . DC  C 3 2  ? 29.515  5.235   -16.700 1.00 139.31 ? 2   DC  C C6    1 
ATOM   565 P  P     . DT  C 3 3  ? 31.242  5.326   -10.520 1.00 163.18 ? 3   DT  C P     1 
ATOM   566 O  OP1   . DT  C 3 3  ? 32.307  5.878   -9.654  1.00 172.04 ? 3   DT  C OP1   1 
ATOM   567 O  OP2   . DT  C 3 3  ? 30.624  4.026   -10.177 1.00 169.38 ? 3   DT  C OP2   1 
ATOM   568 O  "O5'" . DT  C 3 3  ? 30.098  6.418   -10.633 1.00 147.81 ? 3   DT  C "O5'" 1 
ATOM   569 C  "C5'" . DT  C 3 3  ? 30.374  7.647   -11.261 1.00 143.39 ? 3   DT  C "C5'" 1 
ATOM   570 C  "C4'" . DT  C 3 3  ? 29.268  8.621   -10.968 1.00 148.66 ? 3   DT  C "C4'" 1 
ATOM   571 O  "O4'" . DT  C 3 3  ? 28.417  8.773   -12.131 1.00 152.60 ? 3   DT  C "O4'" 1 
ATOM   572 C  "C3'" . DT  C 3 3  ? 28.357  8.201   -9.830  1.00 146.23 ? 3   DT  C "C3'" 1 
ATOM   573 O  "O3'" . DT  C 3 3  ? 28.065  9.334   -9.068  1.00 147.00 ? 3   DT  C "O3'" 1 
ATOM   574 C  "C2'" . DT  C 3 3  ? 27.118  7.649   -10.555 1.00 141.65 ? 3   DT  C "C2'" 1 
ATOM   575 C  "C1'" . DT  C 3 3  ? 27.067  8.554   -11.770 1.00 142.03 ? 3   DT  C "C1'" 1 
ATOM   576 N  N1    . DT  C 3 3  ? 26.368  7.979   -12.975 1.00 136.79 ? 3   DT  C N1    1 
ATOM   577 C  C2    . DT  C 3 3  ? 25.613  8.818   -13.778 1.00 136.19 ? 3   DT  C C2    1 
ATOM   578 O  O2    . DT  C 3 3  ? 25.454  10.013  -13.550 1.00 132.92 ? 3   DT  C O2    1 
ATOM   579 N  N3    . DT  C 3 3  ? 25.050  8.207   -14.875 1.00 133.48 ? 3   DT  C N3    1 
ATOM   580 C  C4    . DT  C 3 3  ? 25.162  6.874   -15.242 1.00 131.31 ? 3   DT  C C4    1 
ATOM   581 O  O4    . DT  C 3 3  ? 24.612  6.420   -16.245 1.00 123.89 ? 3   DT  C O4    1 
ATOM   582 C  C5    . DT  C 3 3  ? 25.970  6.056   -14.365 1.00 128.05 ? 3   DT  C C5    1 
ATOM   583 C  C7    . DT  C 3 3  ? 26.163  4.601   -14.666 1.00 120.02 ? 3   DT  C C7    1 
ATOM   584 C  C6    . DT  C 3 3  ? 26.534  6.641   -13.290 1.00 129.89 ? 3   DT  C C6    1 
ATOM   585 P  P     . DG  C 3 4  ? 27.293  9.200   -7.674  1.00 164.40 ? 4   DG  C P     1 
ATOM   586 O  OP1   . DG  C 3 4  ? 28.049  9.982   -6.669  1.00 162.98 ? 4   DG  C OP1   1 
ATOM   587 O  OP2   . DG  C 3 4  ? 27.028  7.759   -7.451  1.00 155.28 ? 4   DG  C OP2   1 
ATOM   588 O  "O5'" . DG  C 3 4  ? 25.919  9.964   -7.963  1.00 155.68 ? 4   DG  C "O5'" 1 
ATOM   589 C  "C5'" . DG  C 3 4  ? 25.924  11.121  -8.800  1.00 144.53 ? 4   DG  C "C5'" 1 
ATOM   590 C  "C4'" . DG  C 3 4  ? 24.561  11.788  -8.811  1.00 144.69 ? 4   DG  C "C4'" 1 
ATOM   591 O  "O4'" . DG  C 3 4  ? 23.756  11.267  -9.898  1.00 141.85 ? 4   DG  C "O4'" 1 
ATOM   592 C  "C3'" . DG  C 3 4  ? 23.740  11.619  -7.540  1.00 136.72 ? 4   DG  C "C3'" 1 
ATOM   593 O  "O3'" . DG  C 3 4  ? 23.081  12.854  -7.247  1.00 134.12 ? 4   DG  C "O3'" 1 
ATOM   594 C  "C2'" . DG  C 3 4  ? 22.771  10.470  -7.872  1.00 130.80 ? 4   DG  C "C2'" 1 
ATOM   595 C  "C1'" . DG  C 3 4  ? 22.683  10.484  -9.404  1.00 128.43 ? 4   DG  C "C1'" 1 
ATOM   596 N  N9    . DG  C 3 4  ? 22.767  9.154   -10.028 1.00 120.95 ? 4   DG  C N9    1 
ATOM   597 C  C8    . DG  C 3 4  ? 23.335  8.015   -9.499  1.00 118.30 ? 4   DG  C C8    1 
ATOM   598 N  N7    . DG  C 3 4  ? 23.269  6.979   -10.295 1.00 106.99 ? 4   DG  C N7    1 
ATOM   599 C  C5    . DG  C 3 4  ? 22.620  7.463   -11.428 1.00 116.01 ? 4   DG  C C5    1 
ATOM   600 C  C6    . DG  C 3 4  ? 22.264  6.800   -12.637 1.00 112.00 ? 4   DG  C C6    1 
ATOM   601 O  O6    . DG  C 3 4  ? 22.463  5.621   -12.947 1.00 106.57 ? 4   DG  C O6    1 
ATOM   602 N  N1    . DG  C 3 4  ? 21.615  7.662   -13.535 1.00 108.74 ? 4   DG  C N1    1 
ATOM   603 C  C2    . DG  C 3 4  ? 21.348  8.994   -13.282 1.00 118.13 ? 4   DG  C C2    1 
ATOM   604 N  N2    . DG  C 3 4  ? 20.721  9.680   -14.248 1.00 121.84 ? 4   DG  C N2    1 
ATOM   605 N  N3    . DG  C 3 4  ? 21.678  9.619   -12.153 1.00 118.13 ? 4   DG  C N3    1 
ATOM   606 C  C4    . DG  C 3 4  ? 22.307  8.798   -11.277 1.00 119.39 ? 4   DG  C C4    1 
ATOM   607 P  P     . DA  C 3 5  ? 21.787  12.925  -6.301  1.00 142.17 ? 5   DA  C P     1 
ATOM   608 O  OP1   . DA  C 3 5  ? 21.763  14.293  -5.733  1.00 138.62 ? 5   DA  C OP1   1 
ATOM   609 O  OP2   . DA  C 3 5  ? 21.792  11.774  -5.366  1.00 139.29 ? 5   DA  C OP2   1 
ATOM   610 O  "O5'" . DA  C 3 5  ? 20.572  12.811  -7.343  1.00 132.61 ? 5   DA  C "O5'" 1 
ATOM   611 C  "C5'" . DA  C 3 5  ? 20.627  13.562  -8.557  1.00 125.90 ? 5   DA  C "C5'" 1 
ATOM   612 C  "C4'" . DA  C 3 5  ? 19.243  13.822  -9.149  1.00 128.14 ? 5   DA  C "C4'" 1 
ATOM   613 O  "O4'" . DA  C 3 5  ? 18.837  12.715  -9.978  1.00 128.20 ? 5   DA  C "O4'" 1 
ATOM   614 C  "C3'" . DA  C 3 5  ? 18.100  14.005  -8.169  1.00 126.97 ? 5   DA  C "C3'" 1 
ATOM   615 O  "O3'" . DA  C 3 5  ? 17.083  14.792  -8.806  1.00 127.83 ? 5   DA  C "O3'" 1 
ATOM   616 C  "C2'" . DA  C 3 5  ? 17.648  12.564  -7.932  1.00 118.81 ? 5   DA  C "C2'" 1 
ATOM   617 C  "C1'" . DA  C 3 5  ? 17.880  11.924  -9.296  1.00 115.81 ? 5   DA  C "C1'" 1 
ATOM   618 N  N9    . DA  C 3 5  ? 18.416  10.581  -9.219  1.00 116.28 ? 5   DA  C N9    1 
ATOM   619 C  C8    . DA  C 3 5  ? 19.141  10.035  -8.195  1.00 116.36 ? 5   DA  C C8    1 
ATOM   620 N  N7    . DA  C 3 5  ? 19.513  8.792   -8.413  1.00 112.15 ? 5   DA  C N7    1 
ATOM   621 C  C5    . DA  C 3 5  ? 19.003  8.513   -9.676  1.00 114.00 ? 5   DA  C C5    1 
ATOM   622 C  C6    . DA  C 3 5  ? 19.049  7.360   -10.491 1.00 110.17 ? 5   DA  C C6    1 
ATOM   623 N  N6    . DA  C 3 5  ? 19.665  6.227   -10.127 1.00 107.64 ? 5   DA  C N6    1 
ATOM   624 N  N1    . DA  C 3 5  ? 18.434  7.421   -11.704 1.00 104.98 ? 5   DA  C N1    1 
ATOM   625 C  C2    . DA  C 3 5  ? 17.821  8.561   -12.062 1.00 103.85 ? 5   DA  C C2    1 
ATOM   626 N  N3    . DA  C 3 5  ? 17.713  9.703   -11.382 1.00 108.22 ? 5   DA  C N3    1 
ATOM   627 C  C4    . DA  C 3 5  ? 18.331  9.611   -10.188 1.00 115.37 ? 5   DA  C C4    1 
ATOM   628 P  P     . DG  C 3 6  ? 15.535  14.676  -8.386  1.00 135.57 ? 6   DG  C P     1 
ATOM   629 O  OP1   . DG  C 3 6  ? 14.875  15.906  -8.887  1.00 124.25 ? 6   DG  C OP1   1 
ATOM   630 O  OP2   . DG  C 3 6  ? 15.459  14.340  -6.942  1.00 129.80 ? 6   DG  C OP2   1 
ATOM   631 O  "O5'" . DG  C 3 6  ? 14.988  13.441  -9.255  1.00 124.36 ? 6   DG  C "O5'" 1 
ATOM   632 C  "C5'" . DG  C 3 6  ? 14.933  13.548  -10.679 1.00 119.55 ? 6   DG  C "C5'" 1 
ATOM   633 C  "C4'" . DG  C 3 6  ? 13.800  12.710  -11.266 1.00 115.42 ? 6   DG  C "C4'" 1 
ATOM   634 O  "O4'" . DG  C 3 6  ? 14.213  11.325  -11.371 1.00 111.65 ? 6   DG  C "O4'" 1 
ATOM   635 C  "C3'" . DG  C 3 6  ? 12.489  12.704  -10.484 1.00 107.69 ? 6   DG  C "C3'" 1 
ATOM   636 O  "O3'" . DG  C 3 6  ? 11.394  12.670  -11.410 1.00 108.35 ? 6   DG  C "O3'" 1 
ATOM   637 C  "C2'" . DG  C 3 6  ? 12.594  11.426  -9.647  1.00 95.92  ? 6   DG  C "C2'" 1 
ATOM   638 C  "C1'" . DG  C 3 6  ? 13.405  10.503  -10.555 1.00 97.27  ? 6   DG  C "C1'" 1 
ATOM   639 N  N9    . DG  C 3 6  ? 14.284  9.585   -9.837  1.00 93.63  ? 6   DG  C N9    1 
ATOM   640 C  C8    . DG  C 3 6  ? 14.955  9.823   -8.664  1.00 95.55  ? 6   DG  C C8    1 
ATOM   641 N  N7    . DG  C 3 6  ? 15.674  8.808   -8.263  1.00 94.83  ? 6   DG  C N7    1 
ATOM   642 C  C5    . DG  C 3 6  ? 15.479  7.843   -9.241  1.00 89.57  ? 6   DG  C C5    1 
ATOM   643 C  C6    . DG  C 3 6  ? 16.008  6.535   -9.354  1.00 86.98  ? 6   DG  C C6    1 
ATOM   644 O  O6    . DG  C 3 6  ? 16.777  5.956   -8.585  1.00 91.08  ? 6   DG  C O6    1 
ATOM   645 N  N1    . DG  C 3 6  ? 15.556  5.885   -10.496 1.00 83.56  ? 6   DG  C N1    1 
ATOM   646 C  C2    . DG  C 3 6  ? 14.697  6.434   -11.422 1.00 88.10  ? 6   DG  C C2    1 
ATOM   647 N  N2    . DG  C 3 6  ? 14.366  5.658   -12.467 1.00 85.59  ? 6   DG  C N2    1 
ATOM   648 N  N3    . DG  C 3 6  ? 14.195  7.661   -11.332 1.00 91.86  ? 6   DG  C N3    1 
ATOM   649 C  C4    . DG  C 3 6  ? 14.629  8.304   -10.217 1.00 92.80  ? 6   DG  C C4    1 
ATOM   650 P  P     . DT  C 3 7  ? 9.914   12.247  -10.947 1.00 113.02 ? 7   DT  C P     1 
ATOM   651 O  OP1   . DT  C 3 7  ? 8.948   12.835  -11.910 1.00 94.86  ? 7   DT  C OP1   1 
ATOM   652 O  OP2   . DT  C 3 7  ? 9.777   12.523  -9.498  1.00 108.47 ? 7   DT  C OP2   1 
ATOM   653 O  "O5'" . DT  C 3 7  ? 9.903   10.674  -11.193 1.00 102.05 ? 7   DT  C "O5'" 1 
ATOM   654 C  "C5'" . DT  C 3 7  ? 10.396  10.188  -12.422 1.00 98.31  ? 7   DT  C "C5'" 1 
ATOM   655 C  "C4'" . DT  C 3 7  ? 9.874   8.796   -12.731 1.00 97.60  ? 7   DT  C "C4'" 1 
ATOM   656 O  "O4'" . DT  C 3 7  ? 10.720  7.788   -12.121 1.00 94.87  ? 7   DT  C "O4'" 1 
ATOM   657 C  "C3'" . DT  C 3 7  ? 8.460   8.484   -12.280 1.00 88.59  ? 7   DT  C "C3'" 1 
ATOM   658 O  "O3'" . DT  C 3 7  ? 7.913   7.600   -13.247 1.00 88.29  ? 7   DT  C "O3'" 1 
ATOM   659 C  "C2'" . DT  C 3 7  ? 8.708   7.794   -10.931 1.00 79.86  ? 7   DT  C "C2'" 1 
ATOM   660 C  "C1'" . DT  C 3 7  ? 9.962   6.990   -11.241 1.00 80.83  ? 7   DT  C "C1'" 1 
ATOM   661 N  N1    . DT  C 3 7  ? 10.840  6.680   -10.062 1.00 77.95  ? 7   DT  C N1    1 
ATOM   662 C  C2    . DT  C 3 7  ? 11.542  5.484   -10.040 1.00 83.97  ? 7   DT  C C2    1 
ATOM   663 O  O2    . DT  C 3 7  ? 11.462  4.639   -10.916 1.00 88.41  ? 7   DT  C O2    1 
ATOM   664 N  N3    . DT  C 3 7  ? 12.339  5.305   -8.939  1.00 79.22  ? 7   DT  C N3    1 
ATOM   665 C  C4    . DT  C 3 7  ? 12.518  6.185   -7.894  1.00 83.03  ? 7   DT  C C4    1 
ATOM   666 O  O4    . DT  C 3 7  ? 13.266  5.934   -6.945  1.00 84.38  ? 7   DT  C O4    1 
ATOM   667 C  C5    . DT  C 3 7  ? 11.765  7.414   -7.988  1.00 81.90  ? 7   DT  C C5    1 
ATOM   668 C  C7    . DT  C 3 7  ? 11.875  8.443   -6.902  1.00 93.93  ? 7   DT  C C7    1 
ATOM   669 C  C6    . DT  C 3 7  ? 10.976  7.605   -9.060  1.00 75.89  ? 7   DT  C C6    1 
ATOM   670 P  P     . DG  C 3 8  ? 6.348   7.238   -13.319 1.00 106.94 ? 8   DG  C P     1 
ATOM   671 O  OP1   . DG  C 3 8  ? 5.733   8.014   -14.423 1.00 94.64  ? 8   DG  C OP1   1 
ATOM   672 O  OP2   . DG  C 3 8  ? 5.764   7.315   -11.963 1.00 100.75 ? 8   DG  C OP2   1 
ATOM   673 O  "O5'" . DG  C 3 8  ? 6.401   5.699   -13.744 1.00 82.34  ? 8   DG  C "O5'" 1 
ATOM   674 C  "C5'" . DG  C 3 8  ? 7.673   5.050   -13.737 1.00 81.68  ? 8   DG  C "C5'" 1 
ATOM   675 C  "C4'" . DG  C 3 8  ? 7.566   3.607   -14.169 1.00 74.22  ? 8   DG  C "C4'" 1 
ATOM   676 O  "O4'" . DG  C 3 8  ? 8.071   2.747   -13.126 1.00 77.82  ? 8   DG  C "O4'" 1 
ATOM   677 C  "C3'" . DG  C 3 8  ? 6.176   3.106   -14.362 1.00 67.10  ? 8   DG  C "C3'" 1 
ATOM   678 O  "O3'" . DG  C 3 8  ? 6.264   1.891   -15.041 1.00 63.07  ? 8   DG  C "O3'" 1 
ATOM   679 C  "C2'" . DG  C 3 8  ? 5.728   2.906   -12.905 1.00 71.32  ? 8   DG  C "C2'" 1 
ATOM   680 C  "C1'" . DG  C 3 8  ? 7.029   2.483   -12.208 1.00 69.14  ? 8   DG  C "C1'" 1 
ATOM   681 N  N9    . DG  C 3 8  ? 7.338   3.237   -10.991 1.00 71.11  ? 8   DG  C N9    1 
ATOM   682 C  C8    . DG  C 3 8  ? 6.871   4.478   -10.634 1.00 70.82  ? 8   DG  C C8    1 
ATOM   683 N  N7    . DG  C 3 8  ? 7.353   4.904   -9.499  1.00 71.82  ? 8   DG  C N7    1 
ATOM   684 C  C5    . DG  C 3 8  ? 8.204   3.888   -9.085  1.00 67.11  ? 8   DG  C C5    1 
ATOM   685 C  C6    . DG  C 3 8  ? 9.015   3.782   -7.927  1.00 71.04  ? 8   DG  C C6    1 
ATOM   686 O  O6    . DG  C 3 8  ? 9.150   4.596   -6.994  1.00 74.53  ? 8   DG  C O6    1 
ATOM   687 N  N1    . DG  C 3 8  ? 9.724   2.588   -7.904  1.00 66.01  ? 8   DG  C N1    1 
ATOM   688 C  C2    . DG  C 3 8  ? 9.651   1.625   -8.871  1.00 69.37  ? 8   DG  C C2    1 
ATOM   689 N  N2    . DG  C 3 8  ? 10.396  0.531   -8.685  1.00 80.56  ? 8   DG  C N2    1 
ATOM   690 N  N3    . DG  C 3 8  ? 8.902   1.711   -9.952  1.00 68.17  ? 8   DG  C N3    1 
ATOM   691 C  C4    . DG  C 3 8  ? 8.211   2.864   -9.994  1.00 66.65  ? 8   DG  C C4    1 
ATOM   692 P  P     . DG  C 3 9  ? 4.976   0.957   -15.205 1.00 76.59  ? 9   DG  C P     1 
ATOM   693 O  OP1   . DG  C 3 9  ? 5.294   -0.039  -16.254 1.00 80.04  ? 9   DG  C OP1   1 
ATOM   694 O  OP2   . DG  C 3 9  ? 3.823   1.865   -15.363 1.00 72.92  ? 9   DG  C OP2   1 
ATOM   695 O  "O5'" . DG  C 3 9  ? 4.852   0.190   -13.812 1.00 58.99  ? 9   DG  C "O5'" 1 
ATOM   696 C  "C5'" . DG  C 3 9  ? 5.866   -0.697  -13.408 1.00 64.79  ? 9   DG  C "C5'" 1 
ATOM   697 C  "C4'" . DG  C 3 9  ? 5.537   -1.283  -12.054 1.00 68.84  ? 9   DG  C "C4'" 1 
ATOM   698 O  "O4'" . DG  C 3 9  ? 5.959   -0.397  -10.966 1.00 75.12  ? 9   DG  C "O4'" 1 
ATOM   699 C  "C3'" . DG  C 3 9  ? 4.054   -1.502  -11.814 1.00 67.07  ? 9   DG  C "C3'" 1 
ATOM   700 O  "O3'" . DG  C 3 9  ? 3.918   -2.627  -11.024 1.00 55.90  ? 9   DG  C "O3'" 1 
ATOM   701 C  "C2'" . DG  C 3 9  ? 3.684   -0.268  -11.014 1.00 69.46  ? 9   DG  C "C2'" 1 
ATOM   702 C  "C1'" . DG  C 3 9  ? 4.867   -0.275  -10.090 1.00 59.85  ? 9   DG  C "C1'" 1 
ATOM   703 N  N9    . DG  C 3 9  ? 4.991   0.909   -9.287  1.00 56.59  ? 9   DG  C N9    1 
ATOM   704 C  C8    . DG  C 3 9  ? 4.334   2.098   -9.447  1.00 60.39  ? 9   DG  C C8    1 
ATOM   705 N  N7    . DG  C 3 9  ? 4.641   2.985   -8.542  1.00 63.02  ? 9   DG  C N7    1 
ATOM   706 C  C5    . DG  C 3 9  ? 5.551   2.324   -7.725  1.00 59.91  ? 9   DG  C C5    1 
ATOM   707 C  C6    . DG  C 3 9  ? 6.227   2.768   -6.576  1.00 60.55  ? 9   DG  C C6    1 
ATOM   708 O  O6    . DG  C 3 9  ? 6.165   3.876   -6.020  1.00 67.74  ? 9   DG  C O6    1 
ATOM   709 N  N1    . DG  C 3 9  ? 7.052   1.779   -6.061  1.00 58.14  ? 9   DG  C N1    1 
ATOM   710 C  C2    . DG  C 3 9  ? 7.192   0.518   -6.600  1.00 63.42  ? 9   DG  C C2    1 
ATOM   711 N  N2    . DG  C 3 9  ? 8.031   -0.312  -5.967  1.00 71.07  ? 9   DG  C N2    1 
ATOM   712 N  N3    . DG  C 3 9  ? 6.561   0.093   -7.674  1.00 59.57  ? 9   DG  C N3    1 
ATOM   713 C  C4    . DG  C 3 9  ? 5.763   1.047   -8.179  1.00 60.67  ? 9   DG  C C4    1 
ATOM   714 P  P     . DT  D 4 1  ? -6.155  1.917   15.459  1.00 69.27  ? 10  DT  D P     1 
ATOM   715 O  OP1   . DT  D 4 1  ? -5.639  2.811   16.520  1.00 61.34  ? 10  DT  D OP1   1 
ATOM   716 O  OP2   . DT  D 4 1  ? -5.667  0.520   15.329  1.00 61.32  ? 10  DT  D OP2   1 
ATOM   717 O  "O5'" . DT  D 4 1  ? -5.848  2.557   14.047  1.00 72.90  ? 10  DT  D "O5'" 1 
ATOM   718 C  "C5'" . DT  D 4 1  ? -5.923  3.950   13.878  1.00 75.40  ? 10  DT  D "C5'" 1 
ATOM   719 C  "C4'" . DT  D 4 1  ? -6.733  4.281   12.643  1.00 80.65  ? 10  DT  D "C4'" 1 
ATOM   720 O  "O4'" . DT  D 4 1  ? -6.101  3.722   11.468  1.00 78.33  ? 10  DT  D "O4'" 1 
ATOM   721 C  "C3'" . DT  D 4 1  ? -8.118  3.693   12.638  1.00 83.24  ? 10  DT  D "C3'" 1 
ATOM   722 O  "O3'" . DT  D 4 1  ? -8.988  4.552   13.376  1.00 95.44  ? 10  DT  D "O3'" 1 
ATOM   723 C  "C2'" . DT  D 4 1  ? -8.443  3.693   11.147  1.00 79.42  ? 10  DT  D "C2'" 1 
ATOM   724 C  "C1'" . DT  D 4 1  ? -7.081  3.455   10.499  1.00 69.23  ? 10  DT  D "C1'" 1 
ATOM   725 N  N1    . DT  D 4 1  ? -6.909  2.082   10.024  1.00 73.31  ? 10  DT  D N1    1 
ATOM   726 C  C2    . DT  D 4 1  ? -7.486  1.729   8.835   1.00 80.84  ? 10  DT  D C2    1 
ATOM   727 O  O2    . DT  D 4 1  ? -8.120  2.509   8.153   1.00 88.57  ? 10  DT  D O2    1 
ATOM   728 N  N3    . DT  D 4 1  ? -7.291  0.434   8.459   1.00 76.46  ? 10  DT  D N3    1 
ATOM   729 C  C4    . DT  D 4 1  ? -6.597  -0.536  9.152   1.00 75.57  ? 10  DT  D C4    1 
ATOM   730 O  O4    . DT  D 4 1  ? -6.479  -1.683  8.727   1.00 78.54  ? 10  DT  D O4    1 
ATOM   731 C  C5    . DT  D 4 1  ? -6.019  -0.104  10.402  1.00 77.10  ? 10  DT  D C5    1 
ATOM   732 C  C7    . DT  D 4 1  ? -5.238  -1.071  11.242  1.00 77.30  ? 10  DT  D C7    1 
ATOM   733 C  C6    . DT  D 4 1  ? -6.204  1.175   10.777  1.00 73.65  ? 10  DT  D C6    1 
ATOM   734 P  P     . DG  D 4 2  ? -10.436 4.045   13.857  1.00 101.16 ? 11  DG  D P     1 
ATOM   735 O  OP1   . DG  D 4 2  ? -11.053 5.237   14.490  1.00 87.23  ? 11  DG  D OP1   1 
ATOM   736 O  OP2   . DG  D 4 2  ? -10.304 2.748   14.579  1.00 77.05  ? 11  DG  D OP2   1 
ATOM   737 O  "O5'" . DG  D 4 2  ? -11.215 3.764   12.491  1.00 88.25  ? 11  DG  D "O5'" 1 
ATOM   738 C  "C5'" . DG  D 4 2  ? -11.607 4.853   11.661  1.00 88.98  ? 11  DG  D "C5'" 1 
ATOM   739 C  "C4'" . DG  D 4 2  ? -12.222 4.326   10.388  1.00 91.54  ? 11  DG  D "C4'" 1 
ATOM   740 O  "O4'" . DG  D 4 2  ? -11.275 3.465   9.736   1.00 91.79  ? 11  DG  D "O4'" 1 
ATOM   741 C  "C3'" . DG  D 4 2  ? -13.416 3.431   10.608  1.00 104.50 ? 11  DG  D "C3'" 1 
ATOM   742 O  "O3'" . DG  D 4 2  ? -14.586 4.219   10.769  1.00 114.44 ? 11  DG  D "O3'" 1 
ATOM   743 C  "C2'" . DG  D 4 2  ? -13.445 2.608   9.321   1.00 100.88 ? 11  DG  D "C2'" 1 
ATOM   744 C  "C1'" . DG  D 4 2  ? -11.972 2.525   8.945   1.00 91.58  ? 11  DG  D "C1'" 1 
ATOM   745 N  N9    . DG  D 4 2  ? -11.381 1.211   9.152   1.00 88.90  ? 11  DG  D N9    1 
ATOM   746 C  C8    . DG  D 4 2  ? -10.699 0.765   10.255  1.00 85.99  ? 11  DG  D C8    1 
ATOM   747 N  N7    . DG  D 4 2  ? -10.270 -0.465  10.135  1.00 81.87  ? 11  DG  D N7    1 
ATOM   748 C  C5    . DG  D 4 2  ? -10.697 -0.852  8.874   1.00 86.17  ? 11  DG  D C5    1 
ATOM   749 C  C6    . DG  D 4 2  ? -10.532 -2.078  8.185   1.00 92.12  ? 11  DG  D C6    1 
ATOM   750 O  O6    . DG  D 4 2  ? -9.952  -3.108  8.566   1.00 84.09  ? 11  DG  D O6    1 
ATOM   751 N  N1    . DG  D 4 2  ? -11.122 -2.045  6.921   1.00 97.42  ? 11  DG  D N1    1 
ATOM   752 C  C2    . DG  D 4 2  ? -11.788 -0.955  6.398   1.00 100.73 ? 11  DG  D C2    1 
ATOM   753 N  N2    . DG  D 4 2  ? -12.292 -1.101  5.163   1.00 108.79 ? 11  DG  D N2    1 
ATOM   754 N  N3    . DG  D 4 2  ? -11.949 0.197   7.030   1.00 90.97  ? 11  DG  D N3    1 
ATOM   755 C  C4    . DG  D 4 2  ? -11.381 0.174   8.257   1.00 89.83  ? 11  DG  D C4    1 
ATOM   756 P  P     . DT  D 4 3  ? -16.036 3.579   10.522  1.00 117.88 ? 12  DT  D P     1 
ATOM   757 O  OP1   . DT  D 4 3  ? -16.984 4.509   11.181  1.00 107.74 ? 12  DT  D OP1   1 
ATOM   758 O  OP2   . DT  D 4 3  ? -16.015 2.134   10.888  1.00 98.94  ? 12  DT  D OP2   1 
ATOM   759 O  "O5'" . DT  D 4 3  ? -16.208 3.680   8.933   1.00 110.74 ? 12  DT  D "O5'" 1 
ATOM   760 C  "C5'" . DT  D 4 3  ? -17.428 3.353   8.343   1.00 115.52 ? 12  DT  D "C5'" 1 
ATOM   761 C  "C4'" . DT  D 4 3  ? -17.279 2.236   7.327   1.00 112.75 ? 12  DT  D "C4'" 1 
ATOM   762 O  "O4'" . DT  D 4 3  ? -16.119 1.413   7.611   1.00 100.56 ? 12  DT  D "O4'" 1 
ATOM   763 C  "C3'" . DT  D 4 3  ? -18.465 1.276   7.286   1.00 120.57 ? 12  DT  D "C3'" 1 
ATOM   764 O  "O3'" . DT  D 4 3  ? -18.973 1.219   5.994   1.00 126.61 ? 12  DT  D "O3'" 1 
ATOM   765 C  "C2'" . DT  D 4 3  ? -17.868 -0.065  7.705   1.00 112.28 ? 12  DT  D "C2'" 1 
ATOM   766 C  "C1'" . DT  D 4 3  ? -16.439 0.091   7.254   1.00 101.38 ? 12  DT  D "C1'" 1 
ATOM   767 N  N1    . DT  D 4 3  ? -15.557 -0.799  7.966   1.00 101.17 ? 12  DT  D N1    1 
ATOM   768 C  C2    . DT  D 4 3  ? -15.160 -1.991  7.390   1.00 104.42 ? 12  DT  D C2    1 
ATOM   769 O  O2    . DT  D 4 3  ? -15.491 -2.337  6.269   1.00 108.42 ? 12  DT  D O2    1 
ATOM   770 N  N3    . DT  D 4 3  ? -14.343 -2.760  8.175   1.00 98.17  ? 12  DT  D N3    1 
ATOM   771 C  C4    . DT  D 4 3  ? -13.908 -2.455  9.459   1.00 97.42  ? 12  DT  D C4    1 
ATOM   772 O  O4    . DT  D 4 3  ? -13.177 -3.202  10.100  1.00 90.87  ? 12  DT  D O4    1 
ATOM   773 C  C5    . DT  D 4 3  ? -14.381 -1.195  9.995   1.00 97.26  ? 12  DT  D C5    1 
ATOM   774 C  C7    . DT  D 4 3  ? -13.985 -0.753  11.367  1.00 96.15  ? 12  DT  D C7    1 
ATOM   775 C  C6    . DT  D 4 3  ? -15.175 -0.449  9.234   1.00 98.11  ? 12  DT  D C6    1 
ATOM   776 P  P     . DC  D 4 4  ? -20.429 0.612   5.746   1.00 128.46 ? 13  DC  D P     1 
ATOM   777 O  OP1   . DC  D 4 4  ? -21.183 1.702   5.084   1.00 122.54 ? 13  DC  D OP1   1 
ATOM   778 O  OP2   . DC  D 4 4  ? -20.908 -0.001  7.008   1.00 123.95 ? 13  DC  D OP2   1 
ATOM   779 O  "O5'" . DC  D 4 4  ? -20.158 -0.595  4.750   1.00 111.34 ? 13  DC  D "O5'" 1 
ATOM   780 C  "C5'" . DC  D 4 4  ? -19.078 -1.445  4.999   1.00 110.67 ? 13  DC  D "C5'" 1 
ATOM   781 C  "C4'" . DC  D 4 4  ? -19.270 -2.748  4.294   1.00 129.15 ? 13  DC  D "C4'" 1 
ATOM   782 O  "O4'" . DC  D 4 4  ? -18.357 -3.726  4.841   1.00 131.80 ? 13  DC  D "O4'" 1 
ATOM   783 C  "C3'" . DC  D 4 4  ? -20.645 -3.347  4.460   1.00 142.99 ? 13  DC  D "C3'" 1 
ATOM   784 O  "O3'" . DC  D 4 4  ? -20.904 -4.194  3.357   1.00 151.04 ? 13  DC  D "O3'" 1 
ATOM   785 C  "C2'" . DC  D 4 4  ? -20.495 -4.129  5.766   1.00 142.58 ? 13  DC  D "C2'" 1 
ATOM   786 C  "C1'" . DC  D 4 4  ? -19.059 -4.648  5.653   1.00 134.06 ? 13  DC  D "C1'" 1 
ATOM   787 N  N1    . DC  D 4 4  ? -18.346 -4.725  6.948   1.00 122.36 ? 13  DC  D N1    1 
ATOM   788 C  C2    . DC  D 4 4  ? -17.443 -5.775  7.182   1.00 124.71 ? 13  DC  D C2    1 
ATOM   789 O  O2    . DC  D 4 4  ? -17.272 -6.636  6.307   1.00 127.34 ? 13  DC  D O2    1 
ATOM   790 N  N3    . DC  D 4 4  ? -16.785 -5.822  8.370   1.00 120.55 ? 13  DC  D N3    1 
ATOM   791 C  C4    . DC  D 4 4  ? -17.001 -4.872  9.284   1.00 121.89 ? 13  DC  D C4    1 
ATOM   792 N  N4    . DC  D 4 4  ? -16.334 -4.957  10.442  1.00 124.59 ? 13  DC  D N4    1 
ATOM   793 C  C5    . DC  D 4 4  ? -17.910 -3.792  9.056   1.00 117.54 ? 13  DC  D C5    1 
ATOM   794 C  C6    . DC  D 4 4  ? -18.551 -3.756  7.884   1.00 119.01 ? 13  DC  D C6    1 
ATOM   795 P  P     . DT  D 4 5  ? -22.359 -4.820  3.125   1.00 158.35 ? 14  DT  D P     1 
ATOM   796 O  OP1   . DT  D 4 5  ? -22.628 -4.736  1.673   1.00 156.44 ? 14  DT  D OP1   1 
ATOM   797 O  OP2   . DT  D 4 5  ? -23.297 -4.187  4.087   1.00 148.92 ? 14  DT  D OP2   1 
ATOM   798 O  "O5'" . DT  D 4 5  ? -22.155 -6.352  3.530   1.00 148.44 ? 14  DT  D "O5'" 1 
ATOM   799 C  "C5'" . DT  D 4 5  ? -20.976 -7.048  3.129   1.00 140.16 ? 14  DT  D "C5'" 1 
ATOM   800 C  "C4'" . DT  D 4 5  ? -20.909 -8.399  3.817   1.00 153.01 ? 14  DT  D "C4'" 1 
ATOM   801 O  "O4'" . DT  D 4 5  ? -20.168 -8.282  5.066   1.00 150.24 ? 14  DT  D "O4'" 1 
ATOM   802 C  "C3'" . DT  D 4 5  ? -22.278 -8.983  4.198   1.00 164.04 ? 14  DT  D "C3'" 1 
ATOM   803 O  "O3'" . DT  D 4 5  ? -22.343 -10.378 3.872   1.00 173.22 ? 14  DT  D "O3'" 1 
ATOM   804 C  "C2'" . DT  D 4 5  ? -22.348 -8.752  5.707   1.00 156.84 ? 14  DT  D "C2'" 1 
ATOM   805 C  "C1'" . DT  D 4 5  ? -20.892 -8.945  6.081   1.00 151.74 ? 14  DT  D "C1'" 1 
ATOM   806 N  N1    . DT  D 4 5  ? -20.519 -8.381  7.419   1.00 143.26 ? 14  DT  D N1    1 
ATOM   807 C  C2    . DT  D 4 5  ? -19.507 -8.987  8.139   1.00 143.22 ? 14  DT  D C2    1 
ATOM   808 O  O2    . DT  D 4 5  ? -18.886 -9.958  7.731   1.00 140.71 ? 14  DT  D O2    1 
ATOM   809 N  N3    . DT  D 4 5  ? -19.238 -8.405  9.359   1.00 144.23 ? 14  DT  D N3    1 
ATOM   810 C  C4    . DT  D 4 5  ? -19.877 -7.301  9.918   1.00 137.87 ? 14  DT  D C4    1 
ATOM   811 O  O4    . DT  D 4 5  ? -19.566 -6.849  11.023  1.00 130.14 ? 14  DT  D O4    1 
ATOM   812 C  C5    . DT  D 4 5  ? -20.934 -6.723  9.110   1.00 132.90 ? 14  DT  D C5    1 
ATOM   813 C  C7    . DT  D 4 5  ? -21.694 -5.530  9.608   1.00 122.41 ? 14  DT  D C7    1 
ATOM   814 C  C6    . DT  D 4 5  ? -21.204 -7.286  7.917   1.00 135.82 ? 14  DT  D C6    1 
ATOM   815 P  P     . DG  D 4 6  ? -23.667 -10.968 3.175   1.00 179.88 ? 15  DG  D P     1 
ATOM   816 O  OP1   . DG  D 4 6  ? -23.579 -10.656 1.729   1.00 177.70 ? 15  DG  D OP1   1 
ATOM   817 O  OP2   . DG  D 4 6  ? -24.816 -10.491 3.983   1.00 171.32 ? 15  DG  D OP2   1 
ATOM   818 O  "O5'" . DG  D 4 6  ? -23.581 -12.556 3.384   1.00 175.21 ? 15  DG  D "O5'" 1 
ATOM   819 C  "C5'" . DG  D 4 6  ? -22.441 -13.292 2.951   1.00 171.64 ? 15  DG  D "C5'" 1 
ATOM   820 C  "C4'" . DG  D 4 6  ? -21.960 -14.174 4.079   1.00 169.97 ? 15  DG  D "C4'" 1 
ATOM   821 O  "O4'" . DG  D 4 6  ? -21.601 -13.311 5.187   1.00 165.30 ? 15  DG  D "O4'" 1 
ATOM   822 C  "C3'" . DG  D 4 6  ? -23.017 -15.157 4.606   1.00 170.89 ? 15  DG  D "C3'" 1 
ATOM   823 O  "O3'" . DG  D 4 6  ? -22.502 -16.536 4.674   1.00 176.61 ? 15  DG  D "O3'" 1 
ATOM   824 C  "C2'" . DG  D 4 6  ? -23.446 -14.586 5.955   1.00 164.91 ? 15  DG  D "C2'" 1 
ATOM   825 C  "C1'" . DG  D 4 6  ? -22.274 -13.701 6.361   1.00 161.63 ? 15  DG  D "C1'" 1 
ATOM   826 N  N9    . DG  D 4 6  ? -22.699 -12.518 7.098   1.00 157.31 ? 15  DG  D N9    1 
ATOM   827 C  C8    . DG  D 4 6  ? -23.783 -11.717 6.823   1.00 156.56 ? 15  DG  D C8    1 
ATOM   828 N  N7    . DG  D 4 6  ? -23.945 -10.744 7.679   1.00 154.90 ? 15  DG  D N7    1 
ATOM   829 C  C5    . DG  D 4 6  ? -22.904 -10.918 8.590   1.00 154.93 ? 15  DG  D C5    1 
ATOM   830 C  C6    . DG  D 4 6  ? -22.561 -10.164 9.745   1.00 148.79 ? 15  DG  D C6    1 
ATOM   831 O  O6    . DG  D 4 6  ? -23.127 -9.160  10.206  1.00 145.37 ? 15  DG  D O6    1 
ATOM   832 N  N1    . DG  D 4 6  ? -21.432 -10.687 10.384  1.00 146.01 ? 15  DG  D N1    1 
ATOM   833 C  C2    . DG  D 4 6  ? -20.726 -11.793 9.961   1.00 146.89 ? 15  DG  D C2    1 
ATOM   834 N  N2    . DG  D 4 6  ? -19.667 -12.145 10.706  1.00 141.35 ? 15  DG  D N2    1 
ATOM   835 N  N3    . DG  D 4 6  ? -21.038 -12.506 8.883   1.00 151.21 ? 15  DG  D N3    1 
ATOM   836 C  C4    . DG  D 4 6  ? -22.134 -12.013 8.249   1.00 155.51 ? 15  DG  D C4    1 
ATOM   837 P  P     . DC  D 4 7  ? -21.896 -17.202 6.019   1.00 181.80 ? 16  DC  D P     1 
ATOM   838 O  OP1   . DC  D 4 7  ? -20.813 -16.341 6.543   1.00 177.76 ? 16  DC  D OP1   1 
ATOM   839 O  OP2   . DC  D 4 7  ? -21.570 -18.607 5.690   1.00 173.37 ? 16  DC  D OP2   1 
ATOM   840 O  "O5'" . DC  D 4 7  ? -23.123 -17.291 7.042   1.00 158.95 ? 16  DC  D "O5'" 1 
ATOM   841 C  "C5'" . DC  D 4 7  ? -23.028 -18.134 8.182   1.00 149.94 ? 16  DC  D "C5'" 1 
ATOM   842 C  "C4'" . DC  D 4 7  ? -21.951 -17.646 9.130   1.00 144.81 ? 16  DC  D "C4'" 1 
ATOM   843 O  "O4'" . DC  D 4 7  ? -22.032 -16.217 9.237   1.00 147.19 ? 16  DC  D "O4'" 1 
ATOM   844 C  "C3'" . DC  D 4 7  ? -22.078 -18.175 10.543  1.00 142.52 ? 16  DC  D "C3'" 1 
ATOM   845 O  "O3'" . DC  D 4 7  ? -21.255 -19.326 10.697  1.00 133.59 ? 16  DC  D "O3'" 1 
ATOM   846 C  "C2'" . DC  D 4 7  ? -21.604 -17.018 11.436  1.00 141.64 ? 16  DC  D "C2'" 1 
ATOM   847 C  "C1'" . DC  D 4 7  ? -21.618 -15.795 10.516  1.00 146.29 ? 16  DC  D "C1'" 1 
ATOM   848 N  N1    . DC  D 4 7  ? -22.547 -14.716 10.945  1.00 147.78 ? 16  DC  D N1    1 
ATOM   849 C  C2    . DC  D 4 7  ? -22.286 -13.951 12.102  1.00 150.25 ? 16  DC  D C2    1 
ATOM   850 O  O2    . DC  D 4 7  ? -21.286 -14.190 12.796  1.00 146.39 ? 16  DC  D O2    1 
ATOM   851 N  N3    . DC  D 4 7  ? -23.160 -12.968 12.440  1.00 151.46 ? 16  DC  D N3    1 
ATOM   852 C  C4    . DC  D 4 7  ? -24.233 -12.727 11.682  1.00 153.08 ? 16  DC  D C4    1 
ATOM   853 N  N4    . DC  D 4 7  ? -25.058 -11.740 12.063  1.00 153.47 ? 16  DC  D N4    1 
ATOM   854 C  C5    . DC  D 4 7  ? -24.505 -13.483 10.503  1.00 152.07 ? 16  DC  D C5    1 
ATOM   855 C  C6    . DC  D 4 7  ? -23.645 -14.452 10.176  1.00 147.82 ? 16  DC  D C6    1 
HETATM 856 AS AS    . CAC E 5 .  ? -1.372  1.016   -5.346  1.00 249.01 ? 101 CAC B AS    1 
HETATM 857 AS AS    . CAC F 5 .  ? 4.265   7.188   -9.264  1.00 193.44 ? 101 CAC C AS    1 
# 
loop_
_pdbx_poly_seq_scheme.asym_id 
_pdbx_poly_seq_scheme.entity_id 
_pdbx_poly_seq_scheme.seq_id 
_pdbx_poly_seq_scheme.mon_id 
_pdbx_poly_seq_scheme.ndb_seq_num 
_pdbx_poly_seq_scheme.pdb_seq_num 
_pdbx_poly_seq_scheme.auth_seq_num 
_pdbx_poly_seq_scheme.pdb_mon_id 
_pdbx_poly_seq_scheme.auth_mon_id 
_pdbx_poly_seq_scheme.pdb_strand_id 
_pdbx_poly_seq_scheme.pdb_ins_code 
_pdbx_poly_seq_scheme.hetero 
A 1 1  DG 1  1  1  DG DG A . n 
A 1 2  DA 2  2  2  DA DA A . n 
A 1 3  DG 3  3  3  DG DG A . n 
A 1 4  DC 4  4  4  DC DC A . n 
A 1 5  DA 5  5  5  DA DA A . n 
A 1 6  DG 6  6  6  DG DG A . n 
A 1 7  DA 7  7  7  DA DA A . n 
A 1 8  DC 8  8  8  DC DC A . n 
A 1 9  DA 9  9  9  DA DA A . n 
A 1 10 DT 10 10 10 DT DT A . n 
A 1 11 DG 11 11 11 DG DG A . n 
A 1 12 DA 12 12 12 DA DA A . n 
A 1 13 DC 13 13 13 DC DC A . n 
A 1 14 DT 14 14 14 DT DT A . n 
A 1 15 DC 15 15 15 DC DC A . n 
A 1 16 DC 16 16 16 DC DC A . n 
A 1 17 DA 17 17 17 DA DA A . n 
A 1 18 DC 18 18 18 DC DC A . n 
A 1 19 DT 19 19 19 DT DT A . n 
A 1 20 DC 20 20 20 DC DC A . n 
A 1 21 DA 21 21 21 DA DA A . n 
B 2 1  DA 1  1  1  DA DA B . n 
B 2 2  DG 2  2  2  DG DG B . n 
B 2 3  DT 3  3  3  DT DT B . n 
B 2 4  DC 4  4  4  DC DC B . n 
B 2 5  DA 5  5  5  DA DA B . n 
C 3 1  DT 1  1  1  DT DT C . n 
C 3 2  DC 2  2  2  DC DC C . n 
C 3 3  DT 3  3  3  DT DT C . n 
C 3 4  DG 4  4  4  DG DG C . n 
C 3 5  DA 5  5  5  DA DA C . n 
C 3 6  DG 6  6  6  DG DG C . n 
C 3 7  DT 7  7  7  DT DT C . n 
C 3 8  DG 8  8  8  DG DG C . n 
C 3 9  DG 9  9  9  DG DG C . n 
D 4 1  DT 1  10 10 DT DT D . n 
D 4 2  DG 2  11 11 DG DG D . n 
D 4 3  DT 3  12 12 DT DT D . n 
D 4 4  DC 4  13 13 DC DC D . n 
D 4 5  DT 5  14 14 DT DT D . n 
D 4 6  DG 6  15 15 DG DG D . n 
D 4 7  DC 7  16 16 DC DC D . n 
# 
loop_
_pdbx_nonpoly_scheme.asym_id 
_pdbx_nonpoly_scheme.entity_id 
_pdbx_nonpoly_scheme.mon_id 
_pdbx_nonpoly_scheme.ndb_seq_num 
_pdbx_nonpoly_scheme.pdb_seq_num 
_pdbx_nonpoly_scheme.auth_seq_num 
_pdbx_nonpoly_scheme.pdb_mon_id 
_pdbx_nonpoly_scheme.auth_mon_id 
_pdbx_nonpoly_scheme.pdb_strand_id 
_pdbx_nonpoly_scheme.pdb_ins_code 
E 5 CAC 1 101 1 CAC AS B . 
F 5 CAC 1 101 2 CAC AS C . 
# 
_pdbx_struct_assembly.id                   1 
_pdbx_struct_assembly.details              author_and_software_defined_assembly 
_pdbx_struct_assembly.method_details       PISA 
_pdbx_struct_assembly.oligomeric_details   tetrameric 
_pdbx_struct_assembly.oligomeric_count     4 
# 
_pdbx_struct_assembly_gen.assembly_id       1 
_pdbx_struct_assembly_gen.oper_expression   1 
_pdbx_struct_assembly_gen.asym_id_list      A,B,C,D,E,F 
# 
loop_
_pdbx_struct_assembly_prop.biol_id 
_pdbx_struct_assembly_prop.type 
_pdbx_struct_assembly_prop.value 
_pdbx_struct_assembly_prop.details 
1 'ABSA (A^2)' 2460 ? 
1 MORE         -12  ? 
1 'SSA (A^2)'  7830 ? 
# 
_pdbx_struct_oper_list.id                   1 
_pdbx_struct_oper_list.type                 'identity operation' 
_pdbx_struct_oper_list.name                 1_555 
_pdbx_struct_oper_list.symmetry_operation   x,y,z 
_pdbx_struct_oper_list.matrix[1][1]         1.0000000000 
_pdbx_struct_oper_list.matrix[1][2]         0.0000000000 
_pdbx_struct_oper_list.matrix[1][3]         0.0000000000 
_pdbx_struct_oper_list.vector[1]            0.0000000000 
_pdbx_struct_oper_list.matrix[2][1]         0.0000000000 
_pdbx_struct_oper_list.matrix[2][2]         1.0000000000 
_pdbx_struct_oper_list.matrix[2][3]         0.0000000000 
_pdbx_struct_oper_list.vector[2]            0.0000000000 
_pdbx_struct_oper_list.matrix[3][1]         0.0000000000 
_pdbx_struct_oper_list.matrix[3][2]         0.0000000000 
_pdbx_struct_oper_list.matrix[3][3]         1.0000000000 
_pdbx_struct_oper_list.vector[3]            0.0000000000 
# 
loop_
_pdbx_audit_revision_history.ordinal 
_pdbx_audit_revision_history.data_content_type 
_pdbx_audit_revision_history.major_revision 
_pdbx_audit_revision_history.minor_revision 
_pdbx_audit_revision_history.revision_date 
1 'Structure model' 1 0 2021-07-14 
2 'Structure model' 1 1 2022-07-06 
3 'Structure model' 1 2 2023-10-18 
# 
_pdbx_audit_revision_details.ordinal             1 
_pdbx_audit_revision_details.revision_ordinal    1 
_pdbx_audit_revision_details.data_content_type   'Structure model' 
_pdbx_audit_revision_details.provider            repository 
_pdbx_audit_revision_details.type                'Initial release' 
_pdbx_audit_revision_details.description         ? 
_pdbx_audit_revision_details.details             ? 
# 
loop_
_pdbx_audit_revision_group.ordinal 
_pdbx_audit_revision_group.revision_ordinal 
_pdbx_audit_revision_group.data_content_type 
_pdbx_audit_revision_group.group 
1 2 'Structure model' 'Database references'    
2 3 'Structure model' 'Data collection'        
3 3 'Structure model' 'Refinement description' 
# 
loop_
_pdbx_audit_revision_category.ordinal 
_pdbx_audit_revision_category.revision_ordinal 
_pdbx_audit_revision_category.data_content_type 
_pdbx_audit_revision_category.category 
1 2 'Structure model' citation                      
2 2 'Structure model' citation_author               
3 2 'Structure model' database_2                    
4 3 'Structure model' chem_comp_atom                
5 3 'Structure model' chem_comp_bond                
6 3 'Structure model' pdbx_initial_refinement_model 
# 
loop_
_pdbx_audit_revision_item.ordinal 
_pdbx_audit_revision_item.revision_ordinal 
_pdbx_audit_revision_item.data_content_type 
_pdbx_audit_revision_item.item 
1  2 'Structure model' '_citation.country'                   
2  2 'Structure model' '_citation.journal_abbrev'            
3  2 'Structure model' '_citation.journal_id_CSD'            
4  2 'Structure model' '_citation.journal_id_ISSN'           
5  2 'Structure model' '_citation.journal_volume'            
6  2 'Structure model' '_citation.page_first'                
7  2 'Structure model' '_citation.page_last'                 
8  2 'Structure model' '_citation.pdbx_database_id_DOI'      
9  2 'Structure model' '_citation.pdbx_database_id_PubMed'   
10 2 'Structure model' '_citation.title'                     
11 2 'Structure model' '_citation.year'                      
12 2 'Structure model' '_database_2.pdbx_DOI'                
13 2 'Structure model' '_database_2.pdbx_database_accession' 
# 
loop_
_software.citation_id 
_software.classification 
_software.compiler_name 
_software.compiler_version 
_software.contact_author 
_software.contact_author_email 
_software.date 
_software.description 
_software.dependencies 
_software.hardware 
_software.language 
_software.location 
_software.mods 
_software.name 
_software.os 
_software.os_version 
_software.type 
_software.version 
_software.pdbx_ordinal 
? 'data reduction'  ? ? ? ? ? ? ? ? ? ? ? HKL-2000    ? ? ? .           1 
? 'data scaling'    ? ? ? ? ? ? ? ? ? ? ? HKL-2000    ? ? ? .           2 
? refinement        ? ? ? ? ? ? ? ? ? ? ? PHENIX      ? ? ? 1.11.1_2575 3 
? 'data extraction' ? ? ? ? ? ? ? ? ? ? ? PDB_EXTRACT ? ? ? 3.25        4 
? phasing           ? ? ? ? ? ? ? ? ? ? ? PHASER      ? ? ? .           5 
# 
_pdbx_entry_details.entry_id                 6WRI 
_pdbx_entry_details.has_ligand_of_interest   N 
_pdbx_entry_details.compound_details         ? 
_pdbx_entry_details.source_details           ? 
_pdbx_entry_details.nonpolymer_details       ? 
_pdbx_entry_details.sequence_details         ? 
# 
_pdbx_validate_rmsd_bond.id                        1 
_pdbx_validate_rmsd_bond.PDB_model_num             1 
_pdbx_validate_rmsd_bond.auth_atom_id_1            "O3'" 
_pdbx_validate_rmsd_bond.auth_asym_id_1            C 
_pdbx_validate_rmsd_bond.auth_comp_id_1            DG 
_pdbx_validate_rmsd_bond.auth_seq_id_1             9 
_pdbx_validate_rmsd_bond.PDB_ins_code_1            ? 
_pdbx_validate_rmsd_bond.label_alt_id_1            ? 
_pdbx_validate_rmsd_bond.auth_atom_id_2            "C3'" 
_pdbx_validate_rmsd_bond.auth_asym_id_2            C 
_pdbx_validate_rmsd_bond.auth_comp_id_2            DG 
_pdbx_validate_rmsd_bond.auth_seq_id_2             9 
_pdbx_validate_rmsd_bond.PDB_ins_code_2            ? 
_pdbx_validate_rmsd_bond.label_alt_id_2            ? 
_pdbx_validate_rmsd_bond.bond_value                1.382 
_pdbx_validate_rmsd_bond.bond_target_value         1.419 
_pdbx_validate_rmsd_bond.bond_deviation            -0.037 
_pdbx_validate_rmsd_bond.bond_standard_deviation   0.006 
_pdbx_validate_rmsd_bond.linker_flag               N 
# 
loop_
_pdbx_validate_rmsd_angle.id 
_pdbx_validate_rmsd_angle.PDB_model_num 
_pdbx_validate_rmsd_angle.auth_atom_id_1 
_pdbx_validate_rmsd_angle.auth_asym_id_1 
_pdbx_validate_rmsd_angle.auth_comp_id_1 
_pdbx_validate_rmsd_angle.auth_seq_id_1 
_pdbx_validate_rmsd_angle.PDB_ins_code_1 
_pdbx_validate_rmsd_angle.label_alt_id_1 
_pdbx_validate_rmsd_angle.auth_atom_id_2 
_pdbx_validate_rmsd_angle.auth_asym_id_2 
_pdbx_validate_rmsd_angle.auth_comp_id_2 
_pdbx_validate_rmsd_angle.auth_seq_id_2 
_pdbx_validate_rmsd_angle.PDB_ins_code_2 
_pdbx_validate_rmsd_angle.label_alt_id_2 
_pdbx_validate_rmsd_angle.auth_atom_id_3 
_pdbx_validate_rmsd_angle.auth_asym_id_3 
_pdbx_validate_rmsd_angle.auth_comp_id_3 
_pdbx_validate_rmsd_angle.auth_seq_id_3 
_pdbx_validate_rmsd_angle.PDB_ins_code_3 
_pdbx_validate_rmsd_angle.label_alt_id_3 
_pdbx_validate_rmsd_angle.angle_value 
_pdbx_validate_rmsd_angle.angle_target_value 
_pdbx_validate_rmsd_angle.angle_deviation 
_pdbx_validate_rmsd_angle.angle_standard_deviation 
_pdbx_validate_rmsd_angle.linker_flag 
1 1 "O4'" A DG 1 ? ? "C1'" A DG 1 ? ? N9    A DG 1 ? ? 110.79 108.30 2.49  0.30 N 
2 1 "C3'" C DG 9 ? ? "C2'" C DG 9 ? ? "C1'" C DG 9 ? ? 97.36  102.40 -5.04 0.80 N 
3 1 "O4'" C DG 9 ? ? "C1'" C DG 9 ? ? N9    C DG 9 ? ? 110.67 108.30 2.37  0.30 N 
# 
loop_
_pdbx_unobs_or_zero_occ_atoms.id 
_pdbx_unobs_or_zero_occ_atoms.PDB_model_num 
_pdbx_unobs_or_zero_occ_atoms.polymer_flag 
_pdbx_unobs_or_zero_occ_atoms.occupancy_flag 
_pdbx_unobs_or_zero_occ_atoms.auth_asym_id 
_pdbx_unobs_or_zero_occ_atoms.auth_comp_id 
_pdbx_unobs_or_zero_occ_atoms.auth_seq_id 
_pdbx_unobs_or_zero_occ_atoms.PDB_ins_code 
_pdbx_unobs_or_zero_occ_atoms.auth_atom_id 
_pdbx_unobs_or_zero_occ_atoms.label_alt_id 
_pdbx_unobs_or_zero_occ_atoms.label_asym_id 
_pdbx_unobs_or_zero_occ_atoms.label_comp_id 
_pdbx_unobs_or_zero_occ_atoms.label_seq_id 
_pdbx_unobs_or_zero_occ_atoms.label_atom_id 
1 1 N 1 B CAC 101 ? O1 ? E CAC 1 O1 
2 1 N 1 B CAC 101 ? O2 ? E CAC 1 O2 
3 1 N 1 B CAC 101 ? C1 ? E CAC 1 C1 
4 1 N 1 B CAC 101 ? C2 ? E CAC 1 C2 
5 1 N 1 C CAC 101 ? O1 ? F CAC 1 O1 
6 1 N 1 C CAC 101 ? O2 ? F CAC 1 O2 
7 1 N 1 C CAC 101 ? C1 ? F CAC 1 C1 
8 1 N 1 C CAC 101 ? C2 ? F CAC 1 C2 
# 
loop_
_chem_comp_atom.comp_id 
_chem_comp_atom.atom_id 
_chem_comp_atom.type_symbol 
_chem_comp_atom.pdbx_aromatic_flag 
_chem_comp_atom.pdbx_stereo_config 
_chem_comp_atom.pdbx_ordinal 
CAC AS     AS N N 1   
CAC O1     O  N N 2   
CAC O2     O  N N 3   
CAC C1     C  N N 4   
CAC C2     C  N N 5   
CAC H11    H  N N 6   
CAC H12    H  N N 7   
CAC H13    H  N N 8   
CAC H21    H  N N 9   
CAC H22    H  N N 10  
CAC H23    H  N N 11  
DA  OP3    O  N N 12  
DA  P      P  N N 13  
DA  OP1    O  N N 14  
DA  OP2    O  N N 15  
DA  "O5'"  O  N N 16  
DA  "C5'"  C  N N 17  
DA  "C4'"  C  N R 18  
DA  "O4'"  O  N N 19  
DA  "C3'"  C  N S 20  
DA  "O3'"  O  N N 21  
DA  "C2'"  C  N N 22  
DA  "C1'"  C  N R 23  
DA  N9     N  Y N 24  
DA  C8     C  Y N 25  
DA  N7     N  Y N 26  
DA  C5     C  Y N 27  
DA  C6     C  Y N 28  
DA  N6     N  N N 29  
DA  N1     N  Y N 30  
DA  C2     C  Y N 31  
DA  N3     N  Y N 32  
DA  C4     C  Y N 33  
DA  HOP3   H  N N 34  
DA  HOP2   H  N N 35  
DA  "H5'"  H  N N 36  
DA  "H5''" H  N N 37  
DA  "H4'"  H  N N 38  
DA  "H3'"  H  N N 39  
DA  "HO3'" H  N N 40  
DA  "H2'"  H  N N 41  
DA  "H2''" H  N N 42  
DA  "H1'"  H  N N 43  
DA  H8     H  N N 44  
DA  H61    H  N N 45  
DA  H62    H  N N 46  
DA  H2     H  N N 47  
DC  OP3    O  N N 48  
DC  P      P  N N 49  
DC  OP1    O  N N 50  
DC  OP2    O  N N 51  
DC  "O5'"  O  N N 52  
DC  "C5'"  C  N N 53  
DC  "C4'"  C  N R 54  
DC  "O4'"  O  N N 55  
DC  "C3'"  C  N S 56  
DC  "O3'"  O  N N 57  
DC  "C2'"  C  N N 58  
DC  "C1'"  C  N R 59  
DC  N1     N  N N 60  
DC  C2     C  N N 61  
DC  O2     O  N N 62  
DC  N3     N  N N 63  
DC  C4     C  N N 64  
DC  N4     N  N N 65  
DC  C5     C  N N 66  
DC  C6     C  N N 67  
DC  HOP3   H  N N 68  
DC  HOP2   H  N N 69  
DC  "H5'"  H  N N 70  
DC  "H5''" H  N N 71  
DC  "H4'"  H  N N 72  
DC  "H3'"  H  N N 73  
DC  "HO3'" H  N N 74  
DC  "H2'"  H  N N 75  
DC  "H2''" H  N N 76  
DC  "H1'"  H  N N 77  
DC  H41    H  N N 78  
DC  H42    H  N N 79  
DC  H5     H  N N 80  
DC  H6     H  N N 81  
DG  OP3    O  N N 82  
DG  P      P  N N 83  
DG  OP1    O  N N 84  
DG  OP2    O  N N 85  
DG  "O5'"  O  N N 86  
DG  "C5'"  C  N N 87  
DG  "C4'"  C  N R 88  
DG  "O4'"  O  N N 89  
DG  "C3'"  C  N S 90  
DG  "O3'"  O  N N 91  
DG  "C2'"  C  N N 92  
DG  "C1'"  C  N R 93  
DG  N9     N  Y N 94  
DG  C8     C  Y N 95  
DG  N7     N  Y N 96  
DG  C5     C  Y N 97  
DG  C6     C  N N 98  
DG  O6     O  N N 99  
DG  N1     N  N N 100 
DG  C2     C  N N 101 
DG  N2     N  N N 102 
DG  N3     N  N N 103 
DG  C4     C  Y N 104 
DG  HOP3   H  N N 105 
DG  HOP2   H  N N 106 
DG  "H5'"  H  N N 107 
DG  "H5''" H  N N 108 
DG  "H4'"  H  N N 109 
DG  "H3'"  H  N N 110 
DG  "HO3'" H  N N 111 
DG  "H2'"  H  N N 112 
DG  "H2''" H  N N 113 
DG  "H1'"  H  N N 114 
DG  H8     H  N N 115 
DG  H1     H  N N 116 
DG  H21    H  N N 117 
DG  H22    H  N N 118 
DT  OP3    O  N N 119 
DT  P      P  N N 120 
DT  OP1    O  N N 121 
DT  OP2    O  N N 122 
DT  "O5'"  O  N N 123 
DT  "C5'"  C  N N 124 
DT  "C4'"  C  N R 125 
DT  "O4'"  O  N N 126 
DT  "C3'"  C  N S 127 
DT  "O3'"  O  N N 128 
DT  "C2'"  C  N N 129 
DT  "C1'"  C  N R 130 
DT  N1     N  N N 131 
DT  C2     C  N N 132 
DT  O2     O  N N 133 
DT  N3     N  N N 134 
DT  C4     C  N N 135 
DT  O4     O  N N 136 
DT  C5     C  N N 137 
DT  C7     C  N N 138 
DT  C6     C  N N 139 
DT  HOP3   H  N N 140 
DT  HOP2   H  N N 141 
DT  "H5'"  H  N N 142 
DT  "H5''" H  N N 143 
DT  "H4'"  H  N N 144 
DT  "H3'"  H  N N 145 
DT  "HO3'" H  N N 146 
DT  "H2'"  H  N N 147 
DT  "H2''" H  N N 148 
DT  "H1'"  H  N N 149 
DT  H3     H  N N 150 
DT  H71    H  N N 151 
DT  H72    H  N N 152 
DT  H73    H  N N 153 
DT  H6     H  N N 154 
# 
loop_
_chem_comp_bond.comp_id 
_chem_comp_bond.atom_id_1 
_chem_comp_bond.atom_id_2 
_chem_comp_bond.value_order 
_chem_comp_bond.pdbx_aromatic_flag 
_chem_comp_bond.pdbx_stereo_config 
_chem_comp_bond.pdbx_ordinal 
CAC AS    O1     doub N N 1   
CAC AS    O2     sing N N 2   
CAC AS    C1     sing N N 3   
CAC AS    C2     sing N N 4   
CAC C1    H11    sing N N 5   
CAC C1    H12    sing N N 6   
CAC C1    H13    sing N N 7   
CAC C2    H21    sing N N 8   
CAC C2    H22    sing N N 9   
CAC C2    H23    sing N N 10  
DA  OP3   P      sing N N 11  
DA  OP3   HOP3   sing N N 12  
DA  P     OP1    doub N N 13  
DA  P     OP2    sing N N 14  
DA  P     "O5'"  sing N N 15  
DA  OP2   HOP2   sing N N 16  
DA  "O5'" "C5'"  sing N N 17  
DA  "C5'" "C4'"  sing N N 18  
DA  "C5'" "H5'"  sing N N 19  
DA  "C5'" "H5''" sing N N 20  
DA  "C4'" "O4'"  sing N N 21  
DA  "C4'" "C3'"  sing N N 22  
DA  "C4'" "H4'"  sing N N 23  
DA  "O4'" "C1'"  sing N N 24  
DA  "C3'" "O3'"  sing N N 25  
DA  "C3'" "C2'"  sing N N 26  
DA  "C3'" "H3'"  sing N N 27  
DA  "O3'" "HO3'" sing N N 28  
DA  "C2'" "C1'"  sing N N 29  
DA  "C2'" "H2'"  sing N N 30  
DA  "C2'" "H2''" sing N N 31  
DA  "C1'" N9     sing N N 32  
DA  "C1'" "H1'"  sing N N 33  
DA  N9    C8     sing Y N 34  
DA  N9    C4     sing Y N 35  
DA  C8    N7     doub Y N 36  
DA  C8    H8     sing N N 37  
DA  N7    C5     sing Y N 38  
DA  C5    C6     sing Y N 39  
DA  C5    C4     doub Y N 40  
DA  C6    N6     sing N N 41  
DA  C6    N1     doub Y N 42  
DA  N6    H61    sing N N 43  
DA  N6    H62    sing N N 44  
DA  N1    C2     sing Y N 45  
DA  C2    N3     doub Y N 46  
DA  C2    H2     sing N N 47  
DA  N3    C4     sing Y N 48  
DC  OP3   P      sing N N 49  
DC  OP3   HOP3   sing N N 50  
DC  P     OP1    doub N N 51  
DC  P     OP2    sing N N 52  
DC  P     "O5'"  sing N N 53  
DC  OP2   HOP2   sing N N 54  
DC  "O5'" "C5'"  sing N N 55  
DC  "C5'" "C4'"  sing N N 56  
DC  "C5'" "H5'"  sing N N 57  
DC  "C5'" "H5''" sing N N 58  
DC  "C4'" "O4'"  sing N N 59  
DC  "C4'" "C3'"  sing N N 60  
DC  "C4'" "H4'"  sing N N 61  
DC  "O4'" "C1'"  sing N N 62  
DC  "C3'" "O3'"  sing N N 63  
DC  "C3'" "C2'"  sing N N 64  
DC  "C3'" "H3'"  sing N N 65  
DC  "O3'" "HO3'" sing N N 66  
DC  "C2'" "C1'"  sing N N 67  
DC  "C2'" "H2'"  sing N N 68  
DC  "C2'" "H2''" sing N N 69  
DC  "C1'" N1     sing N N 70  
DC  "C1'" "H1'"  sing N N 71  
DC  N1    C2     sing N N 72  
DC  N1    C6     sing N N 73  
DC  C2    O2     doub N N 74  
DC  C2    N3     sing N N 75  
DC  N3    C4     doub N N 76  
DC  C4    N4     sing N N 77  
DC  C4    C5     sing N N 78  
DC  N4    H41    sing N N 79  
DC  N4    H42    sing N N 80  
DC  C5    C6     doub N N 81  
DC  C5    H5     sing N N 82  
DC  C6    H6     sing N N 83  
DG  OP3   P      sing N N 84  
DG  OP3   HOP3   sing N N 85  
DG  P     OP1    doub N N 86  
DG  P     OP2    sing N N 87  
DG  P     "O5'"  sing N N 88  
DG  OP2   HOP2   sing N N 89  
DG  "O5'" "C5'"  sing N N 90  
DG  "C5'" "C4'"  sing N N 91  
DG  "C5'" "H5'"  sing N N 92  
DG  "C5'" "H5''" sing N N 93  
DG  "C4'" "O4'"  sing N N 94  
DG  "C4'" "C3'"  sing N N 95  
DG  "C4'" "H4'"  sing N N 96  
DG  "O4'" "C1'"  sing N N 97  
DG  "C3'" "O3'"  sing N N 98  
DG  "C3'" "C2'"  sing N N 99  
DG  "C3'" "H3'"  sing N N 100 
DG  "O3'" "HO3'" sing N N 101 
DG  "C2'" "C1'"  sing N N 102 
DG  "C2'" "H2'"  sing N N 103 
DG  "C2'" "H2''" sing N N 104 
DG  "C1'" N9     sing N N 105 
DG  "C1'" "H1'"  sing N N 106 
DG  N9    C8     sing Y N 107 
DG  N9    C4     sing Y N 108 
DG  C8    N7     doub Y N 109 
DG  C8    H8     sing N N 110 
DG  N7    C5     sing Y N 111 
DG  C5    C6     sing N N 112 
DG  C5    C4     doub Y N 113 
DG  C6    O6     doub N N 114 
DG  C6    N1     sing N N 115 
DG  N1    C2     sing N N 116 
DG  N1    H1     sing N N 117 
DG  C2    N2     sing N N 118 
DG  C2    N3     doub N N 119 
DG  N2    H21    sing N N 120 
DG  N2    H22    sing N N 121 
DG  N3    C4     sing N N 122 
DT  OP3   P      sing N N 123 
DT  OP3   HOP3   sing N N 124 
DT  P     OP1    doub N N 125 
DT  P     OP2    sing N N 126 
DT  P     "O5'"  sing N N 127 
DT  OP2   HOP2   sing N N 128 
DT  "O5'" "C5'"  sing N N 129 
DT  "C5'" "C4'"  sing N N 130 
DT  "C5'" "H5'"  sing N N 131 
DT  "C5'" "H5''" sing N N 132 
DT  "C4'" "O4'"  sing N N 133 
DT  "C4'" "C3'"  sing N N 134 
DT  "C4'" "H4'"  sing N N 135 
DT  "O4'" "C1'"  sing N N 136 
DT  "C3'" "O3'"  sing N N 137 
DT  "C3'" "C2'"  sing N N 138 
DT  "C3'" "H3'"  sing N N 139 
DT  "O3'" "HO3'" sing N N 140 
DT  "C2'" "C1'"  sing N N 141 
DT  "C2'" "H2'"  sing N N 142 
DT  "C2'" "H2''" sing N N 143 
DT  "C1'" N1     sing N N 144 
DT  "C1'" "H1'"  sing N N 145 
DT  N1    C2     sing N N 146 
DT  N1    C6     sing N N 147 
DT  C2    O2     doub N N 148 
DT  C2    N3     sing N N 149 
DT  N3    C4     sing N N 150 
DT  N3    H3     sing N N 151 
DT  C4    O4     doub N N 152 
DT  C4    C5     sing N N 153 
DT  C5    C7     sing N N 154 
DT  C5    C6     doub N N 155 
DT  C7    H71    sing N N 156 
DT  C7    H72    sing N N 157 
DT  C7    H73    sing N N 158 
DT  C6    H6     sing N N 159 
# 
loop_
_ndb_struct_conf_na.entry_id 
_ndb_struct_conf_na.feature 
6WRI 'double helix'        
6WRI 'a-form double helix' 
6WRI 'b-form double helix' 
# 
loop_
_ndb_struct_na_base_pair.model_number 
_ndb_struct_na_base_pair.i_label_asym_id 
_ndb_struct_na_base_pair.i_label_comp_id 
_ndb_struct_na_base_pair.i_label_seq_id 
_ndb_struct_na_base_pair.i_symmetry 
_ndb_struct_na_base_pair.j_label_asym_id 
_ndb_struct_na_base_pair.j_label_comp_id 
_ndb_struct_na_base_pair.j_label_seq_id 
_ndb_struct_na_base_pair.j_symmetry 
_ndb_struct_na_base_pair.shear 
_ndb_struct_na_base_pair.stretch 
_ndb_struct_na_base_pair.stagger 
_ndb_struct_na_base_pair.buckle 
_ndb_struct_na_base_pair.propeller 
_ndb_struct_na_base_pair.opening 
_ndb_struct_na_base_pair.pair_number 
_ndb_struct_na_base_pair.pair_name 
_ndb_struct_na_base_pair.i_auth_asym_id 
_ndb_struct_na_base_pair.i_auth_seq_id 
_ndb_struct_na_base_pair.i_PDB_ins_code 
_ndb_struct_na_base_pair.j_auth_asym_id 
_ndb_struct_na_base_pair.j_auth_seq_id 
_ndb_struct_na_base_pair.j_PDB_ins_code 
_ndb_struct_na_base_pair.hbond_type_28 
_ndb_struct_na_base_pair.hbond_type_12 
1 A DG 3  1_555 D DC 7 1_555 -0.077 -0.191 0.598  0.841  -19.356 -4.494 1  A_DG3:DC16_D A 3  ? D 16 ? 19 1 
1 A DC 4  1_555 D DG 6 1_555 -0.730 1.097  -0.093 -2.840 -15.912 8.245  2  A_DC4:DG15_D A 4  ? D 15 ? ?  1 
1 A DA 5  1_555 D DT 5 1_555 0.044  0.070  0.163  -3.663 -9.607  -1.907 3  A_DA5:DT14_D A 5  ? D 14 ? 20 1 
1 A DG 6  1_555 D DC 4 1_555 -0.207 -0.078 -0.039 -1.216 -7.236  -0.374 4  A_DG6:DC13_D A 6  ? D 13 ? 19 1 
1 A DA 7  1_555 D DT 3 1_555 0.050  -0.033 -0.038 -2.005 -2.258  -5.008 5  A_DA7:DT12_D A 7  ? D 12 ? 20 1 
1 A DC 8  1_555 D DG 2 1_555 0.188  -0.142 0.281  -0.885 -6.156  0.445  6  A_DC8:DG11_D A 8  ? D 11 ? 19 1 
1 A DA 9  1_555 D DT 1 1_555 -0.067 -0.041 0.453  -3.009 -5.151  3.453  7  A_DA9:DT10_D A 9  ? D 10 ? 20 1 
1 A DT 10 1_555 B DA 5 1_555 -0.140 -0.226 0.516  -6.345 -3.372  1.621  8  A_DT10:DA5_B A 10 ? B 5  ? 20 1 
1 A DG 11 1_555 B DC 4 1_555 -0.107 -0.139 0.590  9.294  -5.794  -0.789 9  A_DG11:DC4_B A 11 ? B 4  ? 19 1 
1 A DA 12 1_555 B DT 3 1_555 0.211  -0.159 0.190  3.401  -7.357  1.127  10 A_DA12:DT3_B A 12 ? B 3  ? 20 1 
1 A DC 13 1_555 B DG 2 1_555 0.268  -0.283 0.298  3.419  -8.566  1.402  11 A_DC13:DG2_B A 13 ? B 2  ? 19 1 
1 A DT 14 1_555 B DA 1 1_555 -0.121 -0.227 0.423  4.027  -9.337  -2.039 12 A_DT14:DA1_B A 14 ? B 1  ? 20 1 
1 A DC 15 1_555 C DG 9 1_555 0.246  -0.195 0.236  -3.593 -6.668  1.700  13 A_DC15:DG9_C A 15 ? C 9  ? 19 1 
1 A DC 16 1_555 C DG 8 1_555 0.205  -0.165 0.543  1.957  -7.829  1.603  14 A_DC16:DG8_C A 16 ? C 8  ? 19 1 
1 A DA 17 1_555 C DT 7 1_555 0.145  -0.087 0.307  -2.963 -11.636 -0.580 15 A_DA17:DT7_C A 17 ? C 7  ? 20 1 
1 A DC 18 1_555 C DG 6 1_555 0.164  -0.155 0.156  -3.323 -7.197  -1.203 16 A_DC18:DG6_C A 18 ? C 6  ? 19 1 
1 A DT 19 1_555 C DA 5 1_555 -0.168 -0.088 0.107  -3.253 -12.667 0.450  17 A_DT19:DA5_C A 19 ? C 5  ? 20 1 
1 A DC 20 1_555 C DG 4 1_555 0.220  0.046  -0.030 -1.236 -12.485 6.179  18 A_DC20:DG4_C A 20 ? C 4  ? 19 1 
1 A DA 21 1_555 C DT 3 1_555 1.374  0.715  0.016  -4.596 -20.670 -0.218 19 A_DA21:DT3_C A 21 ? C 3  ? ?  ? 
# 
loop_
_ndb_struct_na_base_pair_step.model_number 
_ndb_struct_na_base_pair_step.i_label_asym_id_1 
_ndb_struct_na_base_pair_step.i_label_comp_id_1 
_ndb_struct_na_base_pair_step.i_label_seq_id_1 
_ndb_struct_na_base_pair_step.i_symmetry_1 
_ndb_struct_na_base_pair_step.j_label_asym_id_1 
_ndb_struct_na_base_pair_step.j_label_comp_id_1 
_ndb_struct_na_base_pair_step.j_label_seq_id_1 
_ndb_struct_na_base_pair_step.j_symmetry_1 
_ndb_struct_na_base_pair_step.i_label_asym_id_2 
_ndb_struct_na_base_pair_step.i_label_comp_id_2 
_ndb_struct_na_base_pair_step.i_label_seq_id_2 
_ndb_struct_na_base_pair_step.i_symmetry_2 
_ndb_struct_na_base_pair_step.j_label_asym_id_2 
_ndb_struct_na_base_pair_step.j_label_comp_id_2 
_ndb_struct_na_base_pair_step.j_label_seq_id_2 
_ndb_struct_na_base_pair_step.j_symmetry_2 
_ndb_struct_na_base_pair_step.shift 
_ndb_struct_na_base_pair_step.slide 
_ndb_struct_na_base_pair_step.rise 
_ndb_struct_na_base_pair_step.tilt 
_ndb_struct_na_base_pair_step.roll 
_ndb_struct_na_base_pair_step.twist 
_ndb_struct_na_base_pair_step.x_displacement 
_ndb_struct_na_base_pair_step.y_displacement 
_ndb_struct_na_base_pair_step.helical_rise 
_ndb_struct_na_base_pair_step.inclination 
_ndb_struct_na_base_pair_step.tip 
_ndb_struct_na_base_pair_step.helical_twist 
_ndb_struct_na_base_pair_step.step_number 
_ndb_struct_na_base_pair_step.step_name 
_ndb_struct_na_base_pair_step.i_auth_asym_id_1 
_ndb_struct_na_base_pair_step.i_auth_seq_id_1 
_ndb_struct_na_base_pair_step.i_PDB_ins_code_1 
_ndb_struct_na_base_pair_step.j_auth_asym_id_1 
_ndb_struct_na_base_pair_step.j_auth_seq_id_1 
_ndb_struct_na_base_pair_step.j_PDB_ins_code_1 
_ndb_struct_na_base_pair_step.i_auth_asym_id_2 
_ndb_struct_na_base_pair_step.i_auth_seq_id_2 
_ndb_struct_na_base_pair_step.i_PDB_ins_code_2 
_ndb_struct_na_base_pair_step.j_auth_asym_id_2 
_ndb_struct_na_base_pair_step.j_auth_seq_id_2 
_ndb_struct_na_base_pair_step.j_PDB_ins_code_2 
1 A DG 3  1_555 D DC 7 1_555 A DC 4  1_555 D DG 6 1_555 -0.014 -1.083 3.220 4.597  -3.286 31.316 -1.375 0.867  3.278 -6.027 -8.429 
31.809 1  AA_DG3DC4:DG15DC16_DD A 3  ? D 16 ? A 4  ? D 15 ? 
1 A DC 4  1_555 D DG 6 1_555 A DA 5  1_555 D DT 5 1_555 -0.579 1.885  3.357 -4.159 3.308  41.562 2.272  0.351  3.530 4.639  5.833  
41.885 2  AA_DC4DA5:DT14DG15_DD A 4  ? D 15 ? A 5  ? D 14 ? 
1 A DA 5  1_555 D DT 5 1_555 A DG 6  1_555 D DC 4 1_555 -0.174 -0.170 3.291 -2.986 -0.046 27.558 -0.343 -0.365 3.291 -0.096 6.244  
27.716 3  AA_DA5DG6:DC13DT14_DD A 5  ? D 14 ? A 6  ? D 13 ? 
1 A DG 6  1_555 D DC 4 1_555 A DA 7  1_555 D DT 3 1_555 -0.172 -1.029 3.271 -4.732 2.513  38.278 -1.862 -0.319 3.197 3.809  7.173  
38.638 4  AA_DG6DA7:DT12DC13_DD A 6  ? D 13 ? A 7  ? D 12 ? 
1 A DA 7  1_555 D DT 3 1_555 A DC 8  1_555 D DG 2 1_555 0.278  -0.884 3.370 -5.292 1.154  33.409 -1.709 -1.348 3.257 1.991  9.130  
33.833 5  AA_DA7DC8:DG11DT12_DD A 7  ? D 12 ? A 8  ? D 11 ? 
1 A DC 8  1_555 D DG 2 1_555 A DA 9  1_555 D DT 1 1_555 -0.500 -1.409 3.245 -6.048 0.640  33.061 -2.543 -0.126 3.256 1.113  10.518 
33.601 6  AA_DC8DA9:DT10DG11_DD A 8  ? D 11 ? A 9  ? D 10 ? 
1 A DA 9  1_555 D DT 1 1_555 A DT 10 1_555 B DA 5 1_555 -0.935 -1.091 3.510 -0.710 -0.660 26.905 -2.160 1.813  3.559 -1.419 1.526  
26.923 7  AA_DA9DT10:DA5DT10_BD A 9  ? D 10 ? A 10 ? B 5  ? 
1 A DT 10 1_555 B DA 5 1_555 A DG 11 1_555 B DC 4 1_555 -0.482 0.677  2.883 -2.501 3.340  33.498 0.681  0.466  2.962 5.766  4.318  
33.750 8  AA_DT10DG11:DC4DA5_BB A 10 ? B 5  ? A 11 ? B 4  ? 
1 A DG 11 1_555 B DC 4 1_555 A DA 12 1_555 B DT 3 1_555 0.038  -0.741 3.281 1.041  4.704  35.558 -1.870 0.086  3.160 7.660  -1.695 
35.873 9  AA_DG11DA12:DT3DC4_BB A 11 ? B 4  ? A 12 ? B 3  ? 
1 A DA 12 1_555 B DT 3 1_555 A DC 13 1_555 B DG 2 1_555 0.673  -1.012 3.260 -4.196 -3.331 32.973 -1.210 -1.867 3.236 -5.820 7.332  
33.393 10 AA_DA12DC13:DG2DT3_BB A 12 ? B 3  ? A 13 ? B 2  ? 
1 A DC 13 1_555 B DG 2 1_555 A DT 14 1_555 B DA 1 1_555 -0.348 -1.241 3.326 -1.345 -2.746 34.761 -1.640 0.370  3.422 -4.585 2.246  
34.891 11 AA_DC13DT14:DA1DG2_BB A 13 ? B 2  ? A 14 ? B 1  ? 
1 A DT 14 1_555 B DA 1 1_555 A DC 15 1_555 C DG 9 1_555 -0.583 -0.999 3.282 1.292  0.951  35.345 -1.784 1.149  3.232 1.565  -2.126 
35.381 12 AA_DT14DC15:DG9DA1_CB A 14 ? B 1  ? A 15 ? C 9  ? 
1 A DC 15 1_555 C DG 9 1_555 A DC 16 1_555 C DG 8 1_555 -0.507 0.397  3.367 1.149  6.357  22.415 -1.288 1.664  3.321 15.933 -2.879 
23.316 13 AA_DC15DC16:DG8DG9_CC A 15 ? C 9  ? A 16 ? C 8  ? 
1 A DC 16 1_555 C DG 8 1_555 A DA 17 1_555 C DT 7 1_555 0.054  1.673  3.544 1.013  -2.162 45.651 2.356  0.025  3.466 -2.784 -1.304 
45.710 14 AA_DC16DA17:DT7DG8_CC A 16 ? C 8  ? A 17 ? C 7  ? 
1 A DA 17 1_555 C DT 7 1_555 A DC 18 1_555 C DG 6 1_555 0.205  -0.616 3.296 -1.885 0.143  30.585 -1.193 -0.761 3.275 0.272  3.569  
30.642 15 AA_DA17DC18:DG6DT7_CC A 17 ? C 7  ? A 18 ? C 6  ? 
1 A DC 18 1_555 C DG 6 1_555 A DT 19 1_555 C DA 5 1_555 -0.012 -0.251 3.337 4.074  3.338  34.168 -0.947 0.660  3.276 5.639  -6.884 
34.559 16 AA_DC18DT19:DA5DG6_CC A 18 ? C 6  ? A 19 ? C 5  ? 
1 A DT 19 1_555 C DA 5 1_555 A DC 20 1_555 C DG 4 1_555 0.838  1.171  3.411 4.041  4.238  35.649 1.243  -0.737 3.592 6.866  -6.546 
36.112 17 AA_DT19DC20:DG4DA5_CC A 19 ? C 5  ? A 20 ? C 4  ? 
1 A DC 20 1_555 C DG 4 1_555 A DA 21 1_555 C DT 3 1_555 -0.398 2.103  3.644 -3.943 -1.515 45.086 2.881  0.129  3.596 -1.970 5.129  
45.274 18 AA_DC20DA21:DT3DG4_CC A 20 ? C 4  ? A 21 ? C 3  ? 
# 
loop_
_pdbx_audit_support.funding_organization 
_pdbx_audit_support.country 
_pdbx_audit_support.grant_number 
_pdbx_audit_support.ordinal 
'National Science Foundation (NSF, United States)'                                         'United States' 1360635     1 
'National Institutes of Health/National Institute of General Medical Sciences (NIH/NIGMS)' 'United States' R01GM104960 2 
'National Science Foundation (NSF, United States)'                                         'United States' NSF2004250  3 
# 
_pdbx_entity_nonpoly.entity_id   5 
_pdbx_entity_nonpoly.name        'CACODYLATE ION' 
_pdbx_entity_nonpoly.comp_id     CAC 
# 
_pdbx_initial_refinement_model.id               1 
_pdbx_initial_refinement_model.entity_id_list   ? 
_pdbx_initial_refinement_model.type             'experimental model' 
_pdbx_initial_refinement_model.source_name      PDB 
_pdbx_initial_refinement_model.accession_code   5KEK 
_pdbx_initial_refinement_model.details          ? 
# 
_pdbx_struct_assembly_auth_evidence.id                     1 
_pdbx_struct_assembly_auth_evidence.assembly_id            1 
_pdbx_struct_assembly_auth_evidence.experimental_support   none 
_pdbx_struct_assembly_auth_evidence.details                ? 
# 
